data_5ENO
#
_entry.id   5ENO
#
_cell.length_a   108.758
_cell.length_b   145.147
_cell.length_c   174.243
_cell.angle_alpha   90.00
_cell.angle_beta   90.00
_cell.angle_gamma   90.00
#
_symmetry.space_group_name_H-M   'P 21 21 21'
#
loop_
_entity.id
_entity.type
_entity.pdbx_description
1 polymer 'Multidrug efflux pump subunit AcrB,Multidrug efflux pump subunit AcrB'
2 polymer DARPin
3 non-polymer 3,3-dimethyl-8-morpholin-4-yl-6-(2-phenylethylsulfanyl)-1,4-dihydropyrano[3,4-c]pyridine-5-carbonitrile
4 water water
#
loop_
_entity_poly.entity_id
_entity_poly.type
_entity_poly.pdbx_seq_one_letter_code
_entity_poly.pdbx_strand_id
1 'polypeptide(L)'
;APPAVTISASYPGADAKTVQDTVTQVIEQNMNGIDNLMYMSSNSDSTGTVQITLTFESGTDADIAQVQVQNKLQLAMPLL
PQEVQQQGVSVEKSSSSFLMVVGVINTDGTMTQEDISDYVAANMKDAISRTSGVGDVQLFGSQYAMRIWMNPNELNKFQL
TPVDVITAIKAQNAQVAAGQLGGTPPVKGQQLNASIIAQTRLTSTEEFGKILLKVNQDGSRVLLRDVAKIELGGENYDII
AEFNGQPASGLGIKLATGANALDTAAAIRAELAKMEPFFPSGLKIVYPYDTGGSGGSGGSSSFLPDEDQGVFMTMVQLPA
GATQERTQKVLNEVTHYYLTKEKNNVESVFAVNGFGFAGRGQNTGIAFVSLKDWADRPGEENKVEAITMRATRAFSQIKD
AMVFAFNLPAIVELGTATGFDFELIDQAGLGHEKLTQARNQLLAEAAKHPDMLTSVRPNGLEDTPQFKIDIDQEKAQALG
VSINDINTTLGAAWGGSYVNDFIDRGRVKKVYVMSEAKYRMLPDDIGDWYVRAADGQMVPFSAFSSSRWEYGSPRLERYN
GLPSMEILGQAAPGKSTGEAMELMEQLASKLPTGVGYDWTGMSYQERLS
;
A,B,C
2 'polypeptide(L)'
;MRGSHHHHHHGSDLGKKLLEAARAGRDDEVRILMANGADVNAADVVGWTPLHLAAYWGHLEIVEVLLKNGADVNAYDTLG
STPLHLAAHFGHLEIVEVLLKNGADVNAKDDNGITPLHLAANRGHLEIVEVLLKYGADVNAQDKFGKTAFDISINNGNED
LAEILQKLN
;
D,E,F
#
loop_
_chem_comp.id
_chem_comp.type
_chem_comp.name
_chem_comp.formula
5QG non-polymer 3,3-dimethyl-8-morpholin-4-yl-6-(2-phenylethylsulfanyl)-1,4-dihydropyrano[3,4-c]pyridine-5-carbonitrile 'C23 H27 N3 O2 S'
#
# COMPACT_ATOMS: atom_id res chain seq x y z
N ALA A 1 -9.92 -29.57 19.16
CA ALA A 1 -8.53 -29.17 18.74
C ALA A 1 -8.32 -27.62 18.84
N PRO A 2 -7.07 -27.20 19.16
CA PRO A 2 -6.86 -25.76 19.37
C PRO A 2 -7.04 -24.94 18.06
N PRO A 3 -7.61 -23.74 18.18
CA PRO A 3 -7.85 -22.95 17.02
C PRO A 3 -6.55 -22.39 16.42
N ALA A 4 -6.58 -22.23 15.10
CA ALA A 4 -5.45 -21.84 14.29
C ALA A 4 -5.89 -20.79 13.29
N VAL A 5 -5.13 -19.71 13.23
CA VAL A 5 -5.22 -18.69 12.21
C VAL A 5 -4.08 -18.91 11.28
N THR A 6 -4.37 -18.84 9.98
CA THR A 6 -3.42 -19.12 8.93
C THR A 6 -3.19 -17.88 8.02
N ILE A 7 -1.93 -17.49 7.83
CA ILE A 7 -1.58 -16.46 6.86
C ILE A 7 -1.01 -17.11 5.67
N SER A 8 -1.46 -16.72 4.49
CA SER A 8 -1.00 -17.33 3.24
C SER A 8 -0.65 -16.25 2.23
N ALA A 9 0.48 -16.41 1.58
CA ALA A 9 0.85 -15.52 0.52
C ALA A 9 1.50 -16.26 -0.59
N SER A 10 1.69 -15.57 -1.69
CA SER A 10 2.19 -16.20 -2.92
C SER A 10 3.12 -15.23 -3.62
N TYR A 11 4.18 -15.76 -4.20
CA TYR A 11 5.22 -14.97 -4.90
C TYR A 11 5.55 -15.82 -6.10
N PRO A 12 4.90 -15.56 -7.24
CA PRO A 12 5.07 -16.42 -8.44
C PRO A 12 6.49 -16.52 -8.90
N GLY A 13 6.98 -17.75 -9.12
CA GLY A 13 8.33 -17.93 -9.61
C GLY A 13 9.42 -17.82 -8.55
N ALA A 14 9.01 -17.63 -7.30
CA ALA A 14 9.96 -17.52 -6.21
C ALA A 14 10.36 -18.92 -5.69
N ASP A 15 11.65 -19.03 -5.41
CA ASP A 15 12.20 -20.20 -4.68
C ASP A 15 11.97 -20.09 -3.17
N ALA A 16 12.13 -21.22 -2.45
CA ALA A 16 11.82 -21.25 -0.97
C ALA A 16 12.56 -20.24 -0.13
N LYS A 17 13.83 -20.02 -0.45
CA LYS A 17 14.64 -19.10 0.34
C LYS A 17 14.24 -17.64 0.12
N THR A 18 14.01 -17.29 -1.14
CA THR A 18 13.48 -16.02 -1.52
C THR A 18 12.17 -15.74 -0.81
N VAL A 19 11.27 -16.72 -0.75
CA VAL A 19 9.98 -16.53 -0.04
C VAL A 19 10.22 -16.30 1.46
N GLN A 20 11.13 -17.10 2.01
CA GLN A 20 11.43 -17.06 3.41
C GLN A 20 12.01 -15.68 3.77
N ASP A 21 12.99 -15.25 2.99
CA ASP A 21 13.74 -14.05 3.32
C ASP A 21 13.12 -12.73 2.90
N THR A 22 12.18 -12.74 1.96
CA THR A 22 11.50 -11.48 1.59
C THR A 22 10.07 -11.37 2.15
N VAL A 23 9.51 -12.47 2.68
CA VAL A 23 8.09 -12.51 3.03
C VAL A 23 7.94 -13.09 4.41
N THR A 24 8.21 -14.39 4.59
CA THR A 24 7.96 -15.08 5.82
C THR A 24 8.64 -14.44 7.04
N GLN A 25 9.93 -14.17 6.95
CA GLN A 25 10.61 -13.54 8.06
C GLN A 25 10.05 -12.19 8.42
N VAL A 26 9.67 -11.39 7.43
CA VAL A 26 9.22 -10.00 7.68
C VAL A 26 7.88 -10.02 8.45
N ILE A 27 7.01 -10.95 8.06
CA ILE A 27 5.75 -11.15 8.78
C ILE A 27 5.99 -11.69 10.17
N GLU A 28 6.73 -12.78 10.24
CA GLU A 28 7.01 -13.43 11.50
C GLU A 28 7.55 -12.46 12.53
N GLN A 29 8.47 -11.58 12.16
CA GLN A 29 9.02 -10.65 13.13
C GLN A 29 7.99 -9.75 13.80
N ASN A 30 6.81 -9.59 13.23
CA ASN A 30 5.74 -8.83 13.83
C ASN A 30 4.78 -9.68 14.64
N MET A 31 4.92 -11.00 14.64
CA MET A 31 3.92 -11.84 15.31
C MET A 31 4.24 -12.06 16.81
N ASN A 32 4.07 -11.00 17.59
CA ASN A 32 4.28 -11.06 19.00
C ASN A 32 3.29 -10.00 19.55
N GLY A 33 2.98 -10.08 20.84
CA GLY A 33 1.93 -9.21 21.43
C GLY A 33 0.53 -9.59 20.95
N ILE A 34 0.33 -10.89 20.75
CA ILE A 34 -0.90 -11.48 20.32
C ILE A 34 -1.36 -12.36 21.50
N ASP A 35 -2.59 -12.16 21.96
CA ASP A 35 -3.10 -12.82 23.13
C ASP A 35 -3.35 -14.30 22.87
N ASN A 36 -2.96 -15.12 23.86
CA ASN A 36 -3.29 -16.58 23.93
C ASN A 36 -2.62 -17.38 22.86
N LEU A 37 -1.53 -16.87 22.31
CA LEU A 37 -0.79 -17.59 21.28
C LEU A 37 0.08 -18.67 21.91
N MET A 38 -0.04 -19.92 21.46
CA MET A 38 0.77 -21.01 22.00
C MET A 38 2.04 -21.13 21.23
N TYR A 39 1.92 -21.16 19.91
CA TYR A 39 3.08 -21.28 19.03
C TYR A 39 2.71 -20.87 17.62
N MET A 40 3.74 -20.76 16.81
CA MET A 40 3.67 -20.34 15.44
C MET A 40 4.59 -21.24 14.62
N SER A 41 4.15 -21.68 13.46
CA SER A 41 5.02 -22.44 12.56
C SER A 41 4.88 -21.90 11.14
N SER A 42 5.80 -22.27 10.24
CA SER A 42 5.64 -21.86 8.87
C SER A 42 6.41 -22.71 7.90
N ASN A 43 5.95 -22.72 6.65
CA ASN A 43 6.65 -23.29 5.54
C ASN A 43 6.81 -22.27 4.45
N SER A 44 7.99 -22.24 3.84
CA SER A 44 8.25 -21.40 2.72
C SER A 44 8.69 -22.34 1.63
N ASP A 45 7.94 -22.40 0.53
CA ASP A 45 8.14 -23.39 -0.56
C ASP A 45 8.66 -22.83 -1.85
N SER A 46 9.24 -23.70 -2.65
CA SER A 46 9.74 -23.37 -4.01
C SER A 46 8.60 -23.39 -5.07
N THR A 47 7.39 -23.65 -4.63
CA THR A 47 6.20 -23.26 -5.40
C THR A 47 5.87 -21.76 -5.32
N GLY A 48 6.63 -21.04 -4.50
CA GLY A 48 6.48 -19.61 -4.30
C GLY A 48 5.42 -19.30 -3.26
N THR A 49 5.19 -20.21 -2.34
CA THR A 49 4.08 -20.13 -1.37
C THR A 49 4.62 -20.08 0.03
N VAL A 50 3.95 -19.32 0.89
CA VAL A 50 4.23 -19.32 2.31
C VAL A 50 2.90 -19.47 3.01
N GLN A 51 2.97 -20.20 4.10
CA GLN A 51 1.87 -20.43 4.95
C GLN A 51 2.39 -20.39 6.38
N ILE A 52 1.85 -19.49 7.18
CA ILE A 52 2.19 -19.36 8.56
C ILE A 52 0.96 -19.74 9.35
N THR A 53 1.13 -20.63 10.33
CA THR A 53 0.09 -21.12 11.22
C THR A 53 0.37 -20.64 12.63
N LEU A 54 -0.58 -19.87 13.14
CA LEU A 54 -0.61 -19.39 14.51
C LEU A 54 -1.69 -20.13 15.28
N THR A 55 -1.28 -20.88 16.29
CA THR A 55 -2.15 -21.78 17.01
C THR A 55 -2.42 -21.23 18.38
N PHE A 56 -3.70 -21.07 18.72
CA PHE A 56 -4.14 -20.42 19.95
C PHE A 56 -4.64 -21.41 21.05
N GLU A 57 -4.62 -20.95 22.29
CA GLU A 57 -5.11 -21.70 23.46
C GLU A 57 -6.54 -22.11 23.20
N SER A 58 -6.95 -23.32 23.60
CA SER A 58 -8.35 -23.72 23.54
C SER A 58 -9.28 -22.74 24.22
N GLY A 59 -10.41 -22.43 23.57
CA GLY A 59 -11.37 -21.44 24.08
C GLY A 59 -11.11 -19.98 23.73
N THR A 60 -10.05 -19.71 22.94
CA THR A 60 -9.79 -18.39 22.40
C THR A 60 -10.88 -18.02 21.37
N ASP A 61 -11.34 -16.78 21.44
CA ASP A 61 -12.30 -16.29 20.46
C ASP A 61 -11.58 -16.11 19.05
N ALA A 62 -11.93 -16.96 18.10
CA ALA A 62 -11.31 -16.95 16.80
C ALA A 62 -11.42 -15.61 16.06
N ASP A 63 -12.56 -14.93 16.17
CA ASP A 63 -12.72 -13.60 15.60
C ASP A 63 -11.61 -12.67 16.09
N ILE A 64 -11.36 -12.68 17.40
CA ILE A 64 -10.31 -11.84 18.02
C ILE A 64 -8.89 -12.31 17.65
N ALA A 65 -8.66 -13.61 17.60
CA ALA A 65 -7.38 -14.10 17.22
C ALA A 65 -7.03 -13.67 15.79
N GLN A 66 -7.97 -13.79 14.86
CA GLN A 66 -7.81 -13.37 13.50
C GLN A 66 -7.55 -11.88 13.41
N VAL A 67 -8.40 -11.10 14.03
CA VAL A 67 -8.16 -9.67 14.10
C VAL A 67 -6.73 -9.35 14.59
N GLN A 68 -6.31 -9.95 15.68
CA GLN A 68 -5.01 -9.56 16.26
C GLN A 68 -3.85 -10.00 15.34
N VAL A 69 -3.99 -11.16 14.68
CA VAL A 69 -2.99 -11.62 13.71
C VAL A 69 -2.92 -10.67 12.56
N GLN A 70 -4.06 -10.33 12.02
CA GLN A 70 -4.03 -9.46 10.87
C GLN A 70 -3.46 -8.05 11.19
N ASN A 71 -3.71 -7.52 12.38
CA ASN A 71 -3.20 -6.22 12.73
C ASN A 71 -1.68 -6.28 12.86
N LYS A 72 -1.09 -7.40 13.30
CA LYS A 72 0.36 -7.52 13.25
C LYS A 72 0.87 -7.68 11.82
N LEU A 73 0.12 -8.39 11.00
CA LEU A 73 0.47 -8.54 9.60
C LEU A 73 0.54 -7.21 8.79
N GLN A 74 -0.41 -6.34 9.04
CA GLN A 74 -0.41 -5.01 8.47
C GLN A 74 0.93 -4.26 8.65
N LEU A 75 1.63 -4.50 9.75
CA LEU A 75 2.96 -3.87 9.92
C LEU A 75 3.96 -4.38 8.85
N ALA A 76 3.86 -5.65 8.43
CA ALA A 76 4.75 -6.16 7.41
C ALA A 76 4.29 -5.82 5.95
N MET A 77 3.03 -5.47 5.75
CA MET A 77 2.46 -5.42 4.39
C MET A 77 3.19 -4.50 3.43
N PRO A 78 3.53 -3.27 3.85
CA PRO A 78 4.28 -2.39 2.92
C PRO A 78 5.74 -2.77 2.75
N LEU A 79 6.28 -3.65 3.58
CA LEU A 79 7.65 -4.18 3.39
C LEU A 79 7.66 -5.39 2.47
N LEU A 80 6.50 -5.95 2.16
CA LEU A 80 6.47 -7.11 1.27
C LEU A 80 6.68 -6.73 -0.18
N PRO A 81 7.28 -7.62 -0.98
CA PRO A 81 7.36 -7.36 -2.43
C PRO A 81 5.99 -7.09 -3.06
N GLN A 82 6.00 -6.20 -4.02
CA GLN A 82 4.76 -5.76 -4.66
C GLN A 82 4.13 -6.96 -5.35
N GLU A 83 4.92 -7.93 -5.82
CA GLU A 83 4.37 -9.12 -6.49
C GLU A 83 3.58 -10.03 -5.53
N VAL A 84 3.88 -9.92 -4.25
CA VAL A 84 3.21 -10.68 -3.20
C VAL A 84 1.94 -9.99 -2.81
N GLN A 85 2.05 -8.68 -2.53
CA GLN A 85 0.88 -7.89 -2.18
C GLN A 85 -0.25 -7.99 -3.23
N GLN A 86 0.13 -7.88 -4.50
CA GLN A 86 -0.78 -7.97 -5.65
C GLN A 86 -1.47 -9.30 -5.76
N GLN A 87 -0.88 -10.40 -5.32
CA GLN A 87 -1.60 -11.70 -5.36
C GLN A 87 -2.72 -11.81 -4.33
N GLY A 88 -2.76 -10.93 -3.34
CA GLY A 88 -3.78 -10.94 -2.29
C GLY A 88 -3.43 -11.83 -1.15
N VAL A 89 -2.84 -11.27 -0.11
CA VAL A 89 -2.42 -12.05 1.05
C VAL A 89 -3.71 -12.38 1.77
N SER A 90 -3.80 -13.61 2.27
CA SER A 90 -4.99 -13.98 3.04
C SER A 90 -4.71 -14.41 4.50
N VAL A 91 -5.70 -14.14 5.34
CA VAL A 91 -5.70 -14.50 6.72
C VAL A 91 -7.01 -15.20 7.00
N GLU A 92 -6.92 -16.45 7.45
CA GLU A 92 -8.07 -17.32 7.61
C GLU A 92 -8.10 -17.96 8.97
N LYS A 93 -9.32 -18.26 9.42
CA LYS A 93 -9.56 -18.88 10.72
C LYS A 93 -10.37 -20.15 10.43
N SER A 94 -9.71 -21.16 9.90
CA SER A 94 -10.40 -22.44 9.61
C SER A 94 -9.80 -23.63 10.33
N SER A 95 -10.61 -24.68 10.37
CA SER A 95 -10.11 -26.04 10.65
C SER A 95 -9.13 -26.39 9.54
N SER A 96 -8.17 -27.27 9.85
CA SER A 96 -7.13 -27.67 8.88
C SER A 96 -7.62 -28.70 7.84
N SER A 97 -8.71 -29.37 8.09
CA SER A 97 -9.21 -30.48 7.26
C SER A 97 -10.51 -30.13 6.55
N PHE A 98 -10.83 -30.93 5.54
CA PHE A 98 -11.99 -30.60 4.71
C PHE A 98 -13.31 -31.05 5.34
N LEU A 99 -14.34 -30.22 5.25
CA LEU A 99 -15.70 -30.58 5.62
C LEU A 99 -16.37 -31.31 4.46
N MET A 100 -16.11 -30.83 3.24
CA MET A 100 -16.67 -31.43 2.05
C MET A 100 -15.90 -31.02 0.86
N VAL A 101 -16.05 -31.79 -0.21
CA VAL A 101 -15.51 -31.46 -1.51
C VAL A 101 -16.68 -31.35 -2.43
N VAL A 102 -16.73 -30.27 -3.19
CA VAL A 102 -17.73 -30.12 -4.24
C VAL A 102 -17.01 -30.42 -5.54
N GLY A 103 -17.37 -31.52 -6.20
CA GLY A 103 -16.80 -31.89 -7.49
C GLY A 103 -17.58 -31.38 -8.68
N VAL A 104 -16.91 -31.11 -9.79
CA VAL A 104 -17.60 -30.68 -10.97
C VAL A 104 -17.02 -31.40 -12.19
N ILE A 105 -17.91 -31.90 -13.01
CA ILE A 105 -17.53 -32.67 -14.18
C ILE A 105 -18.39 -32.25 -15.36
N ASN A 106 -18.05 -32.76 -16.54
CA ASN A 106 -18.92 -32.52 -17.67
C ASN A 106 -19.26 -33.85 -18.32
N THR A 107 -20.51 -34.32 -18.03
CA THR A 107 -21.08 -35.57 -18.58
C THR A 107 -21.03 -35.67 -20.10
N ASP A 108 -21.08 -34.57 -20.83
CA ASP A 108 -20.88 -34.62 -22.29
C ASP A 108 -19.43 -34.56 -22.77
N GLY A 109 -18.42 -34.57 -21.88
CA GLY A 109 -17.02 -34.38 -22.27
C GLY A 109 -16.72 -33.20 -23.24
N THR A 110 -17.55 -32.14 -23.29
CA THR A 110 -17.34 -30.95 -24.16
C THR A 110 -16.46 -29.82 -23.52
N MET A 111 -15.89 -30.09 -22.34
CA MET A 111 -15.10 -29.12 -21.55
C MET A 111 -13.97 -29.89 -20.96
N THR A 112 -12.75 -29.43 -21.16
CA THR A 112 -11.58 -29.93 -20.45
C THR A 112 -11.54 -29.63 -18.93
N GLN A 113 -10.63 -30.32 -18.24
CA GLN A 113 -10.23 -30.04 -16.86
C GLN A 113 -9.99 -28.49 -16.61
N GLU A 114 -9.29 -27.88 -17.55
CA GLU A 114 -8.94 -26.46 -17.56
C GLU A 114 -10.20 -25.59 -17.65
N ASP A 115 -11.04 -25.87 -18.67
CA ASP A 115 -12.37 -25.25 -18.84
C ASP A 115 -13.20 -25.40 -17.60
N ILE A 116 -13.27 -26.61 -17.04
CA ILE A 116 -14.08 -26.82 -15.87
C ILE A 116 -13.54 -26.01 -14.66
N SER A 117 -12.23 -26.03 -14.43
CA SER A 117 -11.64 -25.30 -13.32
C SER A 117 -11.91 -23.80 -13.46
N ASP A 118 -11.78 -23.26 -14.69
CA ASP A 118 -12.14 -21.86 -14.94
C ASP A 118 -13.59 -21.61 -14.64
N TYR A 119 -14.51 -22.48 -15.12
CA TYR A 119 -15.93 -22.26 -14.86
C TYR A 119 -16.20 -22.22 -13.37
N VAL A 120 -15.53 -23.10 -12.61
CA VAL A 120 -15.77 -23.16 -11.16
C VAL A 120 -15.18 -21.87 -10.46
N ALA A 121 -13.95 -21.50 -10.80
CA ALA A 121 -13.35 -20.32 -10.26
C ALA A 121 -14.14 -19.07 -10.57
N ALA A 122 -14.70 -18.99 -11.77
CA ALA A 122 -15.32 -17.74 -12.24
C ALA A 122 -16.77 -17.55 -11.87
N ASN A 123 -17.51 -18.65 -11.70
CA ASN A 123 -18.95 -18.62 -11.49
C ASN A 123 -19.43 -19.21 -10.21
N MET A 124 -18.56 -19.87 -9.46
CA MET A 124 -18.99 -20.66 -8.31
C MET A 124 -18.19 -20.39 -7.05
N LYS A 125 -16.86 -20.26 -7.13
CA LYS A 125 -16.02 -20.15 -5.93
C LYS A 125 -16.34 -19.00 -4.94
N ASP A 126 -16.52 -17.80 -5.45
CA ASP A 126 -16.64 -16.62 -4.62
C ASP A 126 -17.87 -16.71 -3.75
N ALA A 127 -18.98 -17.08 -4.38
CA ALA A 127 -20.22 -17.17 -3.63
C ALA A 127 -20.12 -18.23 -2.51
N ILE A 128 -19.43 -19.34 -2.76
CA ILE A 128 -19.17 -20.32 -1.71
C ILE A 128 -18.26 -19.72 -0.62
N SER A 129 -17.21 -19.06 -1.06
CA SER A 129 -16.25 -18.44 -0.19
C SER A 129 -16.87 -17.40 0.71
N ARG A 130 -17.97 -16.78 0.27
CA ARG A 130 -18.65 -15.75 1.08
C ARG A 130 -19.65 -16.31 2.07
N THR A 131 -19.97 -17.59 1.90
CA THR A 131 -21.00 -18.25 2.71
C THR A 131 -20.52 -18.34 4.15
N SER A 132 -21.42 -18.03 5.09
CA SER A 132 -21.04 -18.03 6.49
C SER A 132 -20.70 -19.44 6.94
N GLY A 133 -19.63 -19.54 7.70
CA GLY A 133 -19.10 -20.82 8.15
C GLY A 133 -18.03 -21.44 7.26
N VAL A 134 -17.81 -20.86 6.07
CA VAL A 134 -16.80 -21.35 5.19
C VAL A 134 -15.49 -20.66 5.56
N GLY A 135 -14.55 -21.42 6.07
CA GLY A 135 -13.29 -20.88 6.60
C GLY A 135 -12.23 -20.70 5.53
N ASP A 136 -12.21 -21.64 4.58
CA ASP A 136 -11.20 -21.75 3.51
C ASP A 136 -11.80 -22.56 2.38
N VAL A 137 -11.56 -22.15 1.16
CA VAL A 137 -12.03 -22.82 0.01
C VAL A 137 -10.81 -23.02 -0.90
N GLN A 138 -10.54 -24.26 -1.28
CA GLN A 138 -9.43 -24.58 -2.12
C GLN A 138 -9.92 -24.99 -3.51
N LEU A 139 -9.45 -24.33 -4.56
CA LEU A 139 -9.80 -24.68 -5.92
C LEU A 139 -8.88 -25.83 -6.36
N PHE A 140 -9.46 -26.91 -6.82
CA PHE A 140 -8.65 -27.96 -7.42
C PHE A 140 -8.50 -27.69 -8.91
N GLY A 141 -7.58 -26.77 -9.20
CA GLY A 141 -7.39 -26.25 -10.52
C GLY A 141 -7.07 -24.77 -10.44
N SER A 142 -7.22 -24.07 -11.56
CA SER A 142 -6.86 -22.65 -11.62
C SER A 142 -7.78 -21.87 -12.52
N GLN A 143 -8.15 -20.67 -12.10
CA GLN A 143 -8.85 -19.74 -12.94
C GLN A 143 -8.06 -19.42 -14.18
N TYR A 144 -8.76 -19.22 -15.28
CA TYR A 144 -8.05 -18.76 -16.48
C TYR A 144 -7.43 -17.37 -16.25
N ALA A 145 -6.27 -17.17 -16.88
CA ALA A 145 -5.65 -15.93 -17.03
C ALA A 145 -5.51 -15.75 -18.53
N MET A 146 -5.28 -14.51 -18.98
CA MET A 146 -4.77 -14.31 -20.33
C MET A 146 -3.29 -14.68 -20.28
N ARG A 147 -2.89 -15.68 -21.09
CA ARG A 147 -1.46 -16.12 -21.15
C ARG A 147 -0.81 -15.67 -22.40
N ILE A 148 0.28 -14.98 -22.25
CA ILE A 148 1.10 -14.56 -23.35
C ILE A 148 2.33 -15.48 -23.24
N TRP A 149 2.51 -16.40 -24.19
CA TRP A 149 3.65 -17.34 -24.14
C TRP A 149 4.65 -16.85 -25.10
N MET A 150 5.67 -16.19 -24.56
CA MET A 150 6.72 -15.56 -25.37
C MET A 150 7.70 -16.52 -26.03
N ASN A 151 8.19 -16.11 -27.18
CA ASN A 151 9.16 -16.87 -28.02
C ASN A 151 10.39 -15.98 -28.11
N PRO A 152 11.54 -16.43 -27.61
CA PRO A 152 12.73 -15.63 -27.56
C PRO A 152 13.42 -15.40 -28.88
N ASN A 153 13.24 -16.33 -29.83
CA ASN A 153 13.77 -16.14 -31.18
C ASN A 153 13.07 -14.95 -31.84
N GLU A 154 11.74 -14.92 -31.75
CA GLU A 154 10.95 -13.86 -32.36
C GLU A 154 11.21 -12.54 -31.62
N LEU A 155 11.33 -12.55 -30.30
CA LEU A 155 11.65 -11.32 -29.58
C LEU A 155 13.02 -10.72 -29.99
N ASN A 156 14.01 -11.59 -30.12
CA ASN A 156 15.34 -11.13 -30.50
C ASN A 156 15.34 -10.69 -31.96
N LYS A 157 14.57 -11.37 -32.81
CA LYS A 157 14.47 -10.95 -34.20
C LYS A 157 14.01 -9.48 -34.35
N PHE A 158 13.17 -8.96 -33.45
CA PHE A 158 12.73 -7.57 -33.55
C PHE A 158 13.37 -6.68 -32.48
N GLN A 159 14.49 -7.08 -31.92
CA GLN A 159 15.14 -6.26 -30.85
C GLN A 159 14.20 -5.86 -29.67
N LEU A 160 13.36 -6.83 -29.26
CA LEU A 160 12.43 -6.70 -28.16
C LEU A 160 12.73 -7.67 -27.03
N THR A 161 12.24 -7.35 -25.84
CA THR A 161 12.38 -8.22 -24.69
C THR A 161 11.07 -8.37 -23.94
N PRO A 162 11.03 -9.24 -22.93
CA PRO A 162 9.88 -9.25 -22.09
C PRO A 162 9.54 -7.93 -21.42
N VAL A 163 10.55 -7.11 -21.12
CA VAL A 163 10.29 -5.80 -20.55
C VAL A 163 9.43 -5.03 -21.53
N ASP A 164 9.77 -5.06 -22.81
CA ASP A 164 8.95 -4.37 -23.82
C ASP A 164 7.53 -4.97 -23.90
N VAL A 165 7.42 -6.31 -23.84
CA VAL A 165 6.09 -6.93 -23.86
C VAL A 165 5.27 -6.41 -22.67
N ILE A 166 5.87 -6.43 -21.48
CA ILE A 166 5.16 -6.07 -20.27
C ILE A 166 4.74 -4.58 -20.32
N THR A 167 5.64 -3.74 -20.82
CA THR A 167 5.39 -2.33 -20.97
C THR A 167 4.21 -2.15 -21.94
N ALA A 168 4.24 -2.82 -23.09
CA ALA A 168 3.14 -2.67 -24.06
C ALA A 168 1.78 -3.15 -23.50
N ILE A 169 1.77 -4.21 -22.70
CA ILE A 169 0.54 -4.73 -22.14
C ILE A 169 -0.05 -3.74 -21.12
N LYS A 170 0.82 -3.13 -20.35
CA LYS A 170 0.36 -2.14 -19.35
C LYS A 170 -0.22 -0.90 -20.07
N ALA A 171 0.34 -0.54 -21.22
CA ALA A 171 -0.09 0.63 -21.97
C ALA A 171 -1.34 0.43 -22.80
N GLN A 172 -1.55 -0.77 -23.33
CA GLN A 172 -2.59 -1.06 -24.28
C GLN A 172 -3.66 -2.00 -23.79
N ASN A 173 -3.46 -2.63 -22.63
CA ASN A 173 -4.54 -3.20 -21.82
C ASN A 173 -4.78 -2.38 -20.54
N ALA A 174 -5.49 -1.28 -20.71
CA ALA A 174 -5.52 -0.23 -19.74
C ALA A 174 -6.94 0.21 -19.59
N GLN A 175 -7.25 0.74 -18.42
CA GLN A 175 -8.60 1.21 -18.11
C GLN A 175 -8.49 2.69 -17.66
N VAL A 176 -8.74 3.62 -18.59
CA VAL A 176 -8.43 5.02 -18.39
C VAL A 176 -9.62 5.86 -17.89
N ALA A 177 -9.35 6.58 -16.86
CA ALA A 177 -10.26 7.61 -16.32
C ALA A 177 -10.07 8.83 -17.17
N ALA A 178 -11.03 9.22 -17.99
CA ALA A 178 -10.77 10.30 -18.95
C ALA A 178 -11.66 11.52 -18.81
N GLY A 179 -12.49 11.55 -17.77
CA GLY A 179 -13.29 12.71 -17.46
C GLY A 179 -14.58 12.83 -18.28
N GLN A 180 -14.97 14.08 -18.51
CA GLN A 180 -16.30 14.38 -19.07
C GLN A 180 -16.23 15.58 -19.96
N LEU A 181 -17.13 15.63 -20.95
CA LEU A 181 -17.37 16.88 -21.59
C LEU A 181 -18.43 17.52 -20.73
N GLY A 182 -18.24 18.79 -20.46
CA GLY A 182 -19.29 19.60 -19.82
C GLY A 182 -19.46 19.24 -18.39
N GLY A 183 -18.39 18.72 -17.78
CA GLY A 183 -18.41 18.37 -16.36
C GLY A 183 -18.26 19.62 -15.53
N THR A 184 -18.46 19.45 -14.21
CA THR A 184 -18.40 20.53 -13.24
C THR A 184 -16.96 20.89 -12.79
N PRO A 185 -16.67 22.17 -12.51
CA PRO A 185 -17.62 23.29 -12.76
C PRO A 185 -17.73 23.58 -14.26
N PRO A 186 -18.94 23.84 -14.79
CA PRO A 186 -19.05 24.04 -16.25
C PRO A 186 -18.96 25.54 -16.60
N VAL A 187 -18.87 25.87 -17.87
CA VAL A 187 -19.27 27.23 -18.30
C VAL A 187 -20.80 27.26 -18.17
N LYS A 188 -21.31 28.25 -17.45
CA LYS A 188 -22.75 28.36 -17.15
C LYS A 188 -23.54 28.35 -18.46
N GLY A 189 -24.69 27.68 -18.49
CA GLY A 189 -25.41 27.51 -19.72
C GLY A 189 -25.11 26.21 -20.50
N GLN A 190 -24.09 25.47 -20.08
CA GLN A 190 -23.70 24.20 -20.75
C GLN A 190 -24.86 23.22 -20.75
N GLN A 191 -25.18 22.66 -21.91
CA GLN A 191 -26.26 21.65 -22.01
C GLN A 191 -25.72 20.23 -22.14
N LEU A 192 -24.64 20.08 -22.92
CA LEU A 192 -23.99 18.80 -23.16
C LEU A 192 -23.22 18.35 -21.94
N ASN A 193 -23.59 17.18 -21.42
CA ASN A 193 -22.74 16.48 -20.46
C ASN A 193 -22.66 15.00 -20.87
N ALA A 194 -21.42 14.55 -21.07
CA ALA A 194 -21.14 13.19 -21.50
C ALA A 194 -19.80 12.71 -20.93
N SER A 195 -19.82 11.48 -20.41
CA SER A 195 -18.59 10.83 -19.98
C SER A 195 -17.67 10.60 -21.16
N ILE A 196 -16.36 10.81 -20.99
CA ILE A 196 -15.37 10.40 -21.98
C ILE A 196 -14.88 8.97 -21.66
N ILE A 197 -14.98 8.12 -22.67
CA ILE A 197 -14.59 6.74 -22.57
C ILE A 197 -13.42 6.64 -23.47
N ALA A 198 -12.31 6.23 -22.90
CA ALA A 198 -11.07 6.07 -23.69
C ALA A 198 -10.75 4.56 -23.68
N GLN A 199 -9.51 4.20 -23.48
CA GLN A 199 -9.15 2.80 -23.42
C GLN A 199 -9.86 2.07 -22.29
N THR A 200 -10.21 0.84 -22.58
CA THR A 200 -10.88 -0.04 -21.66
C THR A 200 -10.09 -1.41 -21.68
N ARG A 201 -10.20 -2.19 -20.63
CA ARG A 201 -9.56 -3.48 -20.60
C ARG A 201 -9.89 -4.32 -21.83
N LEU A 202 -8.86 -5.02 -22.33
CA LEU A 202 -9.07 -6.03 -23.40
C LEU A 202 -9.86 -7.19 -22.82
N THR A 203 -10.61 -7.90 -23.67
CA THR A 203 -11.48 -8.93 -23.28
C THR A 203 -11.26 -10.26 -23.96
N SER A 204 -10.27 -10.36 -24.83
CA SER A 204 -10.14 -11.51 -25.75
C SER A 204 -8.71 -11.69 -26.24
N THR A 205 -8.38 -12.92 -26.62
CA THR A 205 -7.06 -13.22 -27.22
C THR A 205 -6.79 -12.40 -28.46
N GLU A 206 -7.81 -12.19 -29.26
CA GLU A 206 -7.71 -11.41 -30.49
C GLU A 206 -7.20 -10.02 -30.15
N GLU A 207 -7.77 -9.40 -29.11
CA GLU A 207 -7.35 -8.03 -28.79
C GLU A 207 -5.91 -8.06 -28.23
N PHE A 208 -5.56 -9.05 -27.43
CA PHE A 208 -4.17 -9.13 -26.94
C PHE A 208 -3.17 -9.27 -28.07
N GLY A 209 -3.52 -10.13 -29.02
CA GLY A 209 -2.67 -10.40 -30.17
C GLY A 209 -2.34 -9.21 -31.05
N LYS A 210 -3.27 -8.24 -31.13
CA LYS A 210 -3.02 -7.03 -31.92
C LYS A 210 -2.40 -5.88 -31.18
N ILE A 211 -1.91 -6.13 -29.97
CA ILE A 211 -1.17 -5.12 -29.22
C ILE A 211 0.05 -4.76 -30.08
N LEU A 212 0.36 -3.46 -30.15
CA LEU A 212 1.37 -2.96 -31.05
C LEU A 212 2.66 -2.79 -30.29
N LEU A 213 3.61 -3.66 -30.59
CA LEU A 213 4.86 -3.61 -29.85
C LEU A 213 5.77 -2.58 -30.44
N LYS A 214 5.84 -2.51 -31.78
CA LYS A 214 6.55 -1.42 -32.43
C LYS A 214 6.29 -1.24 -33.92
N VAL A 215 6.69 -0.07 -34.40
CA VAL A 215 6.70 0.24 -35.85
C VAL A 215 8.17 0.17 -36.27
N ASN A 216 8.49 -0.57 -37.33
CA ASN A 216 9.91 -0.57 -37.76
C ASN A 216 10.23 0.74 -38.50
N GLN A 217 11.50 0.92 -38.86
CA GLN A 217 11.87 2.05 -39.71
C GLN A 217 11.17 1.94 -41.06
N ASP A 218 11.08 0.74 -41.66
CA ASP A 218 10.36 0.57 -42.95
C ASP A 218 8.83 0.80 -42.92
N GLY A 219 8.25 1.06 -41.75
CA GLY A 219 6.78 1.16 -41.59
C GLY A 219 5.96 -0.11 -41.27
N SER A 220 6.56 -1.31 -41.40
CA SER A 220 5.90 -2.58 -40.95
C SER A 220 5.70 -2.63 -39.41
N ARG A 221 4.74 -3.46 -39.02
CA ARG A 221 4.30 -3.53 -37.62
C ARG A 221 4.69 -4.85 -36.95
N VAL A 222 5.25 -4.72 -35.76
CA VAL A 222 5.41 -5.87 -34.89
C VAL A 222 4.30 -5.91 -33.88
N LEU A 223 3.45 -6.93 -33.99
CA LEU A 223 2.30 -7.11 -33.09
C LEU A 223 2.59 -8.21 -32.00
N LEU A 224 1.90 -8.19 -30.87
CA LEU A 224 2.25 -9.16 -29.81
C LEU A 224 2.13 -10.62 -30.29
N ARG A 225 1.19 -10.90 -31.19
CA ARG A 225 1.09 -12.22 -31.74
C ARG A 225 2.23 -12.59 -32.67
N ASP A 226 3.06 -11.63 -33.10
CA ASP A 226 4.26 -11.98 -33.84
C ASP A 226 5.44 -12.47 -32.96
N VAL A 227 5.38 -12.28 -31.64
CA VAL A 227 6.38 -12.76 -30.70
C VAL A 227 5.84 -13.69 -29.58
N ALA A 228 4.57 -14.06 -29.62
CA ALA A 228 4.00 -14.89 -28.58
C ALA A 228 2.80 -15.62 -29.06
N LYS A 229 2.51 -16.76 -28.46
CA LYS A 229 1.21 -17.42 -28.58
C LYS A 229 0.31 -16.85 -27.49
N ILE A 230 -0.98 -16.77 -27.77
CA ILE A 230 -1.91 -16.05 -26.96
C ILE A 230 -3.13 -16.90 -26.74
N GLU A 231 -3.39 -17.28 -25.49
CA GLU A 231 -4.56 -18.07 -25.17
C GLU A 231 -4.96 -17.87 -23.73
N LEU A 232 -6.18 -18.28 -23.43
CA LEU A 232 -6.62 -18.39 -22.06
C LEU A 232 -5.91 -19.55 -21.44
N GLY A 233 -5.50 -19.43 -20.18
CA GLY A 233 -4.91 -20.58 -19.51
C GLY A 233 -4.77 -20.31 -18.06
N GLY A 234 -4.44 -21.32 -17.28
CA GLY A 234 -4.45 -21.19 -15.84
C GLY A 234 -3.46 -20.16 -15.33
N GLU A 235 -3.83 -19.47 -14.26
CA GLU A 235 -2.86 -18.66 -13.54
C GLU A 235 -1.69 -19.54 -13.19
N ASN A 236 -1.96 -20.80 -12.86
CA ASN A 236 -0.89 -21.78 -12.69
C ASN A 236 -1.40 -23.18 -13.18
N TYR A 237 -0.48 -24.12 -13.35
CA TYR A 237 -0.83 -25.41 -13.95
C TYR A 237 -0.51 -26.56 -13.01
N ASP A 238 -0.53 -26.28 -11.72
CA ASP A 238 -0.02 -27.19 -10.73
C ASP A 238 -1.06 -28.16 -10.18
N ILE A 239 -2.35 -27.79 -10.22
CA ILE A 239 -3.40 -28.61 -9.63
C ILE A 239 -4.32 -29.21 -10.70
N ILE A 240 -4.39 -30.53 -10.74
CA ILE A 240 -5.14 -31.30 -11.74
C ILE A 240 -6.00 -32.35 -11.01
N ALA A 241 -7.30 -32.31 -11.24
CA ALA A 241 -8.21 -33.26 -10.59
C ALA A 241 -8.93 -34.17 -11.60
N GLU A 242 -9.30 -35.37 -11.14
CA GLU A 242 -10.14 -36.34 -11.84
C GLU A 242 -11.18 -36.93 -10.95
N PHE A 243 -12.33 -37.26 -11.54
CA PHE A 243 -13.41 -37.91 -10.80
C PHE A 243 -13.77 -39.23 -11.54
N ASN A 244 -13.57 -40.36 -10.86
CA ASN A 244 -13.63 -41.71 -11.50
C ASN A 244 -12.96 -41.75 -12.87
N GLY A 245 -11.71 -41.28 -12.89
CA GLY A 245 -10.90 -41.20 -14.12
C GLY A 245 -11.30 -40.17 -15.16
N GLN A 246 -12.22 -39.28 -14.84
CA GLN A 246 -12.82 -38.38 -15.81
C GLN A 246 -12.27 -36.93 -15.52
N PRO A 247 -12.09 -36.07 -16.53
CA PRO A 247 -11.66 -34.72 -16.18
C PRO A 247 -12.62 -34.02 -15.22
N ALA A 248 -12.07 -33.35 -14.20
CA ALA A 248 -12.90 -32.73 -13.20
C ALA A 248 -12.22 -31.47 -12.58
N SER A 249 -12.99 -30.60 -11.93
CA SER A 249 -12.45 -29.68 -10.96
C SER A 249 -13.26 -29.83 -9.69
N GLY A 250 -13.01 -28.95 -8.73
CA GLY A 250 -13.82 -28.90 -7.53
C GLY A 250 -13.39 -27.85 -6.54
N LEU A 251 -14.15 -27.74 -5.45
CA LEU A 251 -13.86 -26.89 -4.28
C LEU A 251 -13.71 -27.82 -3.07
N GLY A 252 -12.59 -27.69 -2.37
CA GLY A 252 -12.36 -28.33 -1.09
C GLY A 252 -12.67 -27.27 -0.05
N ILE A 253 -13.57 -27.57 0.87
CA ILE A 253 -14.16 -26.60 1.74
C ILE A 253 -13.82 -26.98 3.17
N LYS A 254 -13.29 -26.02 3.92
CA LYS A 254 -12.92 -26.23 5.32
C LYS A 254 -13.82 -25.38 6.13
N LEU A 255 -14.10 -25.84 7.35
CA LEU A 255 -15.11 -25.22 8.19
C LEU A 255 -14.47 -24.10 8.96
N ALA A 256 -15.08 -22.90 9.01
CA ALA A 256 -14.59 -21.80 9.89
C ALA A 256 -14.57 -22.28 11.35
N THR A 257 -13.53 -21.88 12.08
CA THR A 257 -13.37 -22.22 13.47
C THR A 257 -14.66 -21.86 14.21
N GLY A 258 -15.23 -22.87 14.89
CA GLY A 258 -16.43 -22.71 15.75
C GLY A 258 -17.78 -22.71 15.03
N ALA A 259 -17.77 -22.86 13.70
CA ALA A 259 -19.02 -22.82 12.95
C ALA A 259 -19.69 -24.20 12.97
N ASN A 260 -21.00 -24.17 12.82
CA ASN A 260 -21.79 -25.37 12.74
C ASN A 260 -21.64 -26.13 11.41
N ALA A 261 -21.21 -27.39 11.49
CA ALA A 261 -20.94 -28.20 10.28
C ALA A 261 -22.18 -28.48 9.38
N LEU A 262 -23.29 -28.89 9.97
CA LEU A 262 -24.55 -29.19 9.25
C LEU A 262 -25.15 -27.98 8.55
N ASP A 263 -25.33 -26.92 9.35
CA ASP A 263 -25.76 -25.60 8.90
C ASP A 263 -24.96 -25.08 7.72
N THR A 264 -23.63 -25.16 7.88
CA THR A 264 -22.72 -24.66 6.89
C THR A 264 -22.79 -25.45 5.62
N ALA A 265 -22.75 -26.78 5.74
CA ALA A 265 -22.96 -27.70 4.59
C ALA A 265 -24.24 -27.48 3.84
N ALA A 266 -25.29 -27.15 4.56
CA ALA A 266 -26.62 -26.95 4.03
C ALA A 266 -26.60 -25.66 3.24
N ALA A 267 -26.11 -24.57 3.85
CA ALA A 267 -26.01 -23.30 3.09
C ALA A 267 -25.12 -23.40 1.80
N ILE A 268 -24.09 -24.24 1.84
CA ILE A 268 -23.27 -24.52 0.64
C ILE A 268 -24.16 -25.16 -0.44
N ARG A 269 -25.00 -26.10 -0.03
CA ARG A 269 -25.94 -26.80 -0.97
C ARG A 269 -27.01 -25.87 -1.52
N ALA A 270 -27.61 -25.08 -0.64
CA ALA A 270 -28.49 -23.96 -1.04
C ALA A 270 -27.83 -23.04 -2.09
N GLU A 271 -26.57 -22.68 -1.87
CA GLU A 271 -25.89 -21.80 -2.80
C GLU A 271 -25.55 -22.46 -4.16
N LEU A 272 -25.14 -23.73 -4.10
CA LEU A 272 -24.95 -24.52 -5.34
C LEU A 272 -26.27 -24.63 -6.16
N ALA A 273 -27.40 -24.72 -5.43
CA ALA A 273 -28.73 -24.82 -6.08
C ALA A 273 -29.10 -23.56 -6.87
N LYS A 274 -28.55 -22.42 -6.47
CA LYS A 274 -28.71 -21.19 -7.22
C LYS A 274 -27.91 -21.21 -8.50
N MET A 275 -26.76 -21.87 -8.51
CA MET A 275 -25.91 -21.85 -9.70
C MET A 275 -26.35 -22.82 -10.77
N GLU A 276 -26.81 -23.99 -10.34
CA GLU A 276 -27.08 -25.17 -11.23
C GLU A 276 -27.91 -24.79 -12.47
N PRO A 277 -29.02 -24.06 -12.33
CA PRO A 277 -29.82 -23.85 -13.56
C PRO A 277 -29.17 -23.07 -14.70
N PHE A 278 -27.99 -22.47 -14.45
CA PHE A 278 -27.25 -21.66 -15.41
C PHE A 278 -25.95 -22.28 -15.88
N PHE A 279 -25.69 -23.53 -15.52
CA PHE A 279 -24.56 -24.28 -16.03
C PHE A 279 -24.60 -24.40 -17.55
N PRO A 280 -23.44 -24.37 -18.21
CA PRO A 280 -23.43 -24.76 -19.64
C PRO A 280 -23.78 -26.24 -19.76
N SER A 281 -24.13 -26.67 -20.98
CA SER A 281 -24.58 -28.04 -21.18
C SER A 281 -23.50 -28.99 -20.73
N GLY A 282 -23.91 -29.97 -19.96
CA GLY A 282 -23.07 -31.09 -19.67
C GLY A 282 -22.52 -31.02 -18.29
N LEU A 283 -22.52 -29.82 -17.72
CA LEU A 283 -21.80 -29.60 -16.47
C LEU A 283 -22.63 -30.13 -15.37
N LYS A 284 -22.00 -30.69 -14.37
CA LYS A 284 -22.76 -31.26 -13.26
C LYS A 284 -21.95 -31.29 -11.96
N ILE A 285 -22.63 -31.09 -10.85
CA ILE A 285 -22.02 -31.29 -9.55
C ILE A 285 -22.11 -32.76 -9.08
N VAL A 286 -21.03 -33.24 -8.44
CA VAL A 286 -20.95 -34.54 -7.83
C VAL A 286 -20.39 -34.29 -6.49
N TYR A 287 -20.67 -35.17 -5.55
CA TYR A 287 -20.33 -34.96 -4.16
C TYR A 287 -19.37 -36.07 -3.66
N PRO A 288 -18.07 -35.90 -3.87
CA PRO A 288 -17.17 -37.01 -3.63
C PRO A 288 -16.63 -37.19 -2.22
N TYR A 289 -17.05 -36.35 -1.29
CA TYR A 289 -16.50 -36.39 0.06
C TYR A 289 -17.33 -35.60 1.08
N ASP A 290 -18.43 -36.14 1.55
CA ASP A 290 -19.20 -35.50 2.65
C ASP A 290 -18.78 -36.11 4.01
N THR A 291 -18.44 -35.29 5.01
CA THR A 291 -18.16 -35.77 6.37
C THR A 291 -19.36 -35.73 7.34
N GLN A 309 -19.52 -44.44 8.67
CA GLN A 309 -18.59 -43.33 8.33
C GLN A 309 -18.66 -42.77 6.90
N GLY A 310 -18.41 -43.63 5.91
CA GLY A 310 -18.82 -43.37 4.51
C GLY A 310 -17.73 -42.94 3.54
N VAL A 311 -16.61 -42.46 4.06
CA VAL A 311 -15.57 -41.81 3.27
C VAL A 311 -14.24 -41.90 3.96
N PHE A 312 -13.20 -41.60 3.20
CA PHE A 312 -11.84 -41.57 3.70
C PHE A 312 -10.96 -41.00 2.60
N MET A 313 -9.69 -40.78 2.92
CA MET A 313 -8.77 -40.17 2.01
C MET A 313 -7.57 -41.03 1.84
N THR A 314 -6.81 -40.76 0.80
CA THR A 314 -5.55 -41.44 0.57
C THR A 314 -4.56 -40.38 0.27
N MET A 315 -3.47 -40.35 1.02
CA MET A 315 -2.43 -39.34 0.84
C MET A 315 -1.34 -39.96 -0.01
N VAL A 316 -0.76 -39.15 -0.90
CA VAL A 316 0.27 -39.60 -1.80
C VAL A 316 1.38 -38.58 -1.66
N GLN A 317 2.58 -39.06 -1.35
CA GLN A 317 3.69 -38.15 -1.14
C GLN A 317 4.91 -38.79 -1.73
N LEU A 318 5.40 -38.22 -2.80
CA LEU A 318 6.62 -38.63 -3.41
C LEU A 318 7.75 -37.79 -2.80
N PRO A 319 9.03 -38.19 -3.01
CA PRO A 319 10.13 -37.32 -2.52
C PRO A 319 10.29 -36.11 -3.41
N ALA A 320 10.82 -35.01 -2.84
CA ALA A 320 11.06 -33.77 -3.60
C ALA A 320 11.86 -34.05 -4.87
N GLY A 321 11.62 -33.26 -5.91
CA GLY A 321 12.18 -33.52 -7.23
C GLY A 321 11.18 -34.21 -8.16
N ALA A 322 10.23 -34.96 -7.62
CA ALA A 322 9.25 -35.71 -8.45
C ALA A 322 8.30 -34.80 -9.21
N THR A 323 8.18 -35.04 -10.52
CA THR A 323 7.30 -34.29 -11.41
C THR A 323 5.80 -34.67 -11.33
N GLN A 324 4.99 -33.88 -12.00
CA GLN A 324 3.57 -34.13 -12.14
C GLN A 324 3.30 -35.55 -12.69
N GLU A 325 4.07 -35.92 -13.71
CA GLU A 325 4.02 -37.24 -14.38
C GLU A 325 4.20 -38.40 -13.37
N ARG A 326 5.21 -38.36 -12.53
CA ARG A 326 5.45 -39.45 -11.61
C ARG A 326 4.39 -39.51 -10.51
N THR A 327 3.84 -38.35 -10.12
CA THR A 327 2.80 -38.29 -9.10
C THR A 327 1.47 -38.88 -9.69
N GLN A 328 1.22 -38.57 -10.95
CA GLN A 328 0.04 -39.05 -11.69
C GLN A 328 0.05 -40.57 -11.75
N LYS A 329 1.23 -41.11 -11.92
CA LYS A 329 1.39 -42.53 -12.02
C LYS A 329 1.01 -43.20 -10.72
N VAL A 330 1.46 -42.65 -9.59
CA VAL A 330 1.14 -43.26 -8.31
C VAL A 330 -0.35 -43.10 -8.05
N LEU A 331 -0.89 -41.94 -8.40
CA LEU A 331 -2.32 -41.69 -8.26
C LEU A 331 -3.17 -42.65 -9.12
N ASN A 332 -2.70 -42.97 -10.31
CA ASN A 332 -3.37 -43.98 -11.18
C ASN A 332 -3.35 -45.37 -10.56
N GLU A 333 -2.24 -45.72 -9.92
CA GLU A 333 -2.21 -46.98 -9.23
C GLU A 333 -3.23 -46.98 -8.06
N VAL A 334 -3.37 -45.86 -7.35
CA VAL A 334 -4.30 -45.76 -6.23
C VAL A 334 -5.73 -45.83 -6.71
N THR A 335 -6.01 -45.07 -7.74
CA THR A 335 -7.37 -44.98 -8.34
C THR A 335 -7.75 -46.34 -8.94
N HIS A 336 -6.80 -46.93 -9.67
CA HIS A 336 -6.96 -48.27 -10.22
C HIS A 336 -7.29 -49.29 -9.15
N TYR A 337 -6.60 -49.24 -8.02
CA TYR A 337 -6.90 -50.12 -6.91
C TYR A 337 -8.35 -50.05 -6.46
N TYR A 338 -8.85 -48.85 -6.16
CA TYR A 338 -10.20 -48.70 -5.66
C TYR A 338 -11.28 -49.06 -6.69
N LEU A 339 -11.04 -48.80 -7.99
CA LEU A 339 -11.98 -49.14 -9.09
C LEU A 339 -11.92 -50.58 -9.57
N THR A 340 -10.90 -51.33 -9.18
CA THR A 340 -10.80 -52.71 -9.57
C THR A 340 -10.99 -53.60 -8.34
N LYS A 341 -10.02 -53.62 -7.45
CA LYS A 341 -10.12 -54.39 -6.22
C LYS A 341 -11.27 -54.02 -5.23
N GLU A 342 -11.64 -52.75 -5.05
CA GLU A 342 -12.69 -52.38 -4.07
C GLU A 342 -13.97 -51.89 -4.70
N LYS A 343 -14.22 -52.31 -5.94
CA LYS A 343 -15.33 -51.81 -6.71
C LYS A 343 -16.67 -52.10 -6.15
N ASN A 344 -16.82 -53.14 -5.32
CA ASN A 344 -18.12 -53.38 -4.60
C ASN A 344 -18.31 -52.55 -3.33
N ASN A 345 -17.24 -51.95 -2.85
CA ASN A 345 -17.28 -51.03 -1.72
C ASN A 345 -17.27 -49.53 -2.13
N VAL A 346 -16.46 -49.20 -3.15
CA VAL A 346 -16.13 -47.81 -3.49
C VAL A 346 -17.08 -47.25 -4.54
N GLU A 347 -17.77 -46.17 -4.19
CA GLU A 347 -18.62 -45.49 -5.17
C GLU A 347 -17.79 -44.56 -6.09
N SER A 348 -16.85 -43.82 -5.53
CA SER A 348 -16.15 -42.75 -6.28
C SER A 348 -14.80 -42.41 -5.66
N VAL A 349 -13.89 -41.98 -6.52
CA VAL A 349 -12.57 -41.51 -6.17
C VAL A 349 -12.41 -40.14 -6.86
N PHE A 350 -12.11 -39.12 -6.05
CA PHE A 350 -11.84 -37.80 -6.54
C PHE A 350 -10.38 -37.56 -6.21
N ALA A 351 -9.58 -37.60 -7.25
CA ALA A 351 -8.15 -37.58 -7.16
C ALA A 351 -7.53 -36.27 -7.64
N VAL A 352 -6.60 -35.75 -6.86
CA VAL A 352 -6.07 -34.43 -7.14
C VAL A 352 -4.60 -34.54 -7.16
N ASN A 353 -4.00 -34.18 -8.28
CA ASN A 353 -2.57 -34.22 -8.46
C ASN A 353 -1.99 -32.83 -8.20
N GLY A 354 -1.07 -32.70 -7.24
CA GLY A 354 -0.35 -31.44 -7.05
C GLY A 354 -0.81 -30.68 -5.81
N PHE A 355 -1.79 -31.21 -5.13
CA PHE A 355 -2.23 -30.67 -3.86
C PHE A 355 -2.31 -31.86 -2.92
N GLY A 356 -1.74 -31.74 -1.73
CA GLY A 356 -1.91 -32.80 -0.72
C GLY A 356 -2.14 -32.24 0.67
N PHE A 357 -1.92 -33.08 1.68
CA PHE A 357 -2.09 -32.68 3.09
C PHE A 357 -1.34 -31.40 3.53
N ALA A 358 -0.04 -31.31 3.21
CA ALA A 358 0.77 -30.10 3.51
C ALA A 358 0.55 -28.95 2.49
N GLY A 359 -0.63 -28.97 1.84
CA GLY A 359 -0.93 -28.06 0.75
C GLY A 359 -0.20 -28.48 -0.51
N ARG A 360 0.26 -27.48 -1.26
CA ARG A 360 0.56 -27.64 -2.66
C ARG A 360 2.01 -28.10 -2.88
N GLY A 361 2.24 -28.89 -3.93
CA GLY A 361 3.57 -29.21 -4.52
C GLY A 361 3.50 -30.26 -5.65
N GLN A 362 4.47 -30.28 -6.56
CA GLN A 362 4.47 -31.19 -7.71
C GLN A 362 4.54 -32.69 -7.32
N ASN A 363 4.99 -32.97 -6.11
CA ASN A 363 5.29 -34.30 -5.66
C ASN A 363 4.24 -34.79 -4.70
N THR A 364 3.06 -34.19 -4.67
CA THR A 364 2.07 -34.58 -3.68
C THR A 364 0.69 -34.73 -4.35
N GLY A 365 -0.19 -35.50 -3.71
CA GLY A 365 -1.51 -35.70 -4.21
C GLY A 365 -2.41 -36.27 -3.16
N ILE A 366 -3.68 -36.32 -3.49
CA ILE A 366 -4.66 -36.80 -2.56
C ILE A 366 -5.84 -37.40 -3.31
N ALA A 367 -6.41 -38.48 -2.76
CA ALA A 367 -7.61 -39.05 -3.28
C ALA A 367 -8.65 -38.99 -2.18
N PHE A 368 -9.84 -38.52 -2.49
CA PHE A 368 -10.96 -38.56 -1.59
C PHE A 368 -11.79 -39.73 -2.07
N VAL A 369 -12.04 -40.71 -1.19
CA VAL A 369 -12.79 -41.91 -1.55
C VAL A 369 -14.15 -41.92 -0.86
N SER A 370 -15.20 -42.10 -1.64
CA SER A 370 -16.52 -42.23 -1.12
C SER A 370 -17.03 -43.66 -1.37
N LEU A 371 -17.59 -44.25 -0.32
CA LEU A 371 -18.07 -45.61 -0.29
C LEU A 371 -19.56 -45.67 -0.57
N LYS A 372 -20.01 -46.83 -1.03
CA LYS A 372 -21.44 -47.07 -1.13
C LYS A 372 -22.02 -47.10 0.29
N ASP A 373 -23.30 -46.71 0.38
CA ASP A 373 -24.21 -47.03 1.49
C ASP A 373 -23.80 -48.18 2.46
N TRP A 374 -23.83 -47.92 3.79
CA TRP A 374 -23.66 -48.93 4.89
C TRP A 374 -24.30 -50.29 4.51
N ALA A 375 -25.55 -50.25 4.07
CA ALA A 375 -26.33 -51.47 3.83
C ALA A 375 -26.01 -52.24 2.55
N ASP A 376 -25.30 -51.65 1.59
CA ASP A 376 -24.73 -52.41 0.43
C ASP A 376 -23.28 -52.89 0.66
N ARG A 377 -22.81 -52.82 1.91
CA ARG A 377 -21.50 -53.33 2.32
C ARG A 377 -21.68 -54.17 3.61
N PRO A 378 -22.42 -55.30 3.55
CA PRO A 378 -22.51 -56.08 4.78
C PRO A 378 -21.19 -56.83 5.05
N GLY A 379 -20.84 -57.07 6.32
CA GLY A 379 -19.63 -57.80 6.71
C GLY A 379 -18.65 -56.81 7.29
N GLU A 380 -17.95 -57.20 8.36
CA GLU A 380 -16.97 -56.31 9.04
C GLU A 380 -15.71 -55.96 8.20
N GLU A 381 -15.35 -56.85 7.29
CA GLU A 381 -14.25 -56.59 6.36
C GLU A 381 -14.63 -55.54 5.28
N ASN A 382 -15.91 -55.19 5.13
CA ASN A 382 -16.32 -54.13 4.22
C ASN A 382 -16.60 -52.76 4.86
N LYS A 383 -16.10 -52.58 6.07
CA LYS A 383 -16.21 -51.30 6.76
C LYS A 383 -14.93 -50.53 6.55
N VAL A 384 -15.08 -49.20 6.73
CA VAL A 384 -14.02 -48.22 6.48
C VAL A 384 -12.70 -48.68 7.06
N GLU A 385 -12.71 -49.15 8.32
CA GLU A 385 -11.42 -49.55 8.99
C GLU A 385 -10.70 -50.70 8.25
N ALA A 386 -11.47 -51.75 7.96
CA ALA A 386 -10.96 -52.90 7.20
C ALA A 386 -10.47 -52.49 5.75
N ILE A 387 -11.28 -51.67 5.06
CA ILE A 387 -10.95 -51.17 3.72
C ILE A 387 -9.65 -50.40 3.71
N THR A 388 -9.53 -49.46 4.63
CA THR A 388 -8.34 -48.56 4.69
C THR A 388 -7.10 -49.33 5.04
N MET A 389 -7.26 -50.26 5.98
CA MET A 389 -6.20 -51.21 6.31
C MET A 389 -5.71 -51.97 5.05
N ARG A 390 -6.62 -52.62 4.31
CA ARG A 390 -6.22 -53.36 3.07
C ARG A 390 -5.56 -52.44 2.04
N ALA A 391 -6.09 -51.23 1.89
CA ALA A 391 -5.55 -50.27 0.89
C ALA A 391 -4.16 -49.86 1.27
N THR A 392 -4.02 -49.50 2.55
CA THR A 392 -2.71 -49.13 3.09
C THR A 392 -1.79 -50.31 2.93
N ARG A 393 -2.30 -51.49 3.17
CA ARG A 393 -1.45 -52.63 2.93
C ARG A 393 -1.02 -52.73 1.48
N ALA A 394 -1.98 -52.64 0.53
CA ALA A 394 -1.63 -52.80 -0.90
C ALA A 394 -0.71 -51.73 -1.39
N PHE A 395 -0.88 -50.52 -0.89
CA PHE A 395 0.00 -49.41 -1.29
C PHE A 395 1.41 -49.39 -0.68
N SER A 396 1.60 -50.13 0.42
CA SER A 396 2.86 -50.15 1.18
C SER A 396 4.09 -50.57 0.36
N GLN A 397 3.89 -51.32 -0.72
CA GLN A 397 5.01 -51.76 -1.55
C GLN A 397 5.24 -50.90 -2.78
N ILE A 398 4.53 -49.78 -2.90
CA ILE A 398 4.81 -48.80 -3.99
C ILE A 398 6.09 -48.10 -3.56
N LYS A 399 7.07 -48.01 -4.47
CA LYS A 399 8.40 -47.48 -4.13
C LYS A 399 8.55 -46.01 -4.49
N ASP A 400 9.39 -45.32 -3.70
CA ASP A 400 9.57 -43.87 -3.81
C ASP A 400 8.19 -43.21 -3.74
N ALA A 401 7.51 -43.49 -2.62
CA ALA A 401 6.17 -43.04 -2.35
C ALA A 401 5.69 -43.46 -0.98
N MET A 402 5.26 -42.48 -0.22
CA MET A 402 4.58 -42.68 1.05
C MET A 402 3.04 -42.59 0.70
N VAL A 403 2.39 -43.72 0.55
CA VAL A 403 1.00 -43.78 0.20
C VAL A 403 0.27 -44.45 1.32
N PHE A 404 -0.74 -43.79 1.89
CA PHE A 404 -1.63 -44.45 2.82
C PHE A 404 -3.02 -43.93 2.91
N ALA A 405 -3.91 -44.80 3.33
CA ALA A 405 -5.32 -44.55 3.40
C ALA A 405 -5.68 -44.50 4.84
N PHE A 406 -6.54 -43.54 5.17
CA PHE A 406 -7.03 -43.35 6.54
C PHE A 406 -8.18 -42.37 6.55
N ASN A 407 -8.95 -42.48 7.62
CA ASN A 407 -10.24 -41.87 7.73
C ASN A 407 -10.26 -40.75 8.78
N LEU A 408 -9.53 -39.65 8.57
CA LEU A 408 -9.66 -38.39 9.37
C LEU A 408 -8.51 -37.40 9.03
N ALA A 417 -1.87 -40.44 17.34
CA ALA A 417 -2.65 -40.64 18.56
C ALA A 417 -1.75 -41.11 19.73
N THR A 418 -0.83 -42.05 19.44
CA THR A 418 0.28 -42.48 20.36
C THR A 418 1.62 -41.77 19.98
N GLY A 419 1.51 -40.74 19.13
CA GLY A 419 2.64 -40.17 18.42
C GLY A 419 3.26 -39.00 19.15
N PHE A 420 4.41 -38.56 18.70
CA PHE A 420 4.98 -37.34 19.21
C PHE A 420 5.32 -36.39 18.04
N ASP A 421 5.37 -35.08 18.37
CA ASP A 421 5.63 -33.99 17.38
C ASP A 421 6.79 -33.08 17.85
N PHE A 422 7.96 -33.31 17.29
CA PHE A 422 9.20 -32.77 17.81
C PHE A 422 9.68 -31.73 16.80
N GLU A 423 10.20 -30.61 17.31
CA GLU A 423 10.79 -29.56 16.46
C GLU A 423 12.25 -29.40 16.75
N LEU A 424 13.10 -29.71 15.75
CA LEU A 424 14.49 -29.37 15.87
C LEU A 424 14.67 -27.91 15.39
N ILE A 425 15.36 -27.09 16.18
CA ILE A 425 15.45 -25.64 15.98
C ILE A 425 16.89 -25.12 15.95
N ASP A 426 17.23 -24.34 14.92
CA ASP A 426 18.50 -23.61 14.83
C ASP A 426 18.44 -22.39 15.73
N GLN A 427 19.13 -22.43 16.88
CA GLN A 427 19.10 -21.32 17.86
C GLN A 427 20.38 -20.48 17.88
N ALA A 428 21.15 -20.51 16.80
CA ALA A 428 22.50 -19.81 16.79
C ALA A 428 22.97 -19.32 15.42
N GLY A 429 22.02 -19.19 14.48
CA GLY A 429 22.37 -18.85 13.09
C GLY A 429 23.21 -19.88 12.38
N LEU A 430 23.07 -21.15 12.70
CA LEU A 430 23.89 -22.19 12.03
C LEU A 430 23.61 -22.32 10.55
N GLY A 431 22.38 -22.00 10.13
CA GLY A 431 22.01 -22.13 8.73
C GLY A 431 21.43 -23.51 8.42
N HIS A 432 20.82 -23.60 7.24
CA HIS A 432 20.01 -24.75 6.86
C HIS A 432 20.87 -26.02 6.78
N GLU A 433 22.10 -25.93 6.29
CA GLU A 433 22.93 -27.14 6.00
C GLU A 433 23.33 -27.77 7.33
N LYS A 434 23.80 -26.95 8.28
CA LYS A 434 24.14 -27.50 9.58
C LYS A 434 22.91 -28.07 10.27
N LEU A 435 21.74 -27.45 10.07
CA LEU A 435 20.55 -27.95 10.77
C LEU A 435 20.15 -29.33 10.23
N THR A 436 20.26 -29.54 8.93
CA THR A 436 20.11 -30.85 8.31
C THR A 436 21.08 -31.91 8.92
N GLN A 437 22.38 -31.60 8.93
CA GLN A 437 23.43 -32.44 9.55
C GLN A 437 22.98 -32.85 10.96
N ALA A 438 22.64 -31.87 11.79
CA ALA A 438 22.07 -32.13 13.12
C ALA A 438 20.82 -33.01 13.14
N ARG A 439 19.89 -32.75 12.23
CA ARG A 439 18.70 -33.57 12.13
C ARG A 439 19.10 -35.05 11.87
N ASN A 440 20.00 -35.25 10.93
CA ASN A 440 20.47 -36.58 10.52
C ASN A 440 21.14 -37.32 11.66
N GLN A 441 21.85 -36.56 12.48
CA GLN A 441 22.47 -37.12 13.64
C GLN A 441 21.40 -37.59 14.65
N LEU A 442 20.35 -36.81 14.86
CA LEU A 442 19.30 -37.22 15.78
C LEU A 442 18.47 -38.41 15.24
N LEU A 443 18.35 -38.51 13.92
CA LEU A 443 17.53 -39.54 13.30
C LEU A 443 18.27 -40.88 13.31
N ALA A 444 19.57 -40.84 13.00
CA ALA A 444 20.45 -42.02 13.12
C ALA A 444 20.54 -42.62 14.56
N GLU A 445 20.72 -41.78 15.58
CA GLU A 445 20.68 -42.25 16.96
C GLU A 445 19.32 -42.75 17.40
N ALA A 446 18.24 -42.14 16.94
CA ALA A 446 16.90 -42.68 17.21
C ALA A 446 16.66 -44.06 16.51
N ALA A 447 17.32 -44.30 15.39
CA ALA A 447 17.26 -45.61 14.74
C ALA A 447 17.86 -46.78 15.60
N LYS A 448 18.78 -46.48 16.51
CA LYS A 448 19.38 -47.46 17.42
C LYS A 448 18.58 -47.71 18.71
N HIS A 449 17.31 -47.26 18.78
CA HIS A 449 16.46 -47.44 19.99
C HIS A 449 15.02 -48.01 19.66
N PRO A 450 14.91 -49.14 18.92
CA PRO A 450 13.55 -49.63 18.61
C PRO A 450 12.70 -50.05 19.82
N ASP A 451 13.36 -50.43 20.91
CA ASP A 451 12.70 -50.63 22.22
C ASP A 451 11.80 -49.45 22.67
N MET A 452 12.26 -48.22 22.44
CA MET A 452 11.51 -47.02 22.84
C MET A 452 10.88 -46.20 21.68
N LEU A 453 11.50 -46.21 20.50
CA LEU A 453 11.12 -45.30 19.36
C LEU A 453 10.85 -46.03 18.05
N THR A 454 9.66 -45.80 17.49
CA THR A 454 9.25 -46.35 16.19
C THR A 454 9.01 -45.23 15.17
N SER A 455 9.52 -45.41 13.95
CA SER A 455 9.19 -44.57 12.81
C SER A 455 9.52 -43.06 13.06
N VAL A 456 10.78 -42.80 13.42
CA VAL A 456 11.25 -41.44 13.69
C VAL A 456 11.72 -40.92 12.36
N ARG A 457 11.01 -39.91 11.89
CA ARG A 457 11.11 -39.41 10.50
C ARG A 457 10.87 -37.89 10.43
N PRO A 458 11.48 -37.26 9.42
CA PRO A 458 11.23 -35.86 9.19
C PRO A 458 9.85 -35.74 8.56
N ASN A 459 9.11 -34.71 8.95
CA ASN A 459 7.87 -34.40 8.26
C ASN A 459 8.06 -33.65 6.95
N GLY A 460 9.26 -33.12 6.69
CA GLY A 460 9.55 -32.25 5.56
C GLY A 460 10.25 -32.83 4.37
N LEU A 461 10.84 -31.97 3.55
CA LEU A 461 11.42 -32.37 2.28
C LEU A 461 12.93 -32.24 2.31
N GLU A 462 13.59 -33.05 1.47
CA GLU A 462 15.01 -33.01 1.31
C GLU A 462 15.40 -32.00 0.26
N ASP A 463 16.65 -31.49 0.33
CA ASP A 463 17.25 -30.61 -0.66
C ASP A 463 17.33 -31.30 -2.01
N THR A 464 17.29 -30.51 -3.07
CA THR A 464 17.30 -31.01 -4.43
C THR A 464 18.18 -30.11 -5.21
N PRO A 465 18.67 -30.57 -6.39
CA PRO A 465 19.47 -29.72 -7.29
C PRO A 465 18.77 -28.42 -7.71
N GLN A 466 19.49 -27.31 -7.68
CA GLN A 466 18.96 -26.07 -8.19
C GLN A 466 20.02 -25.47 -9.00
N PHE A 467 19.62 -24.61 -9.95
CA PHE A 467 20.47 -23.99 -10.93
C PHE A 467 20.79 -22.60 -10.43
N LYS A 468 22.06 -22.37 -10.09
CA LYS A 468 22.48 -21.15 -9.51
C LYS A 468 23.11 -20.32 -10.59
N ILE A 469 22.56 -19.14 -10.79
CA ILE A 469 23.05 -18.22 -11.80
C ILE A 469 23.53 -16.88 -11.22
N ASP A 470 24.75 -16.49 -11.56
CA ASP A 470 25.44 -15.31 -11.06
C ASP A 470 25.43 -14.25 -12.17
N ILE A 471 24.76 -13.12 -11.94
CA ILE A 471 24.87 -12.01 -12.87
C ILE A 471 26.24 -11.37 -12.61
N ASP A 472 27.05 -11.24 -13.66
CA ASP A 472 28.26 -10.44 -13.57
C ASP A 472 27.95 -8.96 -13.73
N GLN A 473 28.04 -8.25 -12.61
CA GLN A 473 27.72 -6.82 -12.59
C GLN A 473 28.64 -5.97 -13.47
N GLU A 474 29.93 -6.30 -13.46
CA GLU A 474 30.93 -5.58 -14.24
C GLU A 474 30.67 -5.70 -15.74
N LYS A 475 30.36 -6.90 -16.20
CA LYS A 475 29.99 -7.05 -17.60
C LYS A 475 28.69 -6.33 -17.98
N ALA A 476 27.66 -6.44 -17.15
CA ALA A 476 26.39 -5.78 -17.35
C ALA A 476 26.62 -4.29 -17.46
N GLN A 477 27.37 -3.72 -16.51
CA GLN A 477 27.63 -2.30 -16.55
C GLN A 477 28.42 -1.97 -17.84
N ALA A 478 29.39 -2.79 -18.18
CA ALA A 478 30.23 -2.49 -19.34
C ALA A 478 29.46 -2.49 -20.67
N LEU A 479 28.57 -3.46 -20.85
CA LEU A 479 27.70 -3.58 -22.00
C LEU A 479 26.50 -2.60 -21.97
N GLY A 480 26.20 -2.05 -20.81
CA GLY A 480 25.12 -1.08 -20.68
C GLY A 480 23.76 -1.75 -20.62
N VAL A 481 23.70 -2.96 -20.07
CA VAL A 481 22.49 -3.68 -19.79
C VAL A 481 22.17 -3.45 -18.33
N SER A 482 20.93 -3.04 -18.03
CA SER A 482 20.51 -2.79 -16.68
C SER A 482 20.09 -4.07 -15.96
N ILE A 483 20.26 -4.04 -14.64
CA ILE A 483 19.99 -5.20 -13.81
C ILE A 483 18.51 -5.47 -13.68
N ASN A 484 17.67 -4.43 -13.64
CA ASN A 484 16.22 -4.64 -13.67
C ASN A 484 15.81 -5.35 -14.99
N ASP A 485 16.37 -4.91 -16.12
CA ASP A 485 16.08 -5.56 -17.39
C ASP A 485 16.49 -7.04 -17.39
N ILE A 486 17.67 -7.33 -16.82
CA ILE A 486 18.14 -8.71 -16.72
C ILE A 486 17.18 -9.51 -15.84
N ASN A 487 16.84 -8.95 -14.67
CA ASN A 487 16.02 -9.71 -13.77
C ASN A 487 14.61 -9.95 -14.22
N THR A 488 13.98 -8.97 -14.84
CA THR A 488 12.63 -9.15 -15.40
C THR A 488 12.67 -10.19 -16.52
N THR A 489 13.68 -10.11 -17.37
CA THR A 489 13.73 -11.00 -18.50
C THR A 489 13.81 -12.42 -17.97
N LEU A 490 14.68 -12.64 -17.00
CA LEU A 490 14.83 -13.96 -16.44
C LEU A 490 13.58 -14.42 -15.72
N GLY A 491 13.08 -13.60 -14.81
CA GLY A 491 11.89 -13.92 -14.02
C GLY A 491 10.61 -14.13 -14.81
N ALA A 492 10.36 -13.22 -15.73
CA ALA A 492 9.17 -13.35 -16.52
C ALA A 492 9.21 -14.57 -17.44
N ALA A 493 10.34 -14.79 -18.09
CA ALA A 493 10.49 -15.91 -18.99
C ALA A 493 10.35 -17.21 -18.25
N TRP A 494 11.10 -17.42 -17.19
CA TRP A 494 11.25 -18.77 -16.62
C TRP A 494 10.33 -18.98 -15.44
N GLY A 495 9.84 -17.88 -14.89
CA GLY A 495 8.89 -17.93 -13.74
C GLY A 495 7.47 -17.45 -13.97
N GLY A 496 7.32 -16.58 -14.94
CA GLY A 496 6.06 -15.89 -15.23
C GLY A 496 5.91 -14.63 -14.42
N SER A 497 5.12 -13.70 -14.91
CA SER A 497 4.89 -12.41 -14.31
C SER A 497 3.45 -12.01 -14.54
N TYR A 498 2.78 -11.67 -13.45
CA TYR A 498 1.46 -11.07 -13.43
C TYR A 498 1.59 -9.59 -13.85
N VAL A 499 1.12 -9.25 -15.02
CA VAL A 499 1.29 -7.90 -15.54
C VAL A 499 0.20 -6.96 -15.01
N ASN A 500 -1.06 -7.29 -15.32
CA ASN A 500 -2.24 -6.54 -14.85
C ASN A 500 -3.47 -7.39 -15.11
N ASP A 501 -4.64 -6.81 -14.94
CA ASP A 501 -5.90 -7.49 -15.13
C ASP A 501 -6.57 -7.25 -16.48
N PHE A 502 -7.44 -8.14 -16.88
CA PHE A 502 -8.26 -7.97 -18.08
C PHE A 502 -9.66 -8.41 -17.73
N ILE A 503 -10.62 -8.38 -18.64
CA ILE A 503 -11.99 -8.79 -18.37
C ILE A 503 -12.40 -9.95 -19.26
N ASP A 504 -12.67 -11.08 -18.64
CA ASP A 504 -13.00 -12.29 -19.38
C ASP A 504 -14.45 -12.53 -19.15
N ARG A 505 -15.29 -12.37 -20.19
CA ARG A 505 -16.74 -12.62 -20.04
C ARG A 505 -17.35 -11.90 -18.79
N GLY A 506 -16.94 -10.64 -18.66
CA GLY A 506 -17.41 -9.71 -17.62
C GLY A 506 -16.71 -9.76 -16.26
N ARG A 507 -15.71 -10.63 -16.10
CA ARG A 507 -15.11 -10.87 -14.82
C ARG A 507 -13.66 -10.45 -14.87
N VAL A 508 -13.22 -9.66 -13.90
CA VAL A 508 -11.83 -9.36 -13.79
C VAL A 508 -10.99 -10.61 -13.56
N LYS A 509 -9.90 -10.75 -14.30
CA LYS A 509 -8.97 -11.87 -14.28
C LYS A 509 -7.54 -11.37 -14.58
N LYS A 510 -6.55 -12.19 -14.29
CA LYS A 510 -5.17 -11.81 -14.46
C LYS A 510 -4.63 -12.00 -15.85
N VAL A 511 -3.54 -11.28 -16.14
CA VAL A 511 -2.78 -11.43 -17.37
C VAL A 511 -1.38 -11.84 -16.96
N TYR A 512 -0.85 -12.93 -17.54
CA TYR A 512 0.55 -13.41 -17.25
C TYR A 512 1.39 -13.49 -18.51
N VAL A 513 2.65 -13.03 -18.42
CA VAL A 513 3.61 -13.34 -19.44
C VAL A 513 4.55 -14.39 -18.89
N MET A 514 4.96 -15.28 -19.78
CA MET A 514 5.93 -16.31 -19.51
C MET A 514 6.46 -16.86 -20.84
N SER A 515 7.65 -17.42 -20.83
CA SER A 515 8.13 -18.16 -22.01
C SER A 515 7.19 -19.31 -22.35
N GLU A 516 6.98 -19.51 -23.63
CA GLU A 516 6.44 -20.75 -24.07
C GLU A 516 7.33 -21.88 -23.55
N ALA A 517 6.73 -23.00 -23.18
CA ALA A 517 7.41 -24.10 -22.49
C ALA A 517 8.73 -24.52 -23.12
N LYS A 518 8.79 -24.61 -24.42
CA LYS A 518 9.89 -25.29 -25.07
C LYS A 518 11.14 -24.43 -24.99
N TYR A 519 10.96 -23.14 -24.64
CA TYR A 519 12.11 -22.26 -24.44
C TYR A 519 12.59 -22.11 -22.99
N ARG A 520 12.01 -22.84 -22.06
CA ARG A 520 12.39 -22.72 -20.68
C ARG A 520 12.50 -24.09 -20.03
N MET A 521 13.04 -25.06 -20.80
CA MET A 521 13.09 -26.49 -20.36
C MET A 521 14.48 -26.95 -19.99
N LEU A 522 15.53 -26.41 -20.62
CA LEU A 522 16.89 -26.89 -20.43
C LEU A 522 17.93 -25.79 -20.15
N PRO A 523 19.08 -26.12 -19.46
CA PRO A 523 20.07 -25.07 -19.14
C PRO A 523 20.53 -24.23 -20.33
N ASP A 524 20.77 -24.88 -21.48
CA ASP A 524 21.13 -24.13 -22.71
C ASP A 524 20.10 -23.09 -23.17
N ASP A 525 18.83 -23.23 -22.78
CA ASP A 525 17.81 -22.21 -23.13
C ASP A 525 18.12 -20.83 -22.52
N ILE A 526 18.89 -20.78 -21.43
CA ILE A 526 19.23 -19.51 -20.79
C ILE A 526 19.89 -18.61 -21.82
N GLY A 527 20.75 -19.19 -22.64
CA GLY A 527 21.50 -18.41 -23.62
C GLY A 527 20.73 -17.90 -24.84
N ASP A 528 19.51 -18.38 -25.09
CA ASP A 528 18.70 -17.88 -26.18
C ASP A 528 17.83 -16.67 -25.81
N TRP A 529 17.88 -16.22 -24.55
CA TRP A 529 17.15 -15.03 -24.12
C TRP A 529 18.09 -13.81 -24.16
N TYR A 530 17.60 -12.78 -24.82
CA TYR A 530 18.38 -11.55 -25.07
C TYR A 530 17.74 -10.39 -24.28
N VAL A 531 18.63 -9.51 -23.82
CA VAL A 531 18.27 -8.29 -23.14
C VAL A 531 18.79 -7.18 -24.04
N ARG A 532 18.11 -6.03 -24.04
CA ARG A 532 18.50 -4.92 -24.90
C ARG A 532 19.37 -3.92 -24.10
N ALA A 533 20.53 -3.56 -24.61
CA ALA A 533 21.37 -2.56 -23.91
C ALA A 533 20.91 -1.12 -24.22
N ALA A 534 21.48 -0.18 -23.47
CA ALA A 534 21.28 1.27 -23.64
C ALA A 534 21.60 1.76 -25.04
N ASP A 535 22.57 1.15 -25.70
CA ASP A 535 22.94 1.52 -27.07
C ASP A 535 22.18 0.77 -28.17
N GLY A 536 21.20 -0.04 -27.80
CA GLY A 536 20.29 -0.69 -28.72
C GLY A 536 20.68 -2.10 -29.11
N GLN A 537 21.88 -2.52 -28.69
CA GLN A 537 22.38 -3.85 -29.02
C GLN A 537 21.69 -4.94 -28.17
N MET A 538 21.40 -6.06 -28.82
CA MET A 538 20.81 -7.23 -28.16
C MET A 538 21.95 -8.07 -27.61
N VAL A 539 21.87 -8.43 -26.33
CA VAL A 539 22.95 -9.11 -25.62
C VAL A 539 22.37 -10.39 -25.02
N PRO A 540 22.97 -11.54 -25.35
CA PRO A 540 22.42 -12.76 -24.84
C PRO A 540 22.80 -12.89 -23.40
N PHE A 541 22.03 -13.70 -22.71
CA PHE A 541 22.15 -13.87 -21.28
C PHE A 541 23.52 -14.45 -20.88
N SER A 542 24.02 -15.35 -21.71
CA SER A 542 25.30 -15.94 -21.57
C SER A 542 26.47 -14.95 -21.55
N ALA A 543 26.32 -13.76 -22.13
CA ALA A 543 27.42 -12.80 -22.10
C ALA A 543 27.67 -12.20 -20.73
N PHE A 544 26.66 -12.18 -19.82
CA PHE A 544 26.86 -11.54 -18.49
C PHE A 544 26.52 -12.46 -17.35
N SER A 545 26.46 -13.74 -17.59
CA SER A 545 26.09 -14.68 -16.55
C SER A 545 26.91 -15.96 -16.57
N SER A 546 26.96 -16.62 -15.42
CA SER A 546 27.58 -17.95 -15.29
C SER A 546 26.68 -18.75 -14.40
N SER A 547 26.78 -20.08 -14.49
CA SER A 547 25.92 -20.92 -13.70
C SER A 547 26.50 -22.25 -13.29
N ARG A 548 25.94 -22.81 -12.25
CA ARG A 548 26.42 -24.05 -11.71
C ARG A 548 25.30 -24.73 -10.95
N TRP A 549 25.36 -26.05 -10.85
CA TRP A 549 24.41 -26.77 -10.03
C TRP A 549 24.83 -26.69 -8.59
N GLU A 550 23.86 -26.78 -7.68
CA GLU A 550 24.11 -26.76 -6.25
C GLU A 550 22.88 -27.39 -5.64
N TYR A 551 22.89 -27.66 -4.35
CA TYR A 551 21.71 -28.13 -3.66
C TYR A 551 21.04 -26.98 -2.82
N GLY A 552 19.74 -27.02 -2.63
CA GLY A 552 19.01 -26.18 -1.65
C GLY A 552 17.63 -26.77 -1.36
N SER A 553 16.89 -26.13 -0.45
CA SER A 553 15.67 -26.66 0.08
C SER A 553 14.45 -26.26 -0.73
N PRO A 554 13.50 -27.20 -1.01
CA PRO A 554 12.33 -26.69 -1.64
C PRO A 554 11.26 -26.43 -0.60
N ARG A 555 11.51 -26.70 0.68
CA ARG A 555 10.59 -26.32 1.73
C ARG A 555 11.37 -26.04 2.99
N LEU A 556 11.49 -24.74 3.31
CA LEU A 556 12.14 -24.28 4.53
C LEU A 556 11.09 -24.09 5.62
N GLU A 557 11.30 -24.71 6.79
CA GLU A 557 10.33 -24.63 7.90
C GLU A 557 10.93 -23.74 9.01
N ARG A 558 10.04 -23.14 9.80
CA ARG A 558 10.40 -22.28 10.86
C ARG A 558 9.43 -22.57 11.98
N TYR A 559 9.94 -22.47 13.19
CA TYR A 559 9.12 -22.71 14.38
C TYR A 559 9.40 -21.56 15.36
N ASN A 560 8.34 -20.87 15.74
CA ASN A 560 8.43 -19.70 16.54
C ASN A 560 9.45 -18.72 16.02
N GLY A 561 9.47 -18.54 14.70
CA GLY A 561 10.36 -17.58 14.09
C GLY A 561 11.79 -17.97 13.85
N LEU A 562 12.21 -19.18 14.26
CA LEU A 562 13.53 -19.72 13.96
C LEU A 562 13.53 -20.90 12.99
N PRO A 563 14.57 -21.05 12.16
CA PRO A 563 14.66 -22.19 11.27
C PRO A 563 14.52 -23.51 12.05
N SER A 564 13.75 -24.43 11.49
CA SER A 564 13.34 -25.62 12.17
C SER A 564 13.13 -26.81 11.23
N MET A 565 13.03 -27.98 11.86
CA MET A 565 12.81 -29.22 11.15
C MET A 565 11.93 -30.07 12.04
N GLU A 566 10.71 -30.31 11.58
CA GLU A 566 9.76 -31.11 12.32
C GLU A 566 10.10 -32.60 12.19
N ILE A 567 10.19 -33.29 13.33
CA ILE A 567 10.39 -34.72 13.36
C ILE A 567 9.21 -35.36 14.09
N LEU A 568 8.62 -36.35 13.40
CA LEU A 568 7.48 -37.12 13.87
C LEU A 568 7.91 -38.56 14.30
N GLY A 569 7.08 -39.17 15.14
CA GLY A 569 7.33 -40.55 15.56
C GLY A 569 6.38 -41.09 16.60
N GLN A 570 6.60 -42.37 16.96
CA GLN A 570 5.74 -43.13 17.91
C GLN A 570 6.47 -43.65 19.14
N ALA A 571 5.78 -43.53 20.28
CA ALA A 571 5.97 -44.45 21.41
C ALA A 571 5.96 -45.94 20.89
N ALA A 572 7.07 -46.65 21.09
CA ALA A 572 7.17 -48.11 20.82
C ALA A 572 6.12 -48.92 21.62
N PRO A 573 5.81 -50.17 21.17
CA PRO A 573 4.63 -50.90 21.72
C PRO A 573 4.59 -51.01 23.27
N GLY A 574 3.51 -50.46 23.86
CA GLY A 574 3.33 -50.44 25.32
C GLY A 574 3.94 -49.28 26.11
N LYS A 575 5.00 -48.63 25.59
CA LYS A 575 5.70 -47.52 26.28
C LYS A 575 4.91 -46.21 26.18
N SER A 576 5.01 -45.35 27.21
CA SER A 576 4.21 -44.08 27.25
C SER A 576 4.81 -42.99 26.34
N THR A 577 3.95 -42.10 25.85
CA THR A 577 4.48 -40.92 25.14
C THR A 577 5.51 -40.22 26.05
N GLY A 578 5.13 -39.89 27.30
CA GLY A 578 6.07 -39.40 28.35
C GLY A 578 7.50 -39.98 28.32
N GLU A 579 7.63 -41.31 28.20
CA GLU A 579 8.93 -42.02 28.17
C GLU A 579 9.66 -41.86 26.83
N ALA A 580 8.90 -41.90 25.73
CA ALA A 580 9.49 -41.69 24.40
C ALA A 580 9.95 -40.21 24.24
N MET A 581 9.10 -39.25 24.61
CA MET A 581 9.50 -37.83 24.63
C MET A 581 10.83 -37.65 25.40
N GLU A 582 10.87 -38.22 26.61
CA GLU A 582 12.03 -38.14 27.51
C GLU A 582 13.30 -38.67 26.85
N LEU A 583 13.20 -39.80 26.12
CA LEU A 583 14.36 -40.29 25.36
C LEU A 583 14.80 -39.32 24.28
N MET A 584 13.83 -38.79 23.52
CA MET A 584 14.12 -37.83 22.43
C MET A 584 14.87 -36.62 22.97
N GLU A 585 14.49 -36.16 24.17
CA GLU A 585 15.25 -35.09 24.86
C GLU A 585 16.75 -35.42 25.21
N GLN A 586 17.03 -36.69 25.53
CA GLN A 586 18.39 -37.09 25.89
C GLN A 586 19.22 -37.16 24.65
N LEU A 587 18.63 -37.69 23.59
CA LEU A 587 19.31 -37.74 22.30
C LEU A 587 19.60 -36.30 21.81
N ALA A 588 18.57 -35.44 21.87
CA ALA A 588 18.68 -34.02 21.45
C ALA A 588 19.74 -33.26 22.21
N SER A 589 19.80 -33.51 23.52
CA SER A 589 20.84 -32.93 24.43
C SER A 589 22.31 -33.10 24.01
N LYS A 590 22.60 -34.14 23.22
CA LYS A 590 23.94 -34.40 22.67
C LYS A 590 24.22 -33.77 21.29
N LEU A 591 23.34 -32.94 20.76
CA LEU A 591 23.48 -32.49 19.37
C LEU A 591 24.47 -31.31 19.34
N PRO A 592 24.92 -30.86 18.15
CA PRO A 592 25.88 -29.75 18.20
C PRO A 592 25.35 -28.49 18.91
N THR A 593 26.30 -27.69 19.38
CA THR A 593 26.04 -26.41 19.97
C THR A 593 25.25 -25.56 19.00
N GLY A 594 24.23 -24.91 19.55
CA GLY A 594 23.32 -24.03 18.82
C GLY A 594 21.99 -24.67 18.46
N VAL A 595 21.92 -26.00 18.50
CA VAL A 595 20.73 -26.73 18.13
C VAL A 595 19.89 -27.05 19.38
N GLY A 596 18.63 -26.65 19.35
CA GLY A 596 17.67 -26.86 20.43
C GLY A 596 16.44 -27.57 19.88
N TYR A 597 15.40 -27.62 20.71
CA TYR A 597 14.21 -28.34 20.35
C TYR A 597 13.05 -27.80 21.16
N ASP A 598 11.86 -28.12 20.72
CA ASP A 598 10.66 -27.85 21.47
C ASP A 598 9.64 -28.92 21.05
N TRP A 599 8.57 -29.06 21.81
CA TRP A 599 7.47 -29.98 21.47
C TRP A 599 6.28 -29.15 20.97
N THR A 600 5.61 -29.64 19.96
CA THR A 600 4.45 -28.96 19.40
C THR A 600 3.28 -29.97 19.24
N GLY A 601 2.11 -29.48 18.83
CA GLY A 601 0.93 -30.30 18.49
C GLY A 601 0.50 -31.22 19.63
N MET A 602 0.33 -32.50 19.32
CA MET A 602 -0.07 -33.51 20.32
C MET A 602 0.88 -33.46 21.55
N SER A 603 2.17 -33.32 21.30
CA SER A 603 3.17 -33.27 22.37
C SER A 603 3.21 -31.99 23.25
N TYR A 604 2.62 -30.87 22.81
CA TYR A 604 2.69 -29.61 23.56
C TYR A 604 2.26 -29.74 25.03
N GLN A 605 1.08 -30.28 25.28
CA GLN A 605 0.51 -30.34 26.65
C GLN A 605 0.99 -31.61 27.38
N ALA B 1 -33.45 -4.20 12.44
CA ALA B 1 -33.12 -4.17 10.99
C ALA B 1 -31.83 -4.99 10.75
N PRO B 2 -31.69 -5.66 9.60
CA PRO B 2 -30.37 -6.27 9.36
C PRO B 2 -29.23 -5.21 9.32
N PRO B 3 -28.16 -5.40 10.10
CA PRO B 3 -27.12 -4.39 10.04
C PRO B 3 -26.44 -4.38 8.64
N ALA B 4 -26.10 -3.20 8.19
CA ALA B 4 -25.44 -3.01 6.92
C ALA B 4 -24.11 -2.28 7.13
N VAL B 5 -23.06 -2.78 6.49
CA VAL B 5 -21.77 -2.13 6.47
C VAL B 5 -21.54 -1.63 5.02
N THR B 6 -21.07 -0.40 4.88
CA THR B 6 -21.01 0.26 3.57
C THR B 6 -19.55 0.61 3.28
N ILE B 7 -19.04 0.25 2.12
CA ILE B 7 -17.70 0.66 1.68
C ILE B 7 -17.87 1.74 0.62
N SER B 8 -17.12 2.82 0.68
CA SER B 8 -17.19 3.84 -0.33
C SER B 8 -15.83 4.13 -0.82
N ALA B 9 -15.68 4.29 -2.12
CA ALA B 9 -14.41 4.69 -2.68
C ALA B 9 -14.62 5.56 -3.92
N SER B 10 -13.56 6.22 -4.33
CA SER B 10 -13.65 7.26 -5.35
C SER B 10 -12.47 7.20 -6.30
N TYR B 11 -12.70 7.52 -7.56
CA TYR B 11 -11.68 7.54 -8.60
C TYR B 11 -12.05 8.78 -9.45
N PRO B 12 -11.30 9.88 -9.29
CA PRO B 12 -11.67 11.11 -9.92
C PRO B 12 -11.55 10.99 -11.38
N GLY B 13 -12.60 11.43 -12.09
CA GLY B 13 -12.65 11.36 -13.54
C GLY B 13 -12.96 10.01 -14.18
N ALA B 14 -13.24 8.99 -13.39
CA ALA B 14 -13.56 7.67 -13.90
C ALA B 14 -15.04 7.55 -14.21
N ASP B 15 -15.32 6.81 -15.26
CA ASP B 15 -16.65 6.44 -15.65
C ASP B 15 -17.02 5.15 -14.91
N ALA B 16 -18.30 4.82 -14.96
CA ALA B 16 -18.86 3.70 -14.22
C ALA B 16 -18.16 2.34 -14.44
N LYS B 17 -17.83 2.09 -15.69
CA LYS B 17 -17.26 0.84 -16.11
C LYS B 17 -15.83 0.74 -15.59
N THR B 18 -15.10 1.84 -15.66
CA THR B 18 -13.77 1.91 -15.08
C THR B 18 -13.79 1.70 -13.57
N VAL B 19 -14.70 2.39 -12.91
CA VAL B 19 -14.85 2.17 -11.49
C VAL B 19 -15.18 0.70 -11.24
N GLN B 20 -16.14 0.18 -11.99
CA GLN B 20 -16.60 -1.16 -11.74
C GLN B 20 -15.46 -2.19 -11.91
N ASP B 21 -14.65 -2.02 -12.94
CA ASP B 21 -13.72 -3.04 -13.32
C ASP B 21 -12.31 -2.91 -12.72
N THR B 22 -11.97 -1.79 -12.07
CA THR B 22 -10.70 -1.64 -11.41
C THR B 22 -10.84 -1.57 -9.92
N VAL B 23 -12.07 -1.36 -9.46
CA VAL B 23 -12.34 -1.23 -8.08
C VAL B 23 -13.39 -2.21 -7.54
N THR B 24 -14.62 -2.10 -8.05
CA THR B 24 -15.75 -2.77 -7.47
C THR B 24 -15.64 -4.28 -7.53
N GLN B 25 -15.37 -4.80 -8.72
CA GLN B 25 -15.15 -6.25 -8.87
C GLN B 25 -14.05 -6.75 -7.97
N VAL B 26 -12.97 -5.96 -7.86
CA VAL B 26 -11.81 -6.36 -7.09
C VAL B 26 -12.12 -6.44 -5.61
N ILE B 27 -12.73 -5.41 -5.04
CA ILE B 27 -13.19 -5.50 -3.64
C ILE B 27 -14.17 -6.68 -3.42
N GLU B 28 -15.19 -6.78 -4.27
CA GLU B 28 -16.19 -7.85 -4.20
C GLU B 28 -15.54 -9.27 -4.13
N GLN B 29 -14.57 -9.52 -5.02
CA GLN B 29 -13.87 -10.81 -5.10
C GLN B 29 -13.11 -11.19 -3.81
N ASN B 30 -12.91 -10.21 -2.95
CA ASN B 30 -12.12 -10.37 -1.75
C ASN B 30 -12.90 -10.19 -0.47
N MET B 31 -14.22 -10.15 -0.55
CA MET B 31 -15.10 -10.10 0.64
C MET B 31 -15.42 -11.52 1.13
N ASN B 32 -14.44 -12.40 1.13
CA ASN B 32 -14.62 -13.81 1.54
C ASN B 32 -14.25 -13.93 2.96
N GLY B 33 -14.76 -14.97 3.59
CA GLY B 33 -14.36 -15.33 4.94
C GLY B 33 -14.93 -14.42 6.00
N ILE B 34 -15.97 -13.67 5.65
CA ILE B 34 -16.64 -12.79 6.59
C ILE B 34 -17.91 -13.52 7.11
N ASP B 35 -18.14 -13.47 8.43
CA ASP B 35 -19.24 -14.21 9.07
C ASP B 35 -20.59 -13.49 8.87
N ASN B 36 -21.64 -14.27 8.64
CA ASN B 36 -23.01 -13.84 8.64
C ASN B 36 -23.42 -12.81 7.60
N LEU B 37 -22.72 -12.79 6.49
CA LEU B 37 -23.11 -11.99 5.35
C LEU B 37 -24.35 -12.60 4.68
N MET B 38 -25.49 -11.90 4.70
CA MET B 38 -26.67 -12.38 4.01
C MET B 38 -26.58 -12.16 2.50
N TYR B 39 -26.23 -10.92 2.12
CA TYR B 39 -26.00 -10.51 0.71
C TYR B 39 -25.17 -9.23 0.59
N MET B 40 -24.79 -8.90 -0.64
CA MET B 40 -23.86 -7.82 -0.96
C MET B 40 -24.44 -7.17 -2.21
N SER B 41 -24.38 -5.85 -2.29
CA SER B 41 -24.87 -5.13 -3.45
C SER B 41 -23.93 -3.94 -3.76
N SER B 42 -23.85 -3.45 -4.98
CA SER B 42 -23.00 -2.34 -5.24
C SER B 42 -23.46 -1.53 -6.40
N ASN B 43 -23.02 -0.27 -6.40
CA ASN B 43 -23.13 0.66 -7.50
C ASN B 43 -21.80 1.18 -7.86
N SER B 44 -21.54 1.25 -9.15
CA SER B 44 -20.36 1.84 -9.71
C SER B 44 -20.89 2.94 -10.66
N ASP B 45 -20.53 4.18 -10.40
CA ASP B 45 -21.12 5.37 -11.02
C ASP B 45 -20.18 6.19 -11.83
N SER B 46 -20.76 6.91 -12.79
CA SER B 46 -20.04 7.83 -13.63
C SER B 46 -19.62 9.15 -13.01
N THR B 47 -19.93 9.30 -11.74
CA THR B 47 -19.29 10.30 -10.93
C THR B 47 -17.95 9.87 -10.38
N GLY B 48 -17.53 8.63 -10.64
CA GLY B 48 -16.26 8.16 -10.17
C GLY B 48 -16.31 7.57 -8.81
N THR B 49 -17.43 6.96 -8.47
CA THR B 49 -17.73 6.56 -7.13
C THR B 49 -18.31 5.17 -7.07
N VAL B 50 -17.95 4.42 -6.03
CA VAL B 50 -18.55 3.14 -5.76
C VAL B 50 -19.04 3.01 -4.33
N GLN B 51 -20.20 2.36 -4.19
CA GLN B 51 -20.72 2.05 -2.88
C GLN B 51 -21.03 0.58 -2.85
N ILE B 52 -20.42 -0.15 -1.91
CA ILE B 52 -20.71 -1.56 -1.69
C ILE B 52 -21.44 -1.70 -0.34
N THR B 53 -22.60 -2.35 -0.35
CA THR B 53 -23.41 -2.48 0.85
C THR B 53 -23.41 -3.95 1.19
N LEU B 54 -22.83 -4.28 2.31
CA LEU B 54 -22.85 -5.65 2.78
C LEU B 54 -23.87 -5.72 3.94
N THR B 55 -24.84 -6.59 3.81
CA THR B 55 -25.95 -6.73 4.74
C THR B 55 -25.79 -8.04 5.47
N PHE B 56 -25.83 -7.99 6.79
CA PHE B 56 -25.59 -9.12 7.66
C PHE B 56 -26.91 -9.69 8.22
N GLU B 57 -26.92 -10.96 8.56
CA GLU B 57 -28.05 -11.61 9.27
C GLU B 57 -28.47 -10.74 10.49
N SER B 58 -29.77 -10.76 10.79
CA SER B 58 -30.23 -10.04 11.99
C SER B 58 -29.63 -10.61 13.26
N GLY B 59 -29.36 -9.75 14.23
CA GLY B 59 -28.65 -10.14 15.44
C GLY B 59 -27.13 -10.10 15.34
N THR B 60 -26.55 -9.90 14.14
CA THR B 60 -25.08 -9.78 13.96
C THR B 60 -24.52 -8.59 14.78
N ASP B 61 -23.37 -8.75 15.50
CA ASP B 61 -22.61 -7.63 16.16
C ASP B 61 -22.05 -6.73 15.02
N ALA B 62 -22.61 -5.56 14.85
CA ALA B 62 -22.17 -4.61 13.84
C ALA B 62 -20.67 -4.21 13.91
N ASP B 63 -20.13 -4.13 15.12
CA ASP B 63 -18.69 -3.90 15.43
C ASP B 63 -17.83 -4.90 14.72
N ILE B 64 -18.23 -6.16 14.85
CA ILE B 64 -17.49 -7.31 14.40
C ILE B 64 -17.59 -7.35 12.90
N ALA B 65 -18.80 -7.17 12.36
CA ALA B 65 -19.01 -7.10 10.93
C ALA B 65 -18.17 -5.99 10.28
N GLN B 66 -18.20 -4.80 10.85
CA GLN B 66 -17.42 -3.74 10.29
C GLN B 66 -15.92 -4.13 10.25
N VAL B 67 -15.45 -4.70 11.36
CA VAL B 67 -14.04 -5.01 11.51
C VAL B 67 -13.64 -6.05 10.46
N GLN B 68 -14.45 -7.11 10.35
CA GLN B 68 -14.14 -8.20 9.45
C GLN B 68 -14.11 -7.63 8.08
N VAL B 69 -15.07 -6.75 7.76
CA VAL B 69 -15.06 -6.12 6.45
C VAL B 69 -13.78 -5.31 6.20
N GLN B 70 -13.44 -4.46 7.16
CA GLN B 70 -12.31 -3.52 7.02
C GLN B 70 -11.06 -4.32 6.85
N ASN B 71 -10.99 -5.45 7.57
CA ASN B 71 -9.79 -6.27 7.45
C ASN B 71 -9.63 -6.90 6.07
N LYS B 72 -10.72 -7.38 5.47
CA LYS B 72 -10.63 -7.90 4.11
C LYS B 72 -10.29 -6.82 3.10
N LEU B 73 -10.88 -5.66 3.32
CA LEU B 73 -10.65 -4.55 2.43
C LEU B 73 -9.18 -4.11 2.44
N GLN B 74 -8.58 -4.07 3.65
CA GLN B 74 -7.17 -3.81 3.84
C GLN B 74 -6.28 -4.77 3.02
N LEU B 75 -6.63 -6.03 2.98
CA LEU B 75 -5.84 -6.99 2.24
C LEU B 75 -6.01 -6.86 0.73
N ALA B 76 -7.13 -6.26 0.30
CA ALA B 76 -7.37 -5.95 -1.12
C ALA B 76 -6.84 -4.56 -1.53
N MET B 77 -6.52 -3.67 -0.59
CA MET B 77 -6.12 -2.29 -0.96
C MET B 77 -5.00 -2.22 -2.00
N PRO B 78 -4.02 -3.14 -1.94
CA PRO B 78 -2.94 -3.08 -2.93
C PRO B 78 -3.31 -3.49 -4.32
N LEU B 79 -4.51 -4.04 -4.51
CA LEU B 79 -4.96 -4.42 -5.82
C LEU B 79 -5.71 -3.23 -6.46
N LEU B 80 -5.96 -2.15 -5.72
CA LEU B 80 -6.73 -1.06 -6.26
C LEU B 80 -5.80 -0.03 -6.87
N PRO B 81 -6.33 0.74 -7.82
CA PRO B 81 -5.56 1.83 -8.42
C PRO B 81 -5.07 2.79 -7.34
N GLN B 82 -3.81 3.23 -7.46
CA GLN B 82 -3.20 4.26 -6.63
C GLN B 82 -4.11 5.50 -6.50
N GLU B 83 -4.83 5.87 -7.58
CA GLU B 83 -5.73 7.02 -7.56
C GLU B 83 -6.89 6.83 -6.58
N VAL B 84 -7.29 5.59 -6.37
CA VAL B 84 -8.38 5.29 -5.46
C VAL B 84 -7.87 5.16 -4.04
N GLN B 85 -6.77 4.41 -3.87
CA GLN B 85 -6.15 4.26 -2.58
C GLN B 85 -5.92 5.62 -1.95
N GLN B 86 -5.35 6.52 -2.73
CA GLN B 86 -4.94 7.84 -2.24
C GLN B 86 -6.12 8.75 -1.90
N GLN B 87 -7.32 8.46 -2.37
CA GLN B 87 -8.50 9.23 -1.89
C GLN B 87 -8.95 8.82 -0.50
N GLY B 88 -8.55 7.66 -0.02
CA GLY B 88 -9.13 7.12 1.21
C GLY B 88 -10.44 6.37 1.01
N VAL B 89 -10.44 5.10 1.33
CA VAL B 89 -11.63 4.26 1.23
C VAL B 89 -12.23 4.31 2.61
N SER B 90 -13.53 4.51 2.70
CA SER B 90 -14.19 4.48 3.97
C SER B 90 -15.11 3.27 4.13
N VAL B 91 -15.22 2.79 5.38
CA VAL B 91 -16.12 1.74 5.72
C VAL B 91 -16.96 2.13 6.91
N GLU B 92 -18.28 2.09 6.75
CA GLU B 92 -19.19 2.58 7.77
C GLU B 92 -20.24 1.59 8.21
N LYS B 93 -20.70 1.74 9.44
CA LYS B 93 -21.70 0.85 10.00
C LYS B 93 -22.78 1.79 10.42
N SER B 94 -23.67 2.16 9.51
CA SER B 94 -24.71 3.09 9.94
C SER B 94 -26.01 2.87 9.25
N SER B 95 -27.03 3.47 9.83
CA SER B 95 -28.30 3.64 9.16
C SER B 95 -28.11 4.27 7.80
N SER B 96 -29.02 3.99 6.89
CA SER B 96 -29.05 4.72 5.62
C SER B 96 -29.79 6.05 5.69
N SER B 97 -30.63 6.28 6.67
CA SER B 97 -31.37 7.55 6.84
C SER B 97 -30.62 8.56 7.73
N PHE B 98 -30.94 9.84 7.59
CA PHE B 98 -30.39 10.88 8.44
C PHE B 98 -31.07 11.00 9.77
N LEU B 99 -30.27 11.12 10.83
CA LEU B 99 -30.70 11.46 12.15
C LEU B 99 -30.94 12.93 12.23
N MET B 100 -30.04 13.72 11.64
CA MET B 100 -30.16 15.13 11.65
C MET B 100 -29.26 15.80 10.62
N VAL B 101 -29.60 17.07 10.38
CA VAL B 101 -28.85 17.92 9.49
C VAL B 101 -28.44 19.14 10.25
N VAL B 102 -27.17 19.49 10.10
CA VAL B 102 -26.67 20.70 10.64
C VAL B 102 -26.50 21.61 9.50
N GLY B 103 -27.22 22.72 9.53
CA GLY B 103 -27.13 23.71 8.49
C GLY B 103 -26.24 24.85 8.93
N VAL B 104 -25.62 25.51 7.95
CA VAL B 104 -24.75 26.61 8.21
C VAL B 104 -24.94 27.63 7.09
N ILE B 105 -25.27 28.85 7.54
CA ILE B 105 -25.48 30.03 6.68
C ILE B 105 -24.61 31.23 7.09
N ASN B 106 -24.48 32.19 6.20
CA ASN B 106 -23.94 33.46 6.59
C ASN B 106 -25.01 34.56 6.59
N THR B 107 -25.56 34.86 7.78
CA THR B 107 -26.58 35.93 8.01
C THR B 107 -26.22 37.31 7.45
N ASP B 108 -24.94 37.64 7.35
CA ASP B 108 -24.44 38.92 6.79
C ASP B 108 -23.97 38.80 5.33
N GLY B 109 -24.48 37.81 4.59
CA GLY B 109 -23.92 37.47 3.25
C GLY B 109 -22.44 37.77 2.97
N THR B 110 -21.55 37.55 3.94
CA THR B 110 -20.07 37.75 3.81
C THR B 110 -19.35 36.62 3.06
N MET B 111 -20.01 35.46 2.96
CA MET B 111 -19.36 34.21 2.55
C MET B 111 -20.27 33.55 1.51
N THR B 112 -19.69 33.10 0.41
CA THR B 112 -20.47 32.33 -0.58
C THR B 112 -20.76 30.89 -0.13
N GLN B 113 -21.63 30.21 -0.87
CA GLN B 113 -21.90 28.80 -0.66
C GLN B 113 -20.56 28.03 -0.55
N GLU B 114 -19.60 28.39 -1.40
CA GLU B 114 -18.35 27.66 -1.51
C GLU B 114 -17.44 27.90 -0.31
N ASP B 115 -17.41 29.16 0.18
CA ASP B 115 -16.65 29.53 1.38
C ASP B 115 -17.18 28.84 2.60
N ILE B 116 -18.52 28.82 2.73
CA ILE B 116 -19.16 28.23 3.85
C ILE B 116 -18.87 26.72 3.92
N SER B 117 -18.98 26.04 2.77
CA SER B 117 -18.73 24.61 2.68
C SER B 117 -17.31 24.29 3.14
N ASP B 118 -16.36 25.15 2.77
CA ASP B 118 -14.96 24.95 3.15
C ASP B 118 -14.83 25.19 4.61
N TYR B 119 -15.43 26.28 5.13
CA TYR B 119 -15.37 26.52 6.56
C TYR B 119 -15.87 25.25 7.29
N VAL B 120 -16.96 24.66 6.83
CA VAL B 120 -17.56 23.53 7.52
C VAL B 120 -16.60 22.32 7.45
N ALA B 121 -16.06 22.10 6.26
CA ALA B 121 -15.17 20.98 6.01
C ALA B 121 -13.92 21.09 6.88
N ALA B 122 -13.41 22.31 6.96
CA ALA B 122 -12.10 22.57 7.52
C ALA B 122 -12.10 22.77 9.05
N ASN B 123 -13.27 23.19 9.60
CA ASN B 123 -13.40 23.52 11.02
C ASN B 123 -14.42 22.78 11.86
N MET B 124 -15.39 22.08 11.27
CA MET B 124 -16.47 21.47 12.00
C MET B 124 -16.64 19.93 11.80
N LYS B 125 -16.42 19.46 10.56
CA LYS B 125 -16.78 18.14 10.18
C LYS B 125 -16.02 17.03 10.92
N ASP B 126 -14.74 17.19 11.10
CA ASP B 126 -13.95 16.16 11.70
C ASP B 126 -14.33 15.95 13.14
N ALA B 127 -14.46 17.02 13.93
CA ALA B 127 -14.90 16.81 15.30
C ALA B 127 -16.30 16.21 15.36
N ILE B 128 -17.19 16.59 14.46
CA ILE B 128 -18.48 15.93 14.44
C ILE B 128 -18.32 14.45 14.09
N SER B 129 -17.53 14.15 13.09
CA SER B 129 -17.26 12.77 12.70
C SER B 129 -16.69 11.88 13.79
N ARG B 130 -16.03 12.47 14.81
CA ARG B 130 -15.35 11.71 15.88
C ARG B 130 -16.26 11.59 17.06
N THR B 131 -17.45 12.16 16.98
CA THR B 131 -18.38 12.07 18.07
C THR B 131 -18.94 10.62 18.14
N SER B 132 -19.01 10.02 19.32
CA SER B 132 -19.58 8.66 19.44
C SER B 132 -21.09 8.61 19.01
N GLY B 133 -21.43 7.55 18.30
CA GLY B 133 -22.75 7.40 17.69
C GLY B 133 -22.92 7.99 16.31
N VAL B 134 -21.91 8.72 15.82
CA VAL B 134 -22.00 9.33 14.53
C VAL B 134 -21.45 8.31 13.51
N GLY B 135 -22.36 7.78 12.71
CA GLY B 135 -22.06 6.73 11.79
C GLY B 135 -21.50 7.16 10.44
N ASP B 136 -21.99 8.28 9.93
CA ASP B 136 -21.64 8.76 8.61
C ASP B 136 -21.97 10.24 8.63
N VAL B 137 -21.08 11.03 8.03
CA VAL B 137 -21.27 12.46 7.91
C VAL B 137 -21.08 12.77 6.46
N GLN B 138 -22.07 13.38 5.86
CA GLN B 138 -22.08 13.84 4.49
C GLN B 138 -21.98 15.37 4.53
N LEU B 139 -20.90 15.90 3.92
CA LEU B 139 -20.78 17.32 3.71
C LEU B 139 -21.65 17.72 2.48
N PHE B 140 -22.48 18.75 2.69
CA PHE B 140 -23.32 19.26 1.64
C PHE B 140 -22.59 20.39 1.00
N GLY B 141 -21.57 20.01 0.24
CA GLY B 141 -20.58 20.91 -0.30
C GLY B 141 -19.26 20.16 -0.43
N SER B 142 -18.18 20.91 -0.66
CA SER B 142 -16.85 20.30 -0.73
C SER B 142 -15.81 21.15 0.03
N GLN B 143 -14.78 20.49 0.58
CA GLN B 143 -13.63 21.24 1.15
C GLN B 143 -12.89 21.87 -0.02
N TYR B 144 -12.22 23.00 0.24
CA TYR B 144 -11.37 23.55 -0.78
C TYR B 144 -10.17 22.63 -1.01
N ALA B 145 -9.69 22.60 -2.25
CA ALA B 145 -8.42 22.15 -2.69
C ALA B 145 -7.72 23.37 -3.32
N MET B 146 -6.41 23.32 -3.52
CA MET B 146 -5.76 24.29 -4.42
C MET B 146 -6.10 23.86 -5.85
N ARG B 147 -6.76 24.70 -6.64
CA ARG B 147 -7.12 24.36 -8.00
C ARG B 147 -6.22 25.05 -8.98
N ILE B 148 -5.53 24.25 -9.79
CA ILE B 148 -4.75 24.74 -10.90
C ILE B 148 -5.59 24.56 -12.18
N TRP B 149 -6.13 25.65 -12.75
CA TRP B 149 -7.07 25.56 -13.91
C TRP B 149 -6.27 25.82 -15.18
N MET B 150 -5.92 24.75 -15.90
CA MET B 150 -4.92 24.83 -16.96
C MET B 150 -5.54 25.40 -18.24
N ASN B 151 -4.71 26.09 -19.01
CA ASN B 151 -5.09 26.67 -20.29
C ASN B 151 -4.27 25.97 -21.36
N PRO B 152 -4.92 25.27 -22.29
CA PRO B 152 -4.13 24.50 -23.21
C PRO B 152 -3.41 25.32 -24.28
N ASN B 153 -3.88 26.53 -24.55
CA ASN B 153 -3.26 27.41 -25.56
C ASN B 153 -1.95 27.88 -24.98
N GLU B 154 -1.98 28.32 -23.72
CA GLU B 154 -0.77 28.74 -23.05
C GLU B 154 0.23 27.58 -22.80
N LEU B 155 -0.28 26.37 -22.51
CA LEU B 155 0.60 25.20 -22.36
C LEU B 155 1.31 24.92 -23.71
N ASN B 156 0.55 24.89 -24.79
CA ASN B 156 1.12 24.64 -26.11
C ASN B 156 2.12 25.75 -26.55
N LYS B 157 1.79 27.02 -26.34
CA LYS B 157 2.77 28.14 -26.56
C LYS B 157 4.15 27.87 -25.95
N PHE B 158 4.19 27.39 -24.71
CA PHE B 158 5.46 27.07 -24.05
C PHE B 158 5.91 25.60 -24.18
N GLN B 159 5.35 24.86 -25.12
CA GLN B 159 5.63 23.40 -25.30
C GLN B 159 5.55 22.57 -24.01
N LEU B 160 4.46 22.77 -23.26
CA LEU B 160 4.20 22.05 -22.04
C LEU B 160 2.87 21.34 -22.11
N THR B 161 2.77 20.40 -21.17
CA THR B 161 1.58 19.61 -21.00
C THR B 161 1.22 19.48 -19.53
N PRO B 162 0.03 18.91 -19.25
CA PRO B 162 -0.28 18.67 -17.88
C PRO B 162 0.73 17.73 -17.17
N VAL B 163 1.38 16.82 -17.88
CA VAL B 163 2.43 16.01 -17.24
C VAL B 163 3.53 16.92 -16.60
N ASP B 164 4.00 17.94 -17.34
CA ASP B 164 5.02 18.88 -16.88
C ASP B 164 4.48 19.67 -15.70
N VAL B 165 3.20 20.08 -15.75
CA VAL B 165 2.57 20.77 -14.59
C VAL B 165 2.58 19.90 -13.34
N ILE B 166 2.18 18.67 -13.48
CA ILE B 166 2.03 17.74 -12.32
C ILE B 166 3.43 17.50 -11.73
N THR B 167 4.39 17.26 -12.61
CA THR B 167 5.77 16.97 -12.19
C THR B 167 6.30 18.14 -11.37
N ALA B 168 5.99 19.35 -11.82
CA ALA B 168 6.57 20.52 -11.24
C ALA B 168 5.92 20.83 -9.89
N ILE B 169 4.65 20.47 -9.73
CA ILE B 169 3.93 20.66 -8.49
C ILE B 169 4.49 19.66 -7.50
N LYS B 170 4.71 18.42 -7.89
CA LYS B 170 5.20 17.47 -6.91
C LYS B 170 6.60 17.87 -6.46
N ALA B 171 7.41 18.39 -7.34
CA ALA B 171 8.76 18.85 -6.99
C ALA B 171 8.82 20.14 -6.23
N GLN B 172 7.85 21.05 -6.39
CA GLN B 172 7.94 22.37 -5.82
C GLN B 172 6.94 22.67 -4.73
N ASN B 173 5.99 21.78 -4.51
CA ASN B 173 5.11 21.80 -3.36
C ASN B 173 5.40 20.49 -2.65
N ALA B 174 6.54 20.46 -1.97
CA ALA B 174 7.09 19.24 -1.37
C ALA B 174 7.40 19.53 0.09
N GLN B 175 7.42 18.46 0.88
CA GLN B 175 7.76 18.55 2.30
C GLN B 175 8.92 17.63 2.54
N VAL B 176 10.10 18.19 2.74
CA VAL B 176 11.34 17.45 2.69
C VAL B 176 11.96 17.12 4.05
N ALA B 177 12.24 15.84 4.27
CA ALA B 177 12.96 15.38 5.43
C ALA B 177 14.45 15.57 5.17
N ALA B 178 15.07 16.50 5.90
CA ALA B 178 16.45 16.89 5.57
C ALA B 178 17.51 16.62 6.64
N GLY B 179 17.12 16.02 7.74
CA GLY B 179 18.04 15.64 8.79
C GLY B 179 18.40 16.81 9.64
N GLN B 180 19.59 16.73 10.25
CA GLN B 180 20.06 17.69 11.19
C GLN B 180 21.53 18.00 11.03
N LEU B 181 21.86 19.18 11.55
CA LEU B 181 23.24 19.47 11.92
C LEU B 181 23.52 18.89 13.31
N GLY B 182 24.70 18.32 13.48
CA GLY B 182 25.05 17.67 14.70
C GLY B 182 24.17 16.53 15.02
N GLY B 183 23.62 15.88 13.99
CA GLY B 183 22.79 14.74 14.16
C GLY B 183 23.52 13.51 14.66
N THR B 184 22.81 12.62 15.31
CA THR B 184 23.39 11.36 15.80
C THR B 184 23.60 10.34 14.70
N PRO B 185 24.61 9.50 14.82
CA PRO B 185 25.71 9.64 15.78
C PRO B 185 26.62 10.81 15.40
N PRO B 186 27.08 11.61 16.38
CA PRO B 186 27.83 12.83 16.09
C PRO B 186 29.30 12.61 16.20
N VAL B 187 30.10 13.54 15.67
CA VAL B 187 31.50 13.60 16.02
C VAL B 187 31.71 14.08 17.48
N LYS B 188 32.79 13.60 18.10
CA LYS B 188 33.30 14.11 19.37
C LYS B 188 33.47 15.66 19.34
N GLY B 189 33.07 16.35 20.39
CA GLY B 189 33.22 17.81 20.48
C GLY B 189 32.17 18.69 19.74
N GLN B 190 31.12 18.08 19.17
CA GLN B 190 30.04 18.83 18.50
C GLN B 190 29.28 19.75 19.48
N GLN B 191 29.13 21.02 19.17
CA GLN B 191 28.43 21.93 20.09
C GLN B 191 26.97 22.28 19.71
N LEU B 192 26.71 22.23 18.42
CA LEU B 192 25.47 22.63 17.78
C LEU B 192 24.66 21.41 17.29
N ASN B 193 23.40 21.39 17.67
CA ASN B 193 22.40 20.52 17.08
C ASN B 193 21.23 21.38 16.65
N ALA B 194 20.84 21.22 15.38
CA ALA B 194 19.68 21.95 14.82
C ALA B 194 19.08 21.19 13.68
N SER B 195 17.74 21.24 13.62
CA SER B 195 17.07 20.67 12.46
C SER B 195 17.45 21.47 11.21
N ILE B 196 17.63 20.76 10.09
CA ILE B 196 17.64 21.34 8.76
C ILE B 196 16.23 21.36 8.16
N ILE B 197 15.83 22.52 7.64
CA ILE B 197 14.55 22.74 7.06
C ILE B 197 14.75 23.14 5.62
N ALA B 198 14.20 22.36 4.71
CA ALA B 198 14.34 22.59 3.27
C ALA B 198 12.97 22.97 2.78
N GLN B 199 12.51 22.41 1.67
CA GLN B 199 11.21 22.71 1.15
C GLN B 199 10.10 22.30 2.13
N THR B 200 9.05 23.14 2.19
CA THR B 200 7.81 22.91 2.92
C THR B 200 6.65 23.09 1.95
N ARG B 201 5.52 22.47 2.29
CA ARG B 201 4.32 22.61 1.50
C ARG B 201 4.00 24.07 1.29
N LEU B 202 3.49 24.37 0.11
CA LEU B 202 3.00 25.71 -0.20
C LEU B 202 1.67 25.96 0.49
N THR B 203 1.34 27.22 0.68
CA THR B 203 0.24 27.62 1.54
C THR B 203 -0.75 28.60 0.96
N SER B 204 -0.58 28.96 -0.28
CA SER B 204 -1.24 30.11 -0.88
C SER B 204 -1.18 29.98 -2.39
N THR B 205 -2.15 30.61 -3.05
CA THR B 205 -2.20 30.70 -4.53
C THR B 205 -0.99 31.46 -5.11
N GLU B 206 -0.60 32.54 -4.43
CA GLU B 206 0.65 33.26 -4.70
C GLU B 206 1.80 32.28 -4.86
N GLU B 207 1.95 31.36 -3.90
CA GLU B 207 3.08 30.39 -3.94
C GLU B 207 3.04 29.37 -5.06
N PHE B 208 1.85 28.82 -5.31
CA PHE B 208 1.66 27.91 -6.42
C PHE B 208 1.85 28.66 -7.73
N GLY B 209 1.47 29.94 -7.80
CA GLY B 209 1.61 30.68 -9.02
C GLY B 209 3.02 30.87 -9.46
N LYS B 210 3.96 30.88 -8.53
CA LYS B 210 5.35 31.10 -8.90
C LYS B 210 6.16 29.81 -8.98
N ILE B 211 5.45 28.68 -9.08
CA ILE B 211 6.11 27.44 -9.39
C ILE B 211 6.77 27.61 -10.74
N LEU B 212 8.04 27.20 -10.85
CA LEU B 212 8.79 27.45 -12.05
C LEU B 212 8.72 26.27 -12.94
N LEU B 213 7.99 26.41 -14.03
CA LEU B 213 7.81 25.30 -14.95
C LEU B 213 9.03 25.12 -15.85
N LYS B 214 9.58 26.22 -16.34
CA LYS B 214 10.75 26.15 -17.19
C LYS B 214 11.44 27.47 -17.48
N VAL B 215 12.71 27.38 -17.83
CA VAL B 215 13.51 28.55 -18.24
C VAL B 215 13.63 28.44 -19.75
N ASN B 216 13.07 29.37 -20.52
CA ASN B 216 13.20 29.32 -22.00
C ASN B 216 14.67 29.46 -22.44
N GLN B 217 14.97 29.09 -23.69
CA GLN B 217 16.35 29.19 -24.18
C GLN B 217 16.95 30.63 -24.18
N ASP B 218 16.09 31.66 -24.23
CA ASP B 218 16.54 33.05 -24.03
C ASP B 218 16.59 33.53 -22.56
N GLY B 219 16.42 32.62 -21.60
CA GLY B 219 16.54 32.95 -20.16
C GLY B 219 15.31 33.50 -19.45
N SER B 220 14.20 33.70 -20.16
CA SER B 220 12.95 34.08 -19.48
C SER B 220 12.29 32.84 -18.82
N ARG B 221 11.41 33.15 -17.88
CA ARG B 221 10.81 32.18 -16.98
C ARG B 221 9.35 31.96 -17.28
N VAL B 222 8.94 30.70 -17.30
CA VAL B 222 7.55 30.31 -17.45
C VAL B 222 7.09 29.83 -16.07
N LEU B 223 6.27 30.62 -15.41
CA LEU B 223 5.71 30.25 -14.12
C LEU B 223 4.35 29.54 -14.32
N LEU B 224 3.90 28.86 -13.29
CA LEU B 224 2.63 28.14 -13.37
C LEU B 224 1.46 29.08 -13.62
N ARG B 225 1.49 30.31 -13.08
CA ARG B 225 0.43 31.29 -13.34
C ARG B 225 0.39 31.79 -14.79
N ASP B 226 1.43 31.47 -15.55
CA ASP B 226 1.44 31.74 -17.01
C ASP B 226 0.75 30.72 -17.87
N VAL B 227 0.38 29.57 -17.32
CA VAL B 227 -0.43 28.57 -18.02
C VAL B 227 -1.69 28.13 -17.30
N ALA B 228 -2.04 28.77 -16.19
CA ALA B 228 -3.12 28.35 -15.34
C ALA B 228 -3.63 29.48 -14.54
N LYS B 229 -4.92 29.44 -14.23
CA LYS B 229 -5.52 30.27 -13.20
C LYS B 229 -5.44 29.49 -11.88
N ILE B 230 -5.03 30.15 -10.81
CA ILE B 230 -4.75 29.51 -9.54
C ILE B 230 -5.71 30.05 -8.48
N GLU B 231 -6.59 29.19 -7.93
CA GLU B 231 -7.59 29.58 -6.97
C GLU B 231 -7.93 28.45 -5.97
N LEU B 232 -8.25 28.79 -4.74
CA LEU B 232 -8.93 27.84 -3.91
C LEU B 232 -10.30 27.55 -4.52
N GLY B 233 -10.67 26.27 -4.58
CA GLY B 233 -11.97 25.85 -5.03
C GLY B 233 -12.24 24.41 -4.59
N GLY B 234 -13.47 23.93 -4.68
CA GLY B 234 -13.82 22.66 -4.12
C GLY B 234 -13.05 21.53 -4.77
N GLU B 235 -12.80 20.47 -4.02
CA GLU B 235 -12.26 19.25 -4.57
C GLU B 235 -13.20 18.71 -5.60
N ASN B 236 -14.51 18.83 -5.32
CA ASN B 236 -15.52 18.73 -6.37
C ASN B 236 -16.50 19.87 -6.34
N TYR B 237 -17.29 19.94 -7.42
CA TYR B 237 -18.29 20.96 -7.56
C TYR B 237 -19.69 20.41 -7.61
N ASP B 238 -19.94 19.23 -7.05
CA ASP B 238 -21.21 18.54 -7.36
C ASP B 238 -22.38 18.77 -6.48
N ILE B 239 -22.14 19.25 -5.25
CA ILE B 239 -23.19 19.36 -4.26
C ILE B 239 -23.31 20.79 -3.82
N ILE B 240 -24.50 21.38 -3.99
CA ILE B 240 -24.78 22.76 -3.61
C ILE B 240 -26.02 22.77 -2.76
N ALA B 241 -26.06 23.61 -1.74
CA ALA B 241 -27.18 23.58 -0.82
C ALA B 241 -27.69 24.99 -0.56
N GLU B 242 -28.97 25.07 -0.19
CA GLU B 242 -29.64 26.30 0.22
C GLU B 242 -30.56 26.08 1.43
N PHE B 243 -30.63 27.09 2.29
CA PHE B 243 -31.56 27.14 3.43
C PHE B 243 -32.51 28.30 3.15
N ASN B 244 -33.78 28.01 3.03
CA ASN B 244 -34.78 29.05 2.63
C ASN B 244 -34.36 29.92 1.47
N GLY B 245 -33.75 29.31 0.49
CA GLY B 245 -33.29 30.01 -0.68
C GLY B 245 -31.96 30.73 -0.54
N GLN B 246 -31.38 30.73 0.64
CA GLN B 246 -30.09 31.43 0.87
C GLN B 246 -28.88 30.45 0.74
N PRO B 247 -27.66 30.93 0.33
CA PRO B 247 -26.47 30.08 0.28
C PRO B 247 -26.22 29.38 1.62
N ALA B 248 -25.94 28.07 1.55
CA ALA B 248 -25.71 27.28 2.72
C ALA B 248 -24.74 26.11 2.51
N SER B 249 -24.28 25.56 3.61
CA SER B 249 -23.71 24.26 3.57
C SER B 249 -24.24 23.50 4.74
N GLY B 250 -23.70 22.35 5.00
CA GLY B 250 -24.14 21.64 6.19
C GLY B 250 -23.64 20.21 6.22
N LEU B 251 -24.02 19.51 7.28
CA LEU B 251 -23.61 18.14 7.52
C LEU B 251 -24.84 17.28 7.69
N GLY B 252 -24.94 16.24 6.90
CA GLY B 252 -26.04 15.30 7.04
C GLY B 252 -25.46 14.17 7.86
N ILE B 253 -26.06 13.90 9.01
CA ILE B 253 -25.52 12.99 9.96
C ILE B 253 -26.42 11.76 10.12
N LYS B 254 -25.80 10.56 10.08
CA LYS B 254 -26.51 9.26 10.18
C LYS B 254 -26.05 8.57 11.44
N LEU B 255 -26.97 7.92 12.13
CA LEU B 255 -26.73 7.31 13.43
C LEU B 255 -25.98 6.00 13.26
N ALA B 256 -24.90 5.81 14.01
CA ALA B 256 -24.17 4.54 14.03
C ALA B 256 -25.07 3.41 14.50
N THR B 257 -25.08 2.31 13.75
CA THR B 257 -25.88 1.11 14.07
C THR B 257 -25.77 0.83 15.55
N GLY B 258 -26.91 0.75 16.24
CA GLY B 258 -26.91 0.48 17.69
C GLY B 258 -26.72 1.66 18.60
N ALA B 259 -26.53 2.86 18.08
CA ALA B 259 -26.26 4.01 18.95
C ALA B 259 -27.58 4.59 19.41
N ASN B 260 -27.51 5.43 20.43
CA ASN B 260 -28.68 6.10 20.93
C ASN B 260 -28.93 7.41 20.20
N ALA B 261 -30.06 7.48 19.47
CA ALA B 261 -30.41 8.69 18.75
C ALA B 261 -30.34 9.92 19.62
N LEU B 262 -30.96 9.87 20.79
CA LEU B 262 -31.14 11.10 21.52
C LEU B 262 -29.78 11.54 22.12
N ASP B 263 -29.03 10.60 22.68
CA ASP B 263 -27.72 10.95 23.28
C ASP B 263 -26.73 11.47 22.21
N THR B 264 -26.75 10.83 21.04
CA THR B 264 -25.92 11.22 19.92
C THR B 264 -26.27 12.58 19.41
N ALA B 265 -27.54 12.87 19.22
CA ALA B 265 -27.92 14.25 18.86
C ALA B 265 -27.44 15.31 19.83
N ALA B 266 -27.52 15.00 21.13
CA ALA B 266 -27.10 15.91 22.25
C ALA B 266 -25.61 16.16 22.27
N ALA B 267 -24.84 15.07 22.11
CA ALA B 267 -23.39 15.17 21.98
C ALA B 267 -23.05 16.00 20.75
N ILE B 268 -23.78 15.83 19.63
CA ILE B 268 -23.52 16.67 18.44
C ILE B 268 -23.72 18.15 18.73
N ARG B 269 -24.77 18.48 19.47
CA ARG B 269 -25.09 19.88 19.84
C ARG B 269 -24.04 20.45 20.78
N ALA B 270 -23.58 19.61 21.70
CA ALA B 270 -22.52 20.00 22.65
C ALA B 270 -21.22 20.33 21.90
N GLU B 271 -20.92 19.53 20.87
CA GLU B 271 -19.73 19.81 20.10
C GLU B 271 -19.85 21.08 19.26
N LEU B 272 -21.01 21.33 18.68
CA LEU B 272 -21.22 22.57 17.93
C LEU B 272 -21.12 23.81 18.82
N ALA B 273 -21.58 23.68 20.06
CA ALA B 273 -21.44 24.75 21.07
C ALA B 273 -20.00 25.06 21.43
N LYS B 274 -19.09 24.10 21.27
CA LYS B 274 -17.63 24.42 21.33
C LYS B 274 -17.14 25.20 20.17
N MET B 275 -17.75 25.05 19.00
CA MET B 275 -17.22 25.73 17.83
C MET B 275 -17.77 27.12 17.63
N GLU B 276 -19.06 27.37 17.96
CA GLU B 276 -19.77 28.67 17.68
C GLU B 276 -18.95 29.92 17.98
N PRO B 277 -18.29 29.97 19.17
CA PRO B 277 -17.62 31.21 19.53
C PRO B 277 -16.49 31.66 18.61
N PHE B 278 -15.96 30.75 17.79
CA PHE B 278 -14.84 31.09 16.95
C PHE B 278 -15.26 31.25 15.48
N PHE B 279 -16.56 31.15 15.16
CA PHE B 279 -17.01 31.40 13.80
C PHE B 279 -16.63 32.80 13.36
N PRO B 280 -16.34 32.98 12.06
CA PRO B 280 -16.22 34.31 11.50
C PRO B 280 -17.57 35.00 11.52
N SER B 281 -17.56 36.32 11.40
CA SER B 281 -18.79 37.07 11.58
C SER B 281 -19.81 36.67 10.49
N GLY B 282 -21.07 36.59 10.89
CA GLY B 282 -22.13 36.20 10.01
C GLY B 282 -22.50 34.73 10.12
N LEU B 283 -21.57 33.88 10.53
CA LEU B 283 -21.74 32.47 10.31
C LEU B 283 -22.65 32.02 11.37
N LYS B 284 -23.59 31.16 11.02
CA LYS B 284 -24.59 30.78 11.93
C LYS B 284 -25.08 29.38 11.62
N ILE B 285 -25.41 28.66 12.69
CA ILE B 285 -25.91 27.34 12.64
C ILE B 285 -27.40 27.42 12.65
N VAL B 286 -28.05 26.61 11.80
CA VAL B 286 -29.49 26.44 11.83
C VAL B 286 -29.71 24.93 11.86
N TYR B 287 -30.92 24.53 12.26
CA TYR B 287 -31.25 23.16 12.55
C TYR B 287 -32.47 22.74 11.70
N PRO B 288 -32.23 22.36 10.42
CA PRO B 288 -33.34 22.14 9.50
C PRO B 288 -33.98 20.76 9.47
N TYR B 289 -33.49 19.81 10.22
CA TYR B 289 -34.04 18.48 10.19
C TYR B 289 -33.54 17.78 11.46
N ASP B 290 -34.37 17.76 12.48
CA ASP B 290 -34.12 17.04 13.71
C ASP B 290 -35.16 15.95 13.76
N THR B 291 -34.80 14.70 13.62
CA THR B 291 -35.77 13.61 13.85
C THR B 291 -36.03 13.38 15.35
N GLN B 309 -41.48 13.10 12.62
CA GLN B 309 -42.79 13.64 13.06
C GLN B 309 -43.05 15.15 12.90
N GLY B 310 -42.08 16.06 13.14
CA GLY B 310 -42.24 17.50 12.76
C GLY B 310 -41.45 17.89 11.50
N VAL B 311 -41.04 16.89 10.72
CA VAL B 311 -40.09 17.03 9.62
C VAL B 311 -40.47 15.99 8.61
N PHE B 312 -40.06 16.18 7.37
CA PHE B 312 -40.15 15.18 6.34
C PHE B 312 -39.15 15.59 5.25
N MET B 313 -38.96 14.70 4.28
CA MET B 313 -38.05 15.00 3.17
C MET B 313 -38.82 15.06 1.87
N THR B 314 -38.21 15.62 0.84
CA THR B 314 -38.70 15.53 -0.49
C THR B 314 -37.55 15.12 -1.40
N MET B 315 -37.80 14.08 -2.21
CA MET B 315 -36.84 13.51 -3.14
C MET B 315 -37.04 14.12 -4.48
N VAL B 316 -35.97 14.32 -5.20
CA VAL B 316 -36.04 14.80 -6.59
C VAL B 316 -35.14 13.86 -7.39
N GLN B 317 -35.72 13.10 -8.34
CA GLN B 317 -34.98 12.22 -9.30
C GLN B 317 -35.30 12.60 -10.72
N LEU B 318 -34.32 13.18 -11.39
CA LEU B 318 -34.44 13.44 -12.78
C LEU B 318 -33.80 12.24 -13.55
N PRO B 319 -34.19 12.05 -14.82
CA PRO B 319 -33.55 10.96 -15.61
C PRO B 319 -32.07 11.24 -15.80
N ALA B 320 -31.25 10.18 -15.82
CA ALA B 320 -29.78 10.32 -16.05
C ALA B 320 -29.58 11.14 -17.31
N GLY B 321 -28.54 11.95 -17.34
CA GLY B 321 -28.36 12.92 -18.46
C GLY B 321 -28.80 14.34 -18.10
N ALA B 322 -29.75 14.48 -17.15
CA ALA B 322 -30.15 15.77 -16.61
C ALA B 322 -28.97 16.43 -15.85
N THR B 323 -28.88 17.73 -16.02
CA THR B 323 -27.74 18.53 -15.59
C THR B 323 -28.02 19.23 -14.25
N GLN B 324 -26.99 19.85 -13.69
CA GLN B 324 -27.13 20.58 -12.41
C GLN B 324 -28.26 21.65 -12.50
N GLU B 325 -28.36 22.37 -13.62
CA GLU B 325 -29.33 23.46 -13.75
C GLU B 325 -30.80 22.94 -13.82
N ARG B 326 -31.05 21.81 -14.46
CA ARG B 326 -32.42 21.30 -14.56
C ARG B 326 -32.86 20.68 -13.21
N THR B 327 -31.93 20.07 -12.47
CA THR B 327 -32.25 19.63 -11.14
C THR B 327 -32.60 20.84 -10.21
N GLN B 328 -31.84 21.91 -10.37
CA GLN B 328 -32.00 23.15 -9.61
C GLN B 328 -33.35 23.79 -9.85
N LYS B 329 -33.77 23.76 -11.10
CA LYS B 329 -35.04 24.31 -11.49
C LYS B 329 -36.14 23.57 -10.76
N VAL B 330 -36.04 22.24 -10.69
CA VAL B 330 -37.05 21.45 -10.02
C VAL B 330 -37.02 21.68 -8.51
N LEU B 331 -35.83 21.79 -7.95
CA LEU B 331 -35.69 22.07 -6.51
C LEU B 331 -36.30 23.44 -6.17
N ASN B 332 -36.13 24.42 -7.08
CA ASN B 332 -36.68 25.73 -6.86
C ASN B 332 -38.19 25.65 -6.84
N GLU B 333 -38.81 24.82 -7.69
CA GLU B 333 -40.24 24.63 -7.66
C GLU B 333 -40.73 23.98 -6.33
N VAL B 334 -39.99 22.97 -5.90
CA VAL B 334 -40.29 22.32 -4.63
C VAL B 334 -40.20 23.34 -3.45
N THR B 335 -39.09 24.08 -3.40
CA THR B 335 -38.80 25.03 -2.33
C THR B 335 -39.91 26.10 -2.35
N HIS B 336 -40.19 26.59 -3.53
CA HIS B 336 -41.18 27.65 -3.74
C HIS B 336 -42.55 27.28 -3.18
N TYR B 337 -42.97 26.04 -3.43
CA TYR B 337 -44.22 25.53 -3.01
C TYR B 337 -44.23 25.52 -1.49
N TYR B 338 -43.20 24.97 -0.85
CA TYR B 338 -43.19 24.95 0.62
C TYR B 338 -43.15 26.43 1.22
N LEU B 339 -42.50 27.38 0.54
CA LEU B 339 -42.33 28.74 1.08
C LEU B 339 -43.44 29.69 0.73
N THR B 340 -44.31 29.29 -0.19
CA THR B 340 -45.50 30.06 -0.56
C THR B 340 -46.79 29.38 -0.16
N LYS B 341 -47.12 28.26 -0.80
CA LYS B 341 -48.33 27.51 -0.46
C LYS B 341 -48.39 26.98 0.98
N GLU B 342 -47.27 26.51 1.52
CA GLU B 342 -47.29 25.92 2.88
C GLU B 342 -46.66 26.76 3.98
N LYS B 343 -46.54 28.06 3.77
CA LYS B 343 -45.75 28.90 4.68
C LYS B 343 -46.31 28.99 6.09
N ASN B 344 -47.61 28.75 6.25
CA ASN B 344 -48.19 28.70 7.60
C ASN B 344 -47.80 27.43 8.31
N ASN B 345 -47.35 26.39 7.61
CA ASN B 345 -46.92 25.19 8.26
C ASN B 345 -45.43 24.94 8.25
N VAL B 346 -44.72 25.48 7.27
CA VAL B 346 -43.34 25.14 7.05
C VAL B 346 -42.44 26.25 7.59
N GLU B 347 -41.52 25.90 8.45
CA GLU B 347 -40.58 26.83 9.06
C GLU B 347 -39.40 26.93 8.13
N SER B 348 -38.92 25.79 7.60
CA SER B 348 -37.81 25.87 6.68
C SER B 348 -37.70 24.74 5.70
N VAL B 349 -36.93 25.01 4.65
CA VAL B 349 -36.50 24.01 3.68
C VAL B 349 -34.99 24.09 3.51
N PHE B 350 -34.29 22.98 3.69
CA PHE B 350 -32.88 22.87 3.36
C PHE B 350 -32.81 21.97 2.12
N ALA B 351 -32.31 22.53 1.01
CA ALA B 351 -32.35 21.84 -0.30
C ALA B 351 -30.95 21.56 -0.78
N VAL B 352 -30.70 20.34 -1.20
CA VAL B 352 -29.41 19.96 -1.65
C VAL B 352 -29.49 19.51 -3.07
N ASN B 353 -28.78 20.20 -3.95
CA ASN B 353 -28.66 19.79 -5.35
C ASN B 353 -27.39 18.96 -5.59
N GLY B 354 -27.55 17.74 -6.11
CA GLY B 354 -26.49 16.81 -6.32
C GLY B 354 -26.42 15.61 -5.36
N PHE B 355 -27.21 15.58 -4.31
CA PHE B 355 -27.20 14.46 -3.43
C PHE B 355 -28.63 14.01 -3.43
N GLY B 356 -28.88 12.71 -3.38
CA GLY B 356 -30.26 12.20 -3.35
C GLY B 356 -30.55 10.97 -2.48
N PHE B 357 -30.18 11.05 -1.19
CA PHE B 357 -30.48 10.01 -0.16
C PHE B 357 -29.74 8.70 -0.49
N ALA B 358 -30.24 7.96 -1.48
CA ALA B 358 -29.51 6.84 -2.08
C ALA B 358 -28.90 7.34 -3.39
N GLY B 359 -27.60 7.61 -3.35
CA GLY B 359 -26.84 8.11 -4.49
C GLY B 359 -26.50 9.60 -4.49
N ARG B 360 -25.68 9.96 -5.48
CA ARG B 360 -25.03 11.23 -5.64
C ARG B 360 -24.89 11.45 -7.17
N GLY B 361 -25.43 12.51 -7.73
CA GLY B 361 -25.40 12.74 -9.19
C GLY B 361 -26.01 14.09 -9.56
N GLN B 362 -25.68 14.58 -10.75
CA GLN B 362 -26.20 15.83 -11.29
C GLN B 362 -27.74 15.86 -11.45
N ASN B 363 -28.34 14.68 -11.57
CA ASN B 363 -29.77 14.52 -11.83
C ASN B 363 -30.57 14.27 -10.55
N THR B 364 -30.03 14.58 -9.36
CA THR B 364 -30.74 14.22 -8.13
C THR B 364 -30.62 15.28 -7.05
N GLY B 365 -31.64 15.35 -6.21
CA GLY B 365 -31.65 16.30 -5.12
C GLY B 365 -32.52 15.82 -4.02
N ILE B 366 -32.42 16.46 -2.88
CA ILE B 366 -33.27 16.19 -1.74
C ILE B 366 -33.59 17.52 -1.04
N ALA B 367 -34.81 17.66 -0.51
CA ALA B 367 -35.14 18.83 0.33
C ALA B 367 -35.54 18.35 1.71
N PHE B 368 -34.97 18.95 2.74
CA PHE B 368 -35.34 18.59 4.09
C PHE B 368 -36.27 19.67 4.56
N VAL B 369 -37.48 19.29 4.96
CA VAL B 369 -38.51 20.22 5.36
C VAL B 369 -38.73 20.20 6.85
N SER B 370 -38.74 21.39 7.46
CA SER B 370 -39.00 21.50 8.88
C SER B 370 -40.28 22.29 9.14
N LEU B 371 -41.18 21.71 9.91
CA LEU B 371 -42.45 22.35 10.23
C LEU B 371 -42.41 23.21 11.47
N LYS B 372 -43.35 24.15 11.51
CA LYS B 372 -43.57 24.96 12.68
C LYS B 372 -44.05 24.06 13.83
N ASP B 373 -44.15 24.65 15.01
CA ASP B 373 -44.66 23.96 16.17
C ASP B 373 -46.04 23.36 15.86
N TRP B 374 -46.16 22.09 16.21
CA TRP B 374 -47.39 21.31 16.15
C TRP B 374 -48.62 22.08 16.68
N ALA B 375 -48.48 22.69 17.86
CA ALA B 375 -49.46 23.58 18.47
C ALA B 375 -49.97 24.67 17.53
N ASP B 376 -49.08 25.23 16.71
CA ASP B 376 -49.45 26.27 15.71
C ASP B 376 -49.90 25.76 14.34
N ARG B 377 -50.08 24.45 14.19
CA ARG B 377 -50.59 23.81 12.98
C ARG B 377 -51.82 23.00 13.41
N PRO B 378 -52.87 23.70 13.89
CA PRO B 378 -53.99 22.95 14.41
C PRO B 378 -54.84 22.43 13.22
N GLY B 379 -55.41 21.24 13.37
CA GLY B 379 -56.23 20.61 12.32
C GLY B 379 -55.54 19.45 11.59
N GLU B 380 -56.29 18.39 11.31
CA GLU B 380 -55.74 17.19 10.65
C GLU B 380 -55.05 17.56 9.34
N GLU B 381 -55.59 18.56 8.65
CA GLU B 381 -55.07 19.00 7.34
C GLU B 381 -53.69 19.74 7.38
N ASN B 382 -53.26 20.14 8.57
CA ASN B 382 -51.97 20.76 8.82
C ASN B 382 -51.03 19.87 9.63
N LYS B 383 -51.25 18.55 9.65
CA LYS B 383 -50.32 17.58 10.24
C LYS B 383 -49.50 16.93 9.12
N VAL B 384 -48.33 16.39 9.48
CA VAL B 384 -47.36 15.84 8.49
C VAL B 384 -48.01 15.06 7.36
N GLU B 385 -48.95 14.18 7.70
CA GLU B 385 -49.46 13.20 6.75
C GLU B 385 -50.21 13.89 5.62
N ALA B 386 -51.18 14.71 5.99
CA ALA B 386 -51.90 15.53 5.05
C ALA B 386 -50.95 16.47 4.25
N ILE B 387 -49.94 17.06 4.90
CA ILE B 387 -49.00 18.00 4.18
C ILE B 387 -48.19 17.28 3.10
N THR B 388 -47.56 16.18 3.47
CA THR B 388 -46.79 15.37 2.50
C THR B 388 -47.62 14.89 1.35
N MET B 389 -48.83 14.48 1.69
CA MET B 389 -49.77 13.98 0.70
C MET B 389 -50.17 15.09 -0.24
N ARG B 390 -50.54 16.27 0.28
CA ARG B 390 -50.76 17.43 -0.63
C ARG B 390 -49.51 17.77 -1.48
N ALA B 391 -48.32 17.73 -0.87
CA ALA B 391 -47.12 18.11 -1.62
C ALA B 391 -46.86 17.11 -2.78
N THR B 392 -47.00 15.82 -2.47
CA THR B 392 -46.85 14.80 -3.51
C THR B 392 -47.81 15.08 -4.64
N ARG B 393 -49.09 15.37 -4.32
CA ARG B 393 -50.05 15.75 -5.39
C ARG B 393 -49.57 16.97 -6.17
N ALA B 394 -49.14 18.03 -5.49
CA ALA B 394 -48.70 19.23 -6.22
C ALA B 394 -47.48 19.02 -7.15
N PHE B 395 -46.63 18.05 -6.80
CA PHE B 395 -45.41 17.76 -7.57
C PHE B 395 -45.59 16.60 -8.59
N SER B 396 -46.74 15.92 -8.56
CA SER B 396 -46.97 14.77 -9.45
C SER B 396 -47.01 15.15 -10.95
N GLN B 397 -47.29 16.41 -11.25
CA GLN B 397 -47.31 16.85 -12.64
C GLN B 397 -46.10 17.72 -13.00
N ILE B 398 -44.94 17.46 -12.39
CA ILE B 398 -43.68 18.06 -12.88
C ILE B 398 -43.14 17.12 -13.94
N LYS B 399 -42.70 17.69 -15.08
CA LYS B 399 -42.22 16.95 -16.26
C LYS B 399 -40.91 16.23 -16.03
N ASP B 400 -40.85 14.96 -16.42
CA ASP B 400 -39.58 14.15 -16.43
C ASP B 400 -38.80 14.29 -15.09
N ALA B 401 -39.52 14.02 -13.99
CA ALA B 401 -38.96 14.05 -12.64
C ALA B 401 -39.89 13.26 -11.73
N MET B 402 -39.33 12.37 -10.96
CA MET B 402 -40.06 11.76 -9.89
C MET B 402 -39.79 12.69 -8.69
N VAL B 403 -40.85 13.32 -8.17
CA VAL B 403 -40.75 14.20 -7.01
C VAL B 403 -41.75 13.77 -5.98
N PHE B 404 -41.30 13.35 -4.80
CA PHE B 404 -42.23 12.90 -3.76
C PHE B 404 -41.75 13.24 -2.35
N ALA B 405 -42.72 13.46 -1.48
CA ALA B 405 -42.52 13.90 -0.15
C ALA B 405 -42.89 12.74 0.72
N PHE B 406 -42.01 12.42 1.67
CA PHE B 406 -42.11 11.22 2.48
C PHE B 406 -41.51 11.42 3.85
N ASN B 407 -42.14 10.81 4.85
CA ASN B 407 -41.62 10.80 6.20
C ASN B 407 -40.67 9.61 6.31
N LEU B 408 -39.63 9.73 7.15
CA LEU B 408 -38.58 8.70 7.36
C LEU B 408 -37.49 9.15 8.33
N THR B 418 -44.43 -0.27 0.93
CA THR B 418 -43.82 -1.60 0.88
C THR B 418 -44.59 -2.62 -0.03
N GLY B 419 -44.06 -2.81 -1.25
CA GLY B 419 -44.39 -3.94 -2.15
C GLY B 419 -43.17 -4.88 -2.30
N PHE B 420 -42.50 -4.91 -3.45
CA PHE B 420 -41.40 -5.89 -3.67
C PHE B 420 -40.09 -5.31 -4.20
N ASP B 421 -39.02 -6.07 -4.03
CA ASP B 421 -37.65 -5.63 -4.39
C ASP B 421 -36.87 -6.80 -5.09
N PHE B 422 -36.73 -6.73 -6.42
CA PHE B 422 -36.34 -7.85 -7.24
C PHE B 422 -35.01 -7.53 -7.91
N GLU B 423 -34.12 -8.52 -7.99
CA GLU B 423 -32.85 -8.38 -8.70
C GLU B 423 -32.82 -9.29 -9.88
N LEU B 424 -32.71 -8.72 -11.04
CA LEU B 424 -32.44 -9.50 -12.26
C LEU B 424 -30.93 -9.63 -12.31
N ILE B 425 -30.42 -10.84 -12.56
CA ILE B 425 -28.99 -11.14 -12.42
C ILE B 425 -28.37 -11.74 -13.67
N ASP B 426 -27.23 -11.21 -14.08
CA ASP B 426 -26.42 -11.78 -15.16
C ASP B 426 -25.66 -12.99 -14.67
N GLN B 427 -26.17 -14.19 -14.99
CA GLN B 427 -25.58 -15.43 -14.49
C GLN B 427 -24.52 -16.10 -15.40
N ALA B 428 -24.30 -15.59 -16.59
CA ALA B 428 -23.49 -16.31 -17.60
C ALA B 428 -22.62 -15.41 -18.43
N GLY B 429 -22.11 -14.32 -17.85
CA GLY B 429 -21.29 -13.34 -18.60
C GLY B 429 -21.95 -12.68 -19.80
N LEU B 430 -23.23 -12.48 -19.72
CA LEU B 430 -23.98 -11.98 -20.88
C LEU B 430 -23.60 -10.54 -21.21
N GLY B 431 -23.38 -9.73 -20.19
CA GLY B 431 -22.99 -8.32 -20.42
C GLY B 431 -24.15 -7.37 -20.17
N HIS B 432 -23.79 -6.10 -20.06
CA HIS B 432 -24.70 -5.00 -19.71
C HIS B 432 -25.89 -4.90 -20.69
N GLU B 433 -25.56 -4.96 -21.98
CA GLU B 433 -26.48 -4.66 -23.06
C GLU B 433 -27.56 -5.77 -23.09
N LYS B 434 -27.14 -7.03 -22.95
CA LYS B 434 -28.06 -8.12 -22.99
C LYS B 434 -28.85 -8.14 -21.72
N LEU B 435 -28.27 -7.77 -20.60
CA LEU B 435 -29.04 -7.75 -19.38
C LEU B 435 -30.09 -6.63 -19.45
N THR B 436 -29.79 -5.52 -20.13
CA THR B 436 -30.76 -4.45 -20.31
C THR B 436 -31.95 -4.96 -21.17
N GLN B 437 -31.66 -5.62 -22.28
CA GLN B 437 -32.74 -6.23 -23.13
C GLN B 437 -33.61 -7.17 -22.34
N ALA B 438 -32.97 -8.04 -21.55
CA ALA B 438 -33.70 -8.97 -20.68
C ALA B 438 -34.53 -8.29 -19.62
N ARG B 439 -34.01 -7.23 -19.02
CA ARG B 439 -34.78 -6.42 -18.08
C ARG B 439 -36.04 -5.85 -18.77
N ASN B 440 -35.84 -5.24 -19.93
CA ASN B 440 -36.90 -4.63 -20.71
C ASN B 440 -38.00 -5.62 -21.12
N GLN B 441 -37.61 -6.83 -21.49
CA GLN B 441 -38.52 -7.92 -21.75
C GLN B 441 -39.39 -8.25 -20.51
N LEU B 442 -38.76 -8.38 -19.35
CA LEU B 442 -39.52 -8.61 -18.14
C LEU B 442 -40.45 -7.43 -17.77
N LEU B 443 -40.01 -6.20 -17.96
CA LEU B 443 -40.84 -5.01 -17.64
C LEU B 443 -42.03 -4.95 -18.59
N ALA B 444 -41.82 -5.22 -19.87
CA ALA B 444 -42.87 -5.24 -20.88
C ALA B 444 -43.88 -6.34 -20.57
N GLU B 445 -43.40 -7.55 -20.23
CA GLU B 445 -44.32 -8.60 -19.80
C GLU B 445 -45.06 -8.24 -18.54
N ALA B 446 -44.45 -7.58 -17.57
CA ALA B 446 -45.14 -7.22 -16.32
C ALA B 446 -46.20 -6.10 -16.48
N ALA B 447 -45.96 -5.19 -17.42
CA ALA B 447 -46.94 -4.18 -17.83
C ALA B 447 -48.27 -4.76 -18.41
N LYS B 448 -48.22 -5.98 -18.96
CA LYS B 448 -49.39 -6.71 -19.48
C LYS B 448 -50.17 -7.51 -18.41
N HIS B 449 -49.84 -7.30 -17.14
CA HIS B 449 -50.66 -7.83 -16.04
C HIS B 449 -51.00 -6.71 -15.06
N PRO B 450 -51.79 -5.68 -15.50
CA PRO B 450 -52.07 -4.54 -14.58
C PRO B 450 -53.00 -4.87 -13.37
N ASP B 451 -53.72 -5.98 -13.49
CA ASP B 451 -54.47 -6.58 -12.38
C ASP B 451 -53.64 -7.20 -11.26
N MET B 452 -52.41 -7.62 -11.57
CA MET B 452 -51.53 -8.27 -10.58
C MET B 452 -50.37 -7.40 -10.09
N LEU B 453 -49.77 -6.63 -11.00
CA LEU B 453 -48.57 -5.81 -10.71
C LEU B 453 -48.81 -4.35 -11.06
N THR B 454 -48.31 -3.47 -10.22
CA THR B 454 -48.41 -2.06 -10.46
C THR B 454 -47.02 -1.40 -10.30
N SER B 455 -46.65 -0.51 -11.22
CA SER B 455 -45.42 0.31 -11.13
C SER B 455 -44.14 -0.53 -11.12
N VAL B 456 -44.14 -1.62 -11.89
CA VAL B 456 -42.96 -2.41 -12.03
C VAL B 456 -41.97 -1.62 -12.84
N ARG B 457 -40.83 -1.29 -12.22
CA ARG B 457 -39.87 -0.29 -12.73
C ARG B 457 -38.40 -0.55 -12.32
N PRO B 458 -37.46 -0.02 -13.08
CA PRO B 458 -36.08 -0.08 -12.67
C PRO B 458 -35.82 0.81 -11.51
N ASN B 459 -35.02 0.40 -10.55
CA ASN B 459 -34.56 1.39 -9.56
C ASN B 459 -33.37 2.25 -10.05
N GLY B 460 -32.66 1.76 -11.05
CA GLY B 460 -31.48 2.46 -11.57
C GLY B 460 -31.65 3.41 -12.73
N LEU B 461 -30.56 3.58 -13.46
CA LEU B 461 -30.42 4.59 -14.45
C LEU B 461 -30.27 4.01 -15.83
N GLU B 462 -30.75 4.78 -16.80
CA GLU B 462 -30.76 4.38 -18.18
C GLU B 462 -29.38 4.76 -18.76
N ASP B 463 -28.96 4.01 -19.77
CA ASP B 463 -27.75 4.42 -20.48
C ASP B 463 -27.95 5.80 -21.09
N THR B 464 -26.86 6.51 -21.28
CA THR B 464 -26.87 7.80 -21.89
C THR B 464 -25.72 7.96 -22.89
N PRO B 465 -25.80 8.95 -23.78
CA PRO B 465 -24.64 9.17 -24.62
C PRO B 465 -23.33 9.41 -23.90
N GLN B 466 -22.25 8.82 -24.42
CA GLN B 466 -20.91 9.04 -23.96
C GLN B 466 -19.99 9.14 -25.17
N PHE B 467 -18.86 9.79 -24.94
CA PHE B 467 -17.93 10.19 -26.00
C PHE B 467 -16.79 9.21 -26.03
N LYS B 468 -16.81 8.33 -27.01
CA LYS B 468 -15.81 7.29 -27.09
C LYS B 468 -14.64 7.82 -27.92
N ILE B 469 -13.47 7.93 -27.30
CA ILE B 469 -12.25 8.36 -27.99
C ILE B 469 -11.24 7.19 -28.11
N ASP B 470 -10.82 6.88 -29.35
CA ASP B 470 -9.83 5.84 -29.66
C ASP B 470 -8.50 6.50 -29.90
N ILE B 471 -7.50 6.11 -29.12
CA ILE B 471 -6.14 6.55 -29.32
C ILE B 471 -5.51 5.65 -30.38
N ASP B 472 -4.92 6.24 -31.41
CA ASP B 472 -4.24 5.46 -32.42
C ASP B 472 -2.79 5.19 -31.99
N GLN B 473 -2.56 3.93 -31.59
CA GLN B 473 -1.27 3.47 -31.06
C GLN B 473 -0.18 3.55 -32.10
N GLU B 474 -0.52 3.21 -33.36
CA GLU B 474 0.40 3.32 -34.50
C GLU B 474 0.83 4.75 -34.75
N LYS B 475 -0.13 5.66 -34.80
CA LYS B 475 0.20 7.05 -35.03
C LYS B 475 1.01 7.65 -33.83
N ALA B 476 0.66 7.31 -32.59
CA ALA B 476 1.40 7.79 -31.46
C ALA B 476 2.85 7.33 -31.55
N GLN B 477 3.05 6.06 -31.86
CA GLN B 477 4.40 5.53 -31.93
C GLN B 477 5.11 6.17 -33.12
N ALA B 478 4.44 6.34 -34.26
CA ALA B 478 5.14 6.99 -35.39
C ALA B 478 5.64 8.43 -35.06
N LEU B 479 4.86 9.16 -34.28
CA LEU B 479 5.19 10.54 -33.90
C LEU B 479 6.10 10.61 -32.68
N GLY B 480 6.23 9.53 -31.91
CA GLY B 480 7.08 9.54 -30.71
C GLY B 480 6.34 10.13 -29.53
N VAL B 481 5.04 9.92 -29.51
CA VAL B 481 4.22 10.44 -28.44
C VAL B 481 3.94 9.25 -27.56
N SER B 482 4.16 9.46 -26.28
CA SER B 482 3.97 8.43 -25.31
C SER B 482 2.48 8.33 -24.87
N ILE B 483 1.99 7.09 -24.82
CA ILE B 483 0.63 6.78 -24.37
C ILE B 483 0.34 7.29 -22.97
N ASN B 484 1.30 7.14 -22.05
CA ASN B 484 1.13 7.69 -20.73
C ASN B 484 0.98 9.19 -20.79
N ASP B 485 1.75 9.90 -21.58
CA ASP B 485 1.48 11.36 -21.70
C ASP B 485 0.12 11.73 -22.31
N ILE B 486 -0.31 10.97 -23.31
CA ILE B 486 -1.62 11.12 -23.89
C ILE B 486 -2.75 10.92 -22.85
N ASN B 487 -2.72 9.81 -22.10
CA ASN B 487 -3.77 9.47 -21.16
C ASN B 487 -3.74 10.36 -19.92
N THR B 488 -2.56 10.78 -19.49
CA THR B 488 -2.45 11.74 -18.41
C THR B 488 -2.97 13.10 -18.88
N THR B 489 -2.64 13.50 -20.10
CA THR B 489 -3.11 14.74 -20.66
C THR B 489 -4.63 14.81 -20.77
N LEU B 490 -5.24 13.74 -21.28
CA LEU B 490 -6.68 13.64 -21.42
C LEU B 490 -7.36 13.68 -20.08
N GLY B 491 -6.90 12.81 -19.20
CA GLY B 491 -7.50 12.66 -17.86
C GLY B 491 -7.38 13.85 -16.91
N ALA B 492 -6.20 14.42 -16.86
CA ALA B 492 -5.95 15.54 -15.98
C ALA B 492 -6.74 16.73 -16.46
N ALA B 493 -6.72 16.97 -17.76
CA ALA B 493 -7.48 18.06 -18.34
C ALA B 493 -8.97 17.94 -18.19
N TRP B 494 -9.54 16.82 -18.66
CA TRP B 494 -11.00 16.67 -18.71
C TRP B 494 -11.64 16.08 -17.44
N GLY B 495 -10.82 15.42 -16.62
CA GLY B 495 -11.30 14.76 -15.39
C GLY B 495 -10.76 15.30 -14.06
N GLY B 496 -9.60 15.90 -14.10
CA GLY B 496 -9.03 16.45 -12.88
C GLY B 496 -8.06 15.43 -12.36
N SER B 497 -6.98 15.85 -11.72
CA SER B 497 -6.07 14.90 -11.11
C SER B 497 -5.61 15.49 -9.78
N TYR B 498 -5.72 14.68 -8.71
CA TYR B 498 -5.22 14.95 -7.37
C TYR B 498 -3.73 14.73 -7.38
N VAL B 499 -2.98 15.82 -7.23
CA VAL B 499 -1.54 15.77 -7.35
C VAL B 499 -0.84 15.43 -6.03
N ASN B 500 -1.05 16.22 -5.00
CA ASN B 500 -0.44 16.01 -3.70
C ASN B 500 -1.11 17.00 -2.74
N ASP B 501 -0.60 17.11 -1.51
CA ASP B 501 -1.26 17.94 -0.50
C ASP B 501 -0.55 19.28 -0.26
N PHE B 502 -1.29 20.24 0.29
CA PHE B 502 -0.76 21.54 0.63
C PHE B 502 -1.42 21.91 1.94
N ILE B 503 -1.02 23.04 2.55
CA ILE B 503 -1.51 23.38 3.85
C ILE B 503 -2.21 24.69 3.68
N ASP B 504 -3.51 24.69 3.92
CA ASP B 504 -4.31 25.87 3.82
C ASP B 504 -4.71 26.28 5.24
N ARG B 505 -4.16 27.43 5.69
CA ARG B 505 -4.45 27.96 7.01
C ARG B 505 -4.28 26.92 8.05
N GLY B 506 -3.16 26.21 7.93
CA GLY B 506 -2.77 25.16 8.90
C GLY B 506 -3.35 23.74 8.77
N ARG B 507 -4.21 23.50 7.78
CA ARG B 507 -4.88 22.22 7.61
C ARG B 507 -4.43 21.61 6.34
N VAL B 508 -4.02 20.34 6.42
CA VAL B 508 -3.75 19.61 5.20
C VAL B 508 -4.99 19.52 4.29
N LYS B 509 -4.85 19.87 3.01
CA LYS B 509 -5.88 19.76 1.99
C LYS B 509 -5.25 19.36 0.65
N LYS B 510 -6.06 19.09 -0.35
CA LYS B 510 -5.56 18.57 -1.64
C LYS B 510 -5.23 19.66 -2.65
N VAL B 511 -4.44 19.27 -3.65
CA VAL B 511 -4.15 20.08 -4.82
C VAL B 511 -4.61 19.31 -6.05
N TYR B 512 -5.39 19.98 -6.92
CA TYR B 512 -5.90 19.43 -8.17
C TYR B 512 -5.50 20.24 -9.40
N VAL B 513 -5.17 19.54 -10.48
CA VAL B 513 -5.02 20.17 -11.78
C VAL B 513 -6.17 19.68 -12.66
N MET B 514 -6.69 20.60 -13.47
CA MET B 514 -7.78 20.33 -14.41
C MET B 514 -7.84 21.44 -15.42
N SER B 515 -8.39 21.21 -16.61
CA SER B 515 -8.60 22.33 -17.54
C SER B 515 -9.56 23.30 -16.93
N GLU B 516 -9.29 24.57 -17.17
CA GLU B 516 -10.30 25.58 -16.98
C GLU B 516 -11.53 25.19 -17.82
N ALA B 517 -12.68 25.50 -17.29
CA ALA B 517 -13.95 25.04 -17.80
C ALA B 517 -14.12 25.19 -19.29
N LYS B 518 -13.73 26.34 -19.81
CA LYS B 518 -14.05 26.66 -21.15
C LYS B 518 -13.22 25.88 -22.17
N TYR B 519 -12.19 25.14 -21.76
CA TYR B 519 -11.40 24.40 -22.70
C TYR B 519 -11.74 22.93 -22.59
N ARG B 520 -12.82 22.62 -21.89
CA ARG B 520 -13.24 21.23 -21.71
C ARG B 520 -14.78 21.07 -21.80
N MET B 521 -15.42 21.84 -22.66
CA MET B 521 -16.88 21.84 -22.74
C MET B 521 -17.46 21.09 -23.92
N LEU B 522 -16.74 21.09 -25.05
CA LEU B 522 -17.23 20.57 -26.29
C LEU B 522 -16.25 19.68 -27.02
N PRO B 523 -16.77 18.85 -27.95
CA PRO B 523 -15.90 17.88 -28.63
C PRO B 523 -14.75 18.52 -29.37
N ASP B 524 -14.95 19.67 -30.02
CA ASP B 524 -13.85 20.38 -30.71
C ASP B 524 -12.69 20.77 -29.78
N ASP B 525 -12.96 21.00 -28.49
CA ASP B 525 -11.92 21.29 -27.52
C ASP B 525 -10.85 20.20 -27.39
N ILE B 526 -11.23 18.94 -27.59
CA ILE B 526 -10.22 17.85 -27.62
C ILE B 526 -9.00 18.20 -28.48
N GLY B 527 -9.25 18.77 -29.66
CA GLY B 527 -8.23 19.13 -30.62
C GLY B 527 -7.31 20.26 -30.24
N ASP B 528 -7.63 20.99 -29.21
CA ASP B 528 -6.77 22.07 -28.71
C ASP B 528 -5.76 21.64 -27.65
N TRP B 529 -5.81 20.37 -27.19
CA TRP B 529 -4.86 19.87 -26.20
C TRP B 529 -3.69 19.28 -26.96
N TYR B 530 -2.48 19.71 -26.63
CA TYR B 530 -1.31 19.22 -27.27
C TYR B 530 -0.48 18.39 -26.32
N VAL B 531 0.23 17.41 -26.87
CA VAL B 531 1.16 16.59 -26.14
C VAL B 531 2.52 16.70 -26.81
N ARG B 532 3.61 16.67 -26.03
CA ARG B 532 4.97 16.84 -26.55
C ARG B 532 5.55 15.42 -26.84
N ALA B 533 6.01 15.25 -28.09
CA ALA B 533 6.70 14.05 -28.54
C ALA B 533 8.12 14.01 -28.00
N ALA B 534 8.71 12.81 -27.98
CA ALA B 534 10.17 12.58 -27.70
C ALA B 534 11.16 13.56 -28.41
N ASP B 535 10.87 13.95 -29.65
CA ASP B 535 11.67 14.95 -30.37
C ASP B 535 11.35 16.44 -30.10
N GLY B 536 10.52 16.74 -29.08
CA GLY B 536 10.16 18.09 -28.72
C GLY B 536 9.00 18.75 -29.45
N GLN B 537 8.52 18.16 -30.51
CA GLN B 537 7.36 18.72 -31.17
C GLN B 537 6.06 18.52 -30.40
N MET B 538 5.19 19.54 -30.48
CA MET B 538 3.85 19.53 -29.94
C MET B 538 2.92 18.94 -30.98
N VAL B 539 2.08 18.00 -30.55
CA VAL B 539 1.23 17.21 -31.39
C VAL B 539 -0.16 17.39 -30.82
N PRO B 540 -1.10 17.90 -31.63
CA PRO B 540 -2.50 17.97 -31.19
C PRO B 540 -3.13 16.58 -31.09
N PHE B 541 -4.12 16.46 -30.23
CA PHE B 541 -4.82 15.23 -29.94
C PHE B 541 -5.57 14.70 -31.16
N SER B 542 -5.87 15.60 -32.07
CA SER B 542 -6.54 15.25 -33.30
C SER B 542 -5.62 14.46 -34.21
N ALA B 543 -4.30 14.54 -34.06
CA ALA B 543 -3.47 13.78 -34.98
C ALA B 543 -3.41 12.27 -34.66
N PHE B 544 -3.77 11.88 -33.43
CA PHE B 544 -3.65 10.51 -32.98
C PHE B 544 -4.87 9.97 -32.30
N SER B 545 -6.02 10.57 -32.55
CA SER B 545 -7.26 10.08 -31.99
C SER B 545 -8.38 10.22 -32.93
N SER B 546 -9.46 9.54 -32.62
CA SER B 546 -10.73 9.57 -33.39
C SER B 546 -11.84 9.29 -32.41
N SER B 547 -13.05 9.77 -32.70
CA SER B 547 -14.08 9.67 -31.68
C SER B 547 -15.47 9.53 -32.24
N ARG B 548 -16.33 8.96 -31.41
CA ARG B 548 -17.73 8.76 -31.78
C ARG B 548 -18.59 8.74 -30.59
N TRP B 549 -19.88 9.03 -30.81
CA TRP B 549 -20.91 8.90 -29.81
C TRP B 549 -21.37 7.46 -29.72
N GLU B 550 -21.67 6.98 -28.49
CA GLU B 550 -22.23 5.67 -28.27
C GLU B 550 -23.10 5.76 -27.00
N TYR B 551 -23.77 4.69 -26.61
CA TYR B 551 -24.41 4.61 -25.31
C TYR B 551 -23.64 3.73 -24.29
N GLY B 552 -23.69 4.12 -23.03
CA GLY B 552 -23.27 3.29 -21.93
C GLY B 552 -23.92 3.77 -20.64
N SER B 553 -23.57 3.06 -19.54
CA SER B 553 -24.26 3.18 -18.28
C SER B 553 -23.60 4.21 -17.38
N PRO B 554 -24.39 5.08 -16.75
CA PRO B 554 -23.89 5.95 -15.73
C PRO B 554 -23.92 5.29 -14.36
N ARG B 555 -24.51 4.11 -14.26
CA ARG B 555 -24.54 3.42 -13.01
C ARG B 555 -24.72 1.91 -13.27
N LEU B 556 -23.67 1.15 -13.01
CA LEU B 556 -23.65 -0.30 -13.07
C LEU B 556 -23.86 -0.85 -11.69
N GLU B 557 -24.81 -1.77 -11.58
CA GLU B 557 -25.20 -2.39 -10.32
C GLU B 557 -24.70 -3.79 -10.31
N ARG B 558 -24.37 -4.30 -9.13
CA ARG B 558 -24.09 -5.73 -8.97
C ARG B 558 -24.80 -6.27 -7.73
N TYR B 559 -25.09 -7.58 -7.73
CA TYR B 559 -25.72 -8.27 -6.61
C TYR B 559 -25.08 -9.64 -6.32
N ASN B 560 -24.60 -9.79 -5.10
CA ASN B 560 -23.74 -10.91 -4.74
C ASN B 560 -22.71 -11.21 -5.81
N GLY B 561 -22.04 -10.14 -6.25
CA GLY B 561 -20.85 -10.27 -7.06
C GLY B 561 -21.06 -10.38 -8.53
N LEU B 562 -22.33 -10.40 -8.96
CA LEU B 562 -22.66 -10.53 -10.39
C LEU B 562 -23.41 -9.30 -10.92
N PRO B 563 -23.31 -9.04 -12.22
CA PRO B 563 -24.02 -7.89 -12.76
C PRO B 563 -25.50 -8.02 -12.53
N SER B 564 -26.16 -6.89 -12.26
CA SER B 564 -27.55 -6.93 -11.83
C SER B 564 -28.28 -5.68 -12.15
N MET B 565 -29.61 -5.85 -12.11
CA MET B 565 -30.55 -4.75 -12.30
C MET B 565 -31.72 -4.84 -11.35
N GLU B 566 -31.82 -3.84 -10.49
CA GLU B 566 -32.83 -3.85 -9.45
C GLU B 566 -34.17 -3.33 -10.03
N ILE B 567 -35.21 -4.12 -9.75
CA ILE B 567 -36.59 -3.82 -10.17
C ILE B 567 -37.48 -3.69 -8.91
N LEU B 568 -38.22 -2.60 -8.86
CA LEU B 568 -39.18 -2.38 -7.80
C LEU B 568 -40.57 -2.50 -8.40
N GLY B 569 -41.55 -2.68 -7.51
CA GLY B 569 -42.96 -2.83 -7.92
C GLY B 569 -43.80 -3.17 -6.70
N GLN B 570 -45.12 -3.23 -6.90
CA GLN B 570 -46.10 -3.59 -5.85
C GLN B 570 -47.19 -4.48 -6.44
N ALA B 571 -47.84 -5.21 -5.53
CA ALA B 571 -49.15 -5.81 -5.79
C ALA B 571 -50.14 -4.72 -6.22
N ALA B 572 -50.87 -4.98 -7.31
CA ALA B 572 -52.12 -4.23 -7.61
C ALA B 572 -53.15 -4.21 -6.43
N PRO B 573 -54.13 -3.28 -6.50
CA PRO B 573 -55.14 -3.29 -5.43
C PRO B 573 -55.91 -4.63 -5.36
N GLY B 574 -56.16 -5.10 -4.14
CA GLY B 574 -56.94 -6.32 -3.91
C GLY B 574 -56.19 -7.60 -4.13
N LYS B 575 -54.87 -7.55 -3.94
CA LYS B 575 -53.95 -8.64 -4.32
C LYS B 575 -52.82 -8.67 -3.32
N SER B 576 -52.34 -9.86 -2.99
CA SER B 576 -51.30 -10.01 -1.96
C SER B 576 -49.90 -9.95 -2.57
N THR B 577 -48.99 -9.30 -1.83
CA THR B 577 -47.56 -9.32 -2.12
C THR B 577 -47.04 -10.68 -2.64
N GLY B 578 -47.32 -11.77 -1.92
CA GLY B 578 -46.89 -13.13 -2.32
C GLY B 578 -47.42 -13.65 -3.66
N GLU B 579 -48.63 -13.23 -4.04
CA GLU B 579 -49.20 -13.52 -5.38
C GLU B 579 -48.43 -12.78 -6.48
N ALA B 580 -48.19 -11.50 -6.22
CA ALA B 580 -47.40 -10.63 -7.11
C ALA B 580 -45.99 -11.19 -7.28
N MET B 581 -45.34 -11.47 -6.17
CA MET B 581 -44.03 -12.11 -6.23
C MET B 581 -44.08 -13.38 -7.08
N GLU B 582 -45.10 -14.21 -6.88
CA GLU B 582 -45.18 -15.51 -7.57
C GLU B 582 -45.26 -15.28 -9.07
N LEU B 583 -46.03 -14.29 -9.50
CA LEU B 583 -46.08 -13.90 -10.91
C LEU B 583 -44.73 -13.36 -11.47
N MET B 584 -44.06 -12.49 -10.70
CA MET B 584 -42.69 -12.05 -11.06
C MET B 584 -41.78 -13.30 -11.30
N GLU B 585 -41.80 -14.27 -10.39
CA GLU B 585 -41.02 -15.51 -10.60
C GLU B 585 -41.41 -16.27 -11.90
N GLN B 586 -42.72 -16.30 -12.18
CA GLN B 586 -43.24 -16.92 -13.41
C GLN B 586 -42.74 -16.17 -14.63
N LEU B 587 -42.91 -14.86 -14.60
CA LEU B 587 -42.43 -14.05 -15.71
C LEU B 587 -40.91 -14.23 -15.92
N ALA B 588 -40.18 -14.27 -14.80
CA ALA B 588 -38.72 -14.38 -14.81
C ALA B 588 -38.21 -15.69 -15.41
N SER B 589 -38.96 -16.80 -15.22
CA SER B 589 -38.58 -18.12 -15.77
C SER B 589 -38.60 -18.26 -17.30
N LYS B 590 -39.14 -17.26 -18.00
CA LYS B 590 -39.21 -17.21 -19.47
C LYS B 590 -38.20 -16.20 -20.07
N LEU B 591 -37.20 -15.80 -19.29
CA LEU B 591 -36.26 -14.80 -19.76
C LEU B 591 -35.14 -15.49 -20.53
N PRO B 592 -34.36 -14.74 -21.33
CA PRO B 592 -33.29 -15.40 -22.11
C PRO B 592 -32.30 -16.19 -21.26
N THR B 593 -31.65 -17.16 -21.89
CA THR B 593 -30.72 -18.07 -21.19
C THR B 593 -29.60 -17.29 -20.52
N GLY B 594 -29.32 -17.69 -19.28
CA GLY B 594 -28.29 -17.06 -18.45
C GLY B 594 -28.78 -15.92 -17.54
N VAL B 595 -30.07 -15.56 -17.60
CA VAL B 595 -30.61 -14.51 -16.78
C VAL B 595 -31.32 -15.15 -15.64
N GLY B 596 -30.83 -14.91 -14.44
CA GLY B 596 -31.52 -15.34 -13.24
C GLY B 596 -32.09 -14.15 -12.50
N TYR B 597 -32.57 -14.44 -11.30
CA TYR B 597 -33.12 -13.46 -10.40
C TYR B 597 -32.97 -13.88 -8.95
N ASP B 598 -33.18 -12.90 -8.06
CA ASP B 598 -33.27 -13.11 -6.63
C ASP B 598 -34.09 -12.01 -5.97
N TRP B 599 -34.63 -12.31 -4.80
CA TRP B 599 -35.36 -11.35 -3.95
C TRP B 599 -34.41 -10.75 -2.94
N THR B 600 -34.56 -9.46 -2.65
CA THR B 600 -33.73 -8.78 -1.64
C THR B 600 -34.57 -7.80 -0.87
N GLY B 601 -33.92 -7.15 0.10
CA GLY B 601 -34.52 -6.03 0.83
C GLY B 601 -35.76 -6.52 1.59
N MET B 602 -36.85 -5.75 1.51
CA MET B 602 -38.18 -6.13 2.07
C MET B 602 -38.67 -7.52 1.61
N SER B 603 -38.29 -7.94 0.40
CA SER B 603 -38.70 -9.26 -0.11
C SER B 603 -37.85 -10.46 0.31
N TYR B 604 -36.81 -10.26 1.10
CA TYR B 604 -36.04 -11.39 1.64
C TYR B 604 -36.75 -11.94 2.89
N ALA C 1 -8.82 4.48 35.83
CA ALA C 1 -8.22 5.36 34.76
C ALA C 1 -8.86 5.09 33.37
N PRO C 2 -9.05 6.15 32.53
CA PRO C 2 -9.69 5.88 31.25
C PRO C 2 -8.70 5.18 30.30
N PRO C 3 -9.20 4.24 29.46
CA PRO C 3 -8.34 3.56 28.52
C PRO C 3 -7.90 4.48 27.38
N ALA C 4 -6.64 4.29 27.06
CA ALA C 4 -5.97 5.06 26.05
C ALA C 4 -5.28 4.15 25.04
N VAL C 5 -5.35 4.53 23.79
CA VAL C 5 -4.62 3.86 22.71
C VAL C 5 -3.65 4.89 22.08
N THR C 6 -2.41 4.45 21.86
CA THR C 6 -1.42 5.29 21.24
C THR C 6 -1.00 4.78 19.86
N ILE C 7 -0.95 5.67 18.89
CA ILE C 7 -0.42 5.41 17.54
C ILE C 7 0.98 6.04 17.49
N SER C 8 1.96 5.26 17.03
CA SER C 8 3.32 5.68 16.98
C SER C 8 3.84 5.52 15.59
N ALA C 9 4.47 6.56 15.08
CA ALA C 9 5.02 6.49 13.74
C ALA C 9 6.34 7.20 13.73
N SER C 10 7.12 6.92 12.69
CA SER C 10 8.49 7.43 12.63
C SER C 10 8.84 7.82 11.20
N TYR C 11 9.46 8.98 11.05
CA TYR C 11 9.86 9.47 9.73
C TYR C 11 11.32 9.85 9.88
N PRO C 12 12.25 8.98 9.48
CA PRO C 12 13.68 9.31 9.79
C PRO C 12 14.20 10.53 9.08
N GLY C 13 14.84 11.40 9.87
CA GLY C 13 15.41 12.61 9.32
C GLY C 13 14.39 13.71 9.16
N ALA C 14 13.15 13.51 9.67
CA ALA C 14 12.13 14.57 9.57
C ALA C 14 12.08 15.48 10.80
N ASP C 15 11.78 16.74 10.52
CA ASP C 15 11.53 17.79 11.48
C ASP C 15 10.10 17.77 11.92
N ALA C 16 9.84 18.49 13.01
CA ALA C 16 8.52 18.49 13.62
C ALA C 16 7.42 18.86 12.64
N LYS C 17 7.61 19.92 11.87
CA LYS C 17 6.57 20.36 10.95
C LYS C 17 6.32 19.37 9.80
N THR C 18 7.38 18.80 9.27
CA THR C 18 7.26 17.76 8.23
C THR C 18 6.42 16.55 8.69
N VAL C 19 6.69 16.09 9.90
CA VAL C 19 5.98 14.99 10.50
C VAL C 19 4.51 15.28 10.69
N GLN C 20 4.23 16.41 11.34
CA GLN C 20 2.88 16.87 11.56
C GLN C 20 2.05 16.95 10.30
N ASP C 21 2.61 17.59 9.28
CA ASP C 21 1.85 17.93 8.11
C ASP C 21 1.82 16.85 7.02
N THR C 22 2.65 15.81 7.15
CA THR C 22 2.54 14.66 6.26
C THR C 22 2.06 13.40 6.96
N VAL C 23 2.13 13.34 8.28
CA VAL C 23 1.67 12.16 9.00
C VAL C 23 0.60 12.49 10.00
N THR C 24 0.91 13.33 10.98
CA THR C 24 0.01 13.54 12.09
C THR C 24 -1.37 14.05 11.63
N GLN C 25 -1.44 15.13 10.84
CA GLN C 25 -2.72 15.64 10.37
C GLN C 25 -3.53 14.60 9.59
N VAL C 26 -2.82 13.82 8.76
CA VAL C 26 -3.48 12.86 7.86
C VAL C 26 -4.11 11.79 8.73
N ILE C 27 -3.44 11.36 9.78
CA ILE C 27 -3.97 10.29 10.65
C ILE C 27 -5.14 10.83 11.46
N GLU C 28 -4.97 12.01 12.05
CA GLU C 28 -6.04 12.65 12.83
C GLU C 28 -7.32 12.77 12.00
N GLN C 29 -7.18 13.23 10.76
CA GLN C 29 -8.34 13.36 9.85
C GLN C 29 -9.02 12.03 9.52
N ASN C 30 -8.42 10.90 9.85
CA ASN C 30 -9.01 9.62 9.59
C ASN C 30 -9.44 8.94 10.86
N MET C 31 -9.34 9.61 12.00
CA MET C 31 -9.86 9.04 13.27
C MET C 31 -11.39 9.25 13.57
N ASN C 32 -12.21 9.23 12.52
CA ASN C 32 -13.67 9.21 12.60
C ASN C 32 -14.27 7.80 12.68
N GLY C 33 -15.55 7.74 13.08
CA GLY C 33 -16.29 6.49 13.18
C GLY C 33 -15.81 5.52 14.22
N ILE C 34 -15.07 6.01 15.20
CA ILE C 34 -14.56 5.22 16.31
C ILE C 34 -15.48 5.46 17.55
N ASP C 35 -15.99 4.40 18.17
CA ASP C 35 -16.87 4.53 19.35
C ASP C 35 -16.14 4.94 20.66
N ASN C 36 -16.83 5.77 21.46
CA ASN C 36 -16.47 6.08 22.83
C ASN C 36 -15.22 6.92 23.04
N LEU C 37 -14.90 7.76 22.06
CA LEU C 37 -13.69 8.54 22.08
C LEU C 37 -13.96 9.79 22.85
N MET C 38 -13.24 10.03 23.93
CA MET C 38 -13.44 11.29 24.66
C MET C 38 -12.57 12.43 24.08
N TYR C 39 -11.29 12.14 23.83
CA TYR C 39 -10.41 13.11 23.24
C TYR C 39 -9.16 12.49 22.59
N MET C 40 -8.42 13.29 21.83
CA MET C 40 -7.31 12.85 21.06
C MET C 40 -6.23 13.92 21.23
N SER C 41 -4.99 13.53 21.50
CA SER C 41 -3.89 14.48 21.53
C SER C 41 -2.70 13.93 20.78
N SER C 42 -1.90 14.82 20.25
CA SER C 42 -0.74 14.34 19.56
C SER C 42 0.45 15.24 19.72
N ASN C 43 1.63 14.67 19.58
CA ASN C 43 2.80 15.50 19.33
C ASN C 43 3.68 14.97 18.28
N SER C 44 4.30 15.88 17.56
CA SER C 44 5.11 15.65 16.39
C SER C 44 6.44 16.36 16.61
N ASP C 45 7.56 15.63 16.49
CA ASP C 45 8.82 16.17 16.96
C ASP C 45 9.97 16.11 16.00
N SER C 46 11.06 16.78 16.40
CA SER C 46 12.26 16.96 15.60
C SER C 46 13.08 15.67 15.44
N THR C 47 12.78 14.62 16.22
CA THR C 47 13.38 13.32 16.04
C THR C 47 12.60 12.54 15.00
N GLY C 48 11.62 13.14 14.32
CA GLY C 48 10.86 12.45 13.30
C GLY C 48 9.78 11.55 13.89
N THR C 49 9.36 11.82 15.11
CA THR C 49 8.43 10.92 15.82
C THR C 49 7.05 11.61 15.95
N VAL C 50 5.99 10.85 15.75
CA VAL C 50 4.64 11.28 16.11
C VAL C 50 4.04 10.27 17.08
N GLN C 51 3.38 10.75 18.10
CA GLN C 51 2.53 9.92 18.99
C GLN C 51 1.15 10.52 19.07
N ILE C 52 0.12 9.74 18.68
CA ILE C 52 -1.26 10.18 18.79
C ILE C 52 -1.91 9.26 19.81
N THR C 53 -2.39 9.88 20.89
CA THR C 53 -2.98 9.19 22.00
C THR C 53 -4.50 9.51 21.90
N LEU C 54 -5.30 8.45 21.76
CA LEU C 54 -6.77 8.51 21.81
C LEU C 54 -7.23 8.02 23.17
N THR C 55 -8.04 8.82 23.87
CA THR C 55 -8.54 8.46 25.17
C THR C 55 -10.08 8.24 25.09
N PHE C 56 -10.50 7.09 25.59
CA PHE C 56 -11.84 6.59 25.51
C PHE C 56 -12.58 6.67 26.89
N GLU C 57 -13.91 6.62 26.84
CA GLU C 57 -14.77 6.66 28.06
C GLU C 57 -14.34 5.52 28.98
N SER C 58 -14.35 5.75 30.29
CA SER C 58 -14.21 4.68 31.29
C SER C 58 -15.27 3.64 31.07
N GLY C 59 -14.86 2.36 31.10
CA GLY C 59 -15.71 1.22 30.74
C GLY C 59 -15.73 0.77 29.26
N THR C 60 -15.08 1.53 28.36
CA THR C 60 -14.86 1.07 27.01
C THR C 60 -13.98 -0.17 27.03
N ASP C 61 -14.36 -1.19 26.29
CA ASP C 61 -13.49 -2.32 26.03
C ASP C 61 -12.29 -1.84 25.18
N ALA C 62 -11.12 -1.87 25.81
CA ALA C 62 -9.82 -1.43 25.25
C ALA C 62 -9.38 -2.17 24.01
N ASP C 63 -9.74 -3.44 23.92
CA ASP C 63 -9.41 -4.23 22.71
C ASP C 63 -10.24 -3.76 21.53
N ILE C 64 -11.55 -3.50 21.73
CA ILE C 64 -12.39 -2.96 20.66
C ILE C 64 -11.85 -1.56 20.27
N ALA C 65 -11.48 -0.75 21.26
CA ALA C 65 -10.93 0.56 20.95
C ALA C 65 -9.70 0.45 20.06
N GLN C 66 -8.83 -0.49 20.44
CA GLN C 66 -7.58 -0.69 19.77
C GLN C 66 -7.90 -1.06 18.33
N VAL C 67 -8.79 -2.01 18.14
CA VAL C 67 -8.99 -2.54 16.81
C VAL C 67 -9.66 -1.48 15.96
N GLN C 68 -10.57 -0.70 16.52
CA GLN C 68 -11.20 0.31 15.73
C GLN C 68 -10.24 1.36 15.25
N VAL C 69 -9.36 1.80 16.17
CA VAL C 69 -8.32 2.78 15.85
C VAL C 69 -7.36 2.19 14.78
N GLN C 70 -7.04 0.94 14.94
CA GLN C 70 -6.14 0.28 14.05
C GLN C 70 -6.65 0.26 12.65
N ASN C 71 -7.88 -0.16 12.51
CA ASN C 71 -8.49 -0.27 11.19
C ASN C 71 -8.55 1.03 10.46
N LYS C 72 -8.96 2.09 11.17
CA LYS C 72 -8.91 3.44 10.56
C LYS C 72 -7.51 3.87 10.19
N LEU C 73 -6.53 3.58 11.03
CA LEU C 73 -5.18 3.96 10.70
C LEU C 73 -4.77 3.23 9.43
N GLN C 74 -5.11 1.95 9.34
CA GLN C 74 -4.61 1.14 8.25
C GLN C 74 -5.22 1.47 6.94
N LEU C 75 -6.47 1.94 6.94
CA LEU C 75 -7.08 2.45 5.76
C LEU C 75 -6.43 3.72 5.27
N ALA C 76 -5.92 4.53 6.20
CA ALA C 76 -5.20 5.79 5.88
C ALA C 76 -3.73 5.61 5.44
N MET C 77 -3.21 4.41 5.53
CA MET C 77 -1.78 4.14 5.24
C MET C 77 -1.29 4.53 3.89
N PRO C 78 -2.06 4.27 2.84
CA PRO C 78 -1.59 4.76 1.54
C PRO C 78 -1.52 6.28 1.45
N LEU C 79 -2.15 7.00 2.38
CA LEU C 79 -2.03 8.46 2.40
C LEU C 79 -0.74 8.97 3.07
N LEU C 80 0.05 8.07 3.67
CA LEU C 80 1.22 8.44 4.40
C LEU C 80 2.45 8.26 3.56
N PRO C 81 3.54 8.99 3.90
CA PRO C 81 4.72 8.80 3.09
C PRO C 81 5.28 7.40 3.18
N GLN C 82 5.87 6.96 2.08
CA GLN C 82 6.45 5.62 1.97
C GLN C 82 7.41 5.40 3.11
N GLU C 83 8.24 6.40 3.39
CA GLU C 83 9.30 6.29 4.39
C GLU C 83 8.73 6.01 5.78
N VAL C 84 7.53 6.48 6.04
CA VAL C 84 6.89 6.28 7.29
C VAL C 84 6.23 4.88 7.31
N GLN C 85 5.50 4.54 6.24
CA GLN C 85 4.98 3.18 6.14
C GLN C 85 6.02 2.08 6.35
N GLN C 86 7.21 2.25 5.79
CA GLN C 86 8.29 1.28 5.93
C GLN C 86 8.85 1.15 7.36
N GLN C 87 8.65 2.13 8.23
CA GLN C 87 9.08 1.98 9.64
C GLN C 87 8.09 1.23 10.50
N GLY C 88 6.89 0.98 9.96
CA GLY C 88 5.79 0.43 10.75
C GLY C 88 5.12 1.53 11.57
N VAL C 89 3.80 1.62 11.48
CA VAL C 89 3.06 2.48 12.34
C VAL C 89 2.30 1.61 13.32
N SER C 90 2.67 1.66 14.58
CA SER C 90 2.12 0.79 15.58
C SER C 90 0.92 1.45 16.27
N VAL C 91 -0.03 0.60 16.68
CA VAL C 91 -1.20 1.01 17.45
C VAL C 91 -1.30 0.11 18.67
N GLU C 92 -1.01 0.65 19.84
CA GLU C 92 -1.00 -0.14 21.04
C GLU C 92 -1.84 0.50 22.15
N LYS C 93 -2.32 -0.34 23.05
CA LYS C 93 -2.97 0.12 24.27
C LYS C 93 -1.89 0.72 25.14
N SER C 94 -1.99 1.98 25.57
CA SER C 94 -0.87 2.65 26.28
C SER C 94 -1.13 2.92 27.76
N SER C 95 -2.29 2.48 28.22
CA SER C 95 -2.75 2.85 29.55
C SER C 95 -1.82 2.24 30.61
N SER C 96 -1.57 0.93 30.47
CA SER C 96 -0.79 0.17 31.46
C SER C 96 0.69 0.58 31.53
N SER C 97 1.26 0.31 32.70
CA SER C 97 2.70 0.49 32.99
C SER C 97 3.39 -0.86 33.01
N PHE C 98 4.70 -0.82 33.26
CA PHE C 98 5.52 -2.01 33.22
C PHE C 98 5.37 -2.93 34.45
N LEU C 99 5.31 -4.22 34.19
CA LEU C 99 5.56 -5.23 35.17
C LEU C 99 7.02 -5.15 35.62
N MET C 100 7.96 -5.15 34.66
CA MET C 100 9.39 -5.01 34.99
C MET C 100 10.23 -4.48 33.86
N VAL C 101 11.33 -3.84 34.23
CA VAL C 101 12.34 -3.39 33.29
C VAL C 101 13.58 -4.20 33.55
N VAL C 102 14.06 -4.88 32.51
CA VAL C 102 15.18 -5.79 32.57
C VAL C 102 16.29 -5.12 31.83
N GLY C 103 17.42 -4.98 32.50
CA GLY C 103 18.64 -4.33 31.92
C GLY C 103 19.54 -5.43 31.43
N VAL C 104 20.18 -5.24 30.28
CA VAL C 104 21.21 -6.15 29.79
C VAL C 104 22.48 -5.34 29.57
N ILE C 105 23.55 -5.71 30.26
CA ILE C 105 24.75 -4.90 30.33
C ILE C 105 25.90 -5.76 29.96
N ASN C 106 26.99 -5.10 29.61
CA ASN C 106 28.25 -5.79 29.47
C ASN C 106 29.28 -5.15 30.41
N THR C 107 29.97 -6.05 31.14
CA THR C 107 30.77 -5.68 32.32
C THR C 107 32.28 -5.68 32.06
N ASP C 108 32.73 -6.56 31.17
CA ASP C 108 34.12 -6.59 30.75
C ASP C 108 34.47 -5.66 29.54
N GLY C 109 33.65 -4.65 29.27
CA GLY C 109 33.96 -3.63 28.25
C GLY C 109 34.17 -4.14 26.83
N THR C 110 33.54 -5.27 26.44
CA THR C 110 33.73 -5.83 25.09
C THR C 110 32.64 -5.46 24.08
N MET C 111 31.53 -4.86 24.53
CA MET C 111 30.35 -4.76 23.66
C MET C 111 29.75 -3.39 23.82
N THR C 112 29.44 -2.73 22.70
CA THR C 112 28.72 -1.45 22.72
C THR C 112 27.23 -1.71 23.01
N GLN C 113 26.45 -0.65 23.24
CA GLN C 113 25.00 -0.83 23.43
C GLN C 113 24.30 -1.42 22.17
N GLU C 114 24.83 -1.19 20.99
CA GLU C 114 24.26 -1.69 19.75
C GLU C 114 24.51 -3.21 19.67
N ASP C 115 25.72 -3.65 20.07
CA ASP C 115 26.04 -5.06 20.12
C ASP C 115 25.09 -5.81 21.06
N ILE C 116 24.84 -5.20 22.19
CA ILE C 116 24.00 -5.75 23.20
C ILE C 116 22.57 -5.72 22.73
N SER C 117 22.12 -4.60 22.16
CA SER C 117 20.75 -4.51 21.66
C SER C 117 20.48 -5.61 20.62
N ASP C 118 21.41 -5.79 19.70
CA ASP C 118 21.27 -6.87 18.73
C ASP C 118 21.17 -8.24 19.38
N TYR C 119 22.01 -8.50 20.40
CA TYR C 119 21.98 -9.81 21.05
C TYR C 119 20.62 -10.02 21.64
N VAL C 120 20.11 -9.04 22.35
CA VAL C 120 18.81 -9.10 22.97
C VAL C 120 17.69 -9.36 21.90
N ALA C 121 17.70 -8.58 20.82
CA ALA C 121 16.73 -8.70 19.76
C ALA C 121 16.71 -10.11 19.20
N ALA C 122 17.90 -10.67 18.97
CA ALA C 122 18.04 -11.93 18.29
C ALA C 122 18.00 -13.14 19.21
N ASN C 123 18.32 -13.01 20.46
CA ASN C 123 18.39 -14.21 21.28
C ASN C 123 17.47 -14.21 22.48
N MET C 124 16.91 -13.06 22.85
CA MET C 124 16.25 -12.97 24.13
C MET C 124 14.77 -12.61 24.02
N LYS C 125 14.45 -11.59 23.23
CA LYS C 125 13.15 -10.91 23.29
C LYS C 125 12.00 -11.81 22.94
N ASP C 126 12.18 -12.64 21.93
CA ASP C 126 11.09 -13.52 21.48
C ASP C 126 10.73 -14.56 22.54
N ALA C 127 11.73 -15.22 23.14
CA ALA C 127 11.44 -16.18 24.24
C ALA C 127 10.75 -15.49 25.44
N ILE C 128 11.11 -14.24 25.73
CA ILE C 128 10.39 -13.46 26.74
C ILE C 128 8.94 -13.12 26.30
N SER C 129 8.75 -12.72 25.05
CA SER C 129 7.40 -12.52 24.49
C SER C 129 6.42 -13.73 24.60
N ARG C 130 6.97 -14.95 24.60
CA ARG C 130 6.21 -16.20 24.64
C ARG C 130 6.09 -16.76 26.02
N THR C 131 6.67 -16.07 27.01
CA THR C 131 6.65 -16.53 28.40
C THR C 131 5.27 -16.25 28.99
N SER C 132 4.88 -17.11 29.92
CA SER C 132 3.57 -17.14 30.54
C SER C 132 3.16 -15.82 31.26
N GLY C 133 2.03 -15.26 30.82
CA GLY C 133 1.52 -13.99 31.36
C GLY C 133 2.12 -12.71 30.77
N VAL C 134 3.14 -12.81 29.90
CA VAL C 134 3.73 -11.64 29.24
C VAL C 134 2.81 -11.07 28.15
N GLY C 135 2.66 -9.75 28.09
CA GLY C 135 2.00 -9.06 26.99
C GLY C 135 2.98 -8.38 26.07
N ASP C 136 2.89 -7.05 25.94
CA ASP C 136 3.85 -6.27 25.09
C ASP C 136 5.22 -6.28 25.73
N VAL C 137 6.24 -6.38 24.88
CA VAL C 137 7.62 -6.26 25.29
C VAL C 137 8.26 -5.19 24.43
N GLN C 138 8.81 -4.15 25.04
CA GLN C 138 9.50 -3.16 24.24
C GLN C 138 11.01 -3.44 24.34
N LEU C 139 11.71 -3.47 23.21
CA LEU C 139 13.19 -3.50 23.18
C LEU C 139 13.79 -2.08 23.31
N PHE C 140 14.79 -1.91 24.19
CA PHE C 140 15.46 -0.60 24.34
C PHE C 140 16.75 -0.52 23.53
N GLY C 141 16.57 -0.12 22.28
CA GLY C 141 17.57 -0.22 21.20
C GLY C 141 16.95 -0.95 20.01
N SER C 142 17.77 -1.41 19.08
CA SER C 142 17.30 -2.16 17.93
C SER C 142 18.24 -3.32 17.65
N GLN C 143 17.80 -4.21 16.78
CA GLN C 143 18.69 -5.13 16.13
C GLN C 143 19.63 -4.31 15.25
N TYR C 144 20.75 -4.88 14.87
CA TYR C 144 21.63 -4.22 13.98
C TYR C 144 20.94 -3.81 12.70
N ALA C 145 21.40 -2.69 12.11
CA ALA C 145 21.31 -2.41 10.69
C ALA C 145 22.65 -2.46 10.08
N MET C 146 22.72 -2.77 8.79
CA MET C 146 23.95 -2.55 8.02
C MET C 146 24.02 -1.05 7.79
N ARG C 147 25.07 -0.42 8.29
CA ARG C 147 25.33 1.03 8.15
C ARG C 147 26.38 1.27 7.07
N ILE C 148 25.97 2.05 6.07
CA ILE C 148 26.80 2.52 5.01
C ILE C 148 26.99 4.01 5.37
N TRP C 149 28.20 4.37 5.73
CA TRP C 149 28.55 5.74 6.12
C TRP C 149 29.32 6.40 4.98
N MET C 150 28.67 7.31 4.25
CA MET C 150 29.21 7.84 3.00
C MET C 150 30.19 8.97 3.24
N ASN C 151 31.14 9.08 2.32
CA ASN C 151 32.11 10.12 2.29
C ASN C 151 31.93 10.98 1.06
N PRO C 152 31.54 12.26 1.20
CA PRO C 152 31.28 13.10 0.05
C PRO C 152 32.49 13.37 -0.84
N ASN C 153 33.68 13.38 -0.27
CA ASN C 153 34.86 13.69 -1.05
C ASN C 153 35.13 12.54 -1.99
N GLU C 154 35.06 11.32 -1.46
CA GLU C 154 35.26 10.13 -2.33
C GLU C 154 34.13 10.03 -3.35
N LEU C 155 32.86 10.28 -2.95
CA LEU C 155 31.78 10.27 -3.93
C LEU C 155 32.01 11.27 -5.09
N ASN C 156 32.40 12.50 -4.76
CA ASN C 156 32.70 13.51 -5.79
C ASN C 156 33.90 13.16 -6.66
N LYS C 157 34.96 12.66 -6.07
CA LYS C 157 36.10 12.12 -6.83
C LYS C 157 35.62 11.26 -8.03
N PHE C 158 34.67 10.36 -7.82
CA PHE C 158 34.25 9.42 -8.84
C PHE C 158 32.92 9.77 -9.51
N GLN C 159 32.53 11.02 -9.39
CA GLN C 159 31.26 11.57 -9.90
C GLN C 159 30.05 10.79 -9.51
N LEU C 160 29.98 10.43 -8.24
CA LEU C 160 28.84 9.68 -7.75
C LEU C 160 28.13 10.52 -6.69
N THR C 161 26.89 10.14 -6.38
CA THR C 161 26.12 10.78 -5.33
C THR C 161 25.48 9.71 -4.45
N PRO C 162 24.81 10.12 -3.39
CA PRO C 162 24.01 9.14 -2.66
C PRO C 162 22.97 8.39 -3.46
N VAL C 163 22.45 9.05 -4.50
CA VAL C 163 21.42 8.42 -5.33
C VAL C 163 22.05 7.21 -6.00
N ASP C 164 23.22 7.36 -6.58
CA ASP C 164 23.90 6.22 -7.17
C ASP C 164 24.12 5.10 -6.13
N VAL C 165 24.52 5.48 -4.92
CA VAL C 165 24.71 4.51 -3.84
C VAL C 165 23.43 3.71 -3.55
N ILE C 166 22.32 4.42 -3.45
CA ILE C 166 21.05 3.78 -3.08
C ILE C 166 20.63 2.85 -4.25
N THR C 167 20.76 3.32 -5.48
CA THR C 167 20.42 2.55 -6.67
C THR C 167 21.25 1.28 -6.70
N ALA C 168 22.57 1.41 -6.59
CA ALA C 168 23.44 0.26 -6.53
C ALA C 168 23.11 -0.74 -5.39
N ILE C 169 22.77 -0.26 -4.21
CA ILE C 169 22.42 -1.20 -3.13
C ILE C 169 21.12 -1.92 -3.49
N LYS C 170 20.16 -1.23 -4.12
CA LYS C 170 18.87 -1.91 -4.46
C LYS C 170 19.07 -2.97 -5.51
N ALA C 171 20.05 -2.73 -6.35
CA ALA C 171 20.36 -3.60 -7.45
C ALA C 171 21.23 -4.77 -7.04
N GLN C 172 22.14 -4.57 -6.10
CA GLN C 172 23.09 -5.58 -5.75
C GLN C 172 22.91 -6.21 -4.39
N ASN C 173 22.05 -5.66 -3.54
CA ASN C 173 21.55 -6.35 -2.39
C ASN C 173 20.08 -6.69 -2.65
N ALA C 174 19.88 -7.74 -3.45
CA ALA C 174 18.59 -8.09 -3.97
C ALA C 174 18.30 -9.57 -3.98
N GLN C 175 17.03 -9.87 -4.09
CA GLN C 175 16.58 -11.22 -4.01
C GLN C 175 15.29 -11.29 -4.74
N VAL C 176 15.32 -11.74 -5.98
CA VAL C 176 14.03 -11.87 -6.71
C VAL C 176 13.76 -13.29 -7.27
N ALA C 177 12.48 -13.50 -7.63
CA ALA C 177 11.98 -14.72 -8.22
C ALA C 177 12.66 -14.84 -9.56
N ALA C 178 13.33 -15.96 -9.82
CA ALA C 178 13.87 -16.28 -11.13
C ALA C 178 13.21 -17.49 -11.84
N GLY C 179 12.21 -18.10 -11.23
CA GLY C 179 11.46 -19.17 -11.92
C GLY C 179 12.16 -20.51 -11.84
N GLN C 180 11.96 -21.36 -12.83
CA GLN C 180 12.45 -22.74 -12.82
C GLN C 180 12.79 -23.23 -14.20
N LEU C 181 13.74 -24.14 -14.29
CA LEU C 181 13.89 -25.01 -15.47
C LEU C 181 12.87 -26.06 -15.35
N GLY C 182 12.21 -26.36 -16.46
CA GLY C 182 11.24 -27.47 -16.51
C GLY C 182 9.99 -27.27 -15.67
N GLY C 183 9.63 -26.02 -15.37
CA GLY C 183 8.42 -25.76 -14.59
C GLY C 183 7.17 -25.95 -15.38
N THR C 184 6.02 -25.99 -14.69
CA THR C 184 4.73 -26.17 -15.35
C THR C 184 4.22 -24.89 -16.03
N PRO C 185 3.46 -25.05 -17.13
CA PRO C 185 3.29 -26.29 -17.86
C PRO C 185 4.55 -26.63 -18.69
N PRO C 186 4.96 -27.92 -18.72
CA PRO C 186 6.24 -28.26 -19.28
C PRO C 186 6.07 -28.81 -20.67
N VAL C 187 7.16 -28.95 -21.43
CA VAL C 187 7.05 -29.87 -22.57
C VAL C 187 6.88 -31.27 -22.00
N LYS C 188 5.88 -32.00 -22.45
CA LYS C 188 5.55 -33.33 -21.86
C LYS C 188 6.74 -34.25 -22.04
N GLY C 189 7.02 -35.11 -21.07
CA GLY C 189 8.25 -35.93 -21.06
C GLY C 189 9.45 -35.28 -20.36
N GLN C 190 9.30 -34.08 -19.83
CA GLN C 190 10.39 -33.36 -19.16
C GLN C 190 10.78 -34.08 -17.91
N GLN C 191 12.08 -34.34 -17.73
CA GLN C 191 12.59 -34.99 -16.52
C GLN C 191 13.25 -33.95 -15.55
N LEU C 192 14.01 -32.99 -16.08
CA LEU C 192 14.67 -32.00 -15.26
C LEU C 192 13.70 -30.94 -14.78
N ASN C 193 13.54 -30.85 -13.46
CA ASN C 193 12.89 -29.71 -12.83
C ASN C 193 13.79 -29.15 -11.71
N ALA C 194 14.16 -27.88 -11.80
CA ALA C 194 15.00 -27.24 -10.80
C ALA C 194 14.65 -25.76 -10.66
N SER C 195 14.60 -25.25 -9.44
CA SER C 195 14.49 -23.82 -9.22
C SER C 195 15.72 -23.08 -9.75
N ILE C 196 15.51 -21.91 -10.33
CA ILE C 196 16.59 -21.05 -10.68
C ILE C 196 16.81 -20.08 -9.50
N ILE C 197 18.08 -19.94 -9.08
CA ILE C 197 18.46 -19.16 -7.93
C ILE C 197 19.35 -18.12 -8.50
N ALA C 198 18.95 -16.85 -8.46
CA ALA C 198 19.83 -15.78 -8.95
C ALA C 198 20.43 -14.98 -7.78
N GLN C 199 20.30 -13.68 -7.75
CA GLN C 199 20.90 -12.94 -6.64
C GLN C 199 20.21 -13.26 -5.35
N THR C 200 20.98 -13.26 -4.28
CA THR C 200 20.47 -13.42 -2.95
C THR C 200 20.91 -12.22 -2.16
N ARG C 201 20.13 -11.90 -1.13
CA ARG C 201 20.52 -10.84 -0.20
C ARG C 201 21.96 -10.99 0.33
N LEU C 202 22.63 -9.86 0.47
CA LEU C 202 23.95 -9.81 1.08
C LEU C 202 23.85 -10.03 2.58
N THR C 203 24.94 -10.57 3.11
CA THR C 203 24.98 -11.10 4.47
C THR C 203 26.04 -10.50 5.36
N SER C 204 26.87 -9.58 4.83
CA SER C 204 28.04 -9.10 5.59
C SER C 204 28.54 -7.78 5.09
N THR C 205 29.34 -7.12 5.91
CA THR C 205 30.02 -5.85 5.55
C THR C 205 30.91 -6.04 4.34
N GLU C 206 31.62 -7.18 4.28
CA GLU C 206 32.48 -7.53 3.15
C GLU C 206 31.71 -7.52 1.86
N GLU C 207 30.55 -8.17 1.86
CA GLU C 207 29.75 -8.22 0.61
C GLU C 207 29.21 -6.84 0.20
N PHE C 208 28.77 -6.06 1.17
CA PHE C 208 28.36 -4.72 0.83
C PHE C 208 29.53 -3.90 0.29
N GLY C 209 30.70 -4.06 0.89
CA GLY C 209 31.89 -3.38 0.45
C GLY C 209 32.29 -3.62 -1.00
N LYS C 210 31.89 -4.74 -1.57
CA LYS C 210 32.19 -5.17 -2.94
C LYS C 210 31.15 -4.71 -3.97
N ILE C 211 30.03 -4.16 -3.50
CA ILE C 211 29.09 -3.59 -4.42
C ILE C 211 29.84 -2.67 -5.41
N LEU C 212 29.61 -2.93 -6.69
CA LEU C 212 30.17 -2.19 -7.81
C LEU C 212 29.34 -0.99 -8.18
N LEU C 213 29.86 0.21 -7.92
CA LEU C 213 29.15 1.44 -8.22
C LEU C 213 29.38 1.84 -9.69
N LYS C 214 30.53 1.52 -10.25
CA LYS C 214 30.92 2.08 -11.52
C LYS C 214 32.29 1.54 -11.98
N VAL C 215 32.36 1.28 -13.26
CA VAL C 215 33.60 0.97 -13.95
C VAL C 215 34.06 2.28 -14.61
N ASN C 216 35.19 2.83 -14.17
CA ASN C 216 35.81 4.02 -14.82
C ASN C 216 36.20 3.80 -16.32
N GLN C 217 36.50 4.86 -17.06
CA GLN C 217 36.88 4.70 -18.48
C GLN C 217 38.24 4.03 -18.66
N ASP C 218 39.17 4.25 -17.72
CA ASP C 218 40.47 3.51 -17.65
C ASP C 218 40.38 2.03 -17.22
N GLY C 219 39.16 1.54 -16.92
CA GLY C 219 38.94 0.15 -16.50
C GLY C 219 39.09 -0.12 -15.01
N SER C 220 39.36 0.91 -14.20
CA SER C 220 39.34 0.72 -12.76
C SER C 220 37.86 0.68 -12.23
N ARG C 221 37.69 -0.12 -11.17
CA ARG C 221 36.44 -0.36 -10.47
C ARG C 221 36.31 0.57 -9.24
N VAL C 222 35.14 1.18 -9.08
CA VAL C 222 34.79 1.92 -7.84
C VAL C 222 33.82 1.03 -7.12
N LEU C 223 34.22 0.59 -5.92
CA LEU C 223 33.41 -0.29 -5.12
C LEU C 223 32.83 0.53 -3.97
N LEU C 224 31.78 0.03 -3.32
CA LEU C 224 31.13 0.79 -2.28
C LEU C 224 32.06 1.15 -1.14
N ARG C 225 33.01 0.25 -0.80
CA ARG C 225 33.99 0.50 0.27
C ARG C 225 34.96 1.63 -0.13
N ASP C 226 35.01 2.03 -1.39
CA ASP C 226 35.80 3.16 -1.79
C ASP C 226 35.09 4.51 -1.55
N VAL C 227 33.83 4.51 -1.16
CA VAL C 227 33.16 5.76 -0.85
C VAL C 227 32.47 5.76 0.48
N ALA C 228 32.69 4.75 1.29
CA ALA C 228 31.94 4.62 2.51
C ALA C 228 32.60 3.66 3.42
N LYS C 229 32.42 3.88 4.70
CA LYS C 229 32.82 2.92 5.70
C LYS C 229 31.60 2.08 5.97
N ILE C 230 31.80 0.83 6.34
CA ILE C 230 30.74 -0.17 6.38
C ILE C 230 30.76 -0.93 7.67
N GLU C 231 29.71 -0.83 8.48
CA GLU C 231 29.68 -1.58 9.72
C GLU C 231 28.25 -1.99 10.13
N LEU C 232 28.16 -3.06 10.92
CA LEU C 232 26.92 -3.36 11.62
C LEU C 232 26.75 -2.32 12.72
N GLY C 233 25.54 -1.77 12.91
CA GLY C 233 25.32 -0.68 13.87
C GLY C 233 23.87 -0.61 14.25
N GLY C 234 23.49 0.48 14.87
CA GLY C 234 22.13 0.69 15.27
C GLY C 234 21.27 1.16 14.14
N GLU C 235 19.97 0.96 14.28
CA GLU C 235 19.01 1.53 13.37
C GLU C 235 18.97 3.00 13.62
N ASN C 236 19.10 3.40 14.88
CA ASN C 236 19.36 4.77 15.16
C ASN C 236 20.04 5.06 16.49
N TYR C 237 20.46 6.29 16.63
CA TYR C 237 21.48 6.63 17.59
C TYR C 237 21.04 7.77 18.48
N ASP C 238 19.74 7.98 18.60
CA ASP C 238 19.22 9.08 19.40
C ASP C 238 19.32 8.83 20.91
N ILE C 239 19.34 7.55 21.31
CA ILE C 239 19.43 7.14 22.69
C ILE C 239 20.79 6.51 23.05
N ILE C 240 21.38 6.97 24.15
CA ILE C 240 22.54 6.31 24.76
C ILE C 240 22.21 5.94 26.18
N ALA C 241 22.27 4.63 26.49
CA ALA C 241 21.91 4.08 27.79
C ALA C 241 23.10 3.50 28.49
N GLU C 242 23.31 3.93 29.73
CA GLU C 242 24.24 3.25 30.59
C GLU C 242 23.56 2.80 31.87
N PHE C 243 24.14 1.75 32.46
CA PHE C 243 23.69 1.17 33.74
C PHE C 243 24.94 1.21 34.60
N ASN C 244 24.95 2.06 35.64
CA ASN C 244 26.17 2.28 36.43
C ASN C 244 27.39 2.56 35.57
N GLY C 245 27.22 3.44 34.61
CA GLY C 245 28.29 3.78 33.69
C GLY C 245 28.64 2.78 32.60
N GLN C 246 28.10 1.55 32.61
CA GLN C 246 28.35 0.57 31.56
C GLN C 246 27.24 0.55 30.45
N PRO C 247 27.64 0.26 29.19
CA PRO C 247 26.71 0.21 28.05
C PRO C 247 25.58 -0.73 28.33
N ALA C 248 24.40 -0.33 27.95
CA ALA C 248 23.24 -1.16 28.25
C ALA C 248 22.16 -1.18 27.18
N SER C 249 21.41 -2.27 27.16
CA SER C 249 20.11 -2.31 26.51
C SER C 249 19.13 -2.92 27.51
N GLY C 250 17.99 -3.38 27.04
CA GLY C 250 17.03 -3.95 27.94
C GLY C 250 15.70 -4.27 27.32
N LEU C 251 14.80 -4.68 28.18
CA LEU C 251 13.45 -4.99 27.80
C LEU C 251 12.51 -4.33 28.77
N GLY C 252 11.48 -3.73 28.24
CA GLY C 252 10.36 -3.20 29.04
C GLY C 252 9.21 -4.16 28.88
N ILE C 253 8.83 -4.85 29.95
CA ILE C 253 7.89 -5.97 29.85
C ILE C 253 6.56 -5.65 30.53
N LYS C 254 5.46 -5.88 29.78
CA LYS C 254 4.09 -5.62 30.27
C LYS C 254 3.34 -6.92 30.53
N LEU C 255 2.44 -6.88 31.51
CA LEU C 255 1.59 -8.02 31.97
C LEU C 255 0.39 -8.10 31.07
N ALA C 256 0.08 -9.30 30.59
CA ALA C 256 -1.17 -9.55 29.82
C ALA C 256 -2.40 -9.28 30.70
N THR C 257 -3.45 -8.66 30.13
CA THR C 257 -4.70 -8.40 30.89
C THR C 257 -5.17 -9.74 31.46
N GLY C 258 -5.55 -9.73 32.74
CA GLY C 258 -6.00 -10.94 33.44
C GLY C 258 -4.95 -12.03 33.58
N ALA C 259 -3.68 -11.67 33.81
CA ALA C 259 -2.63 -12.64 34.17
C ALA C 259 -2.11 -12.24 35.53
N ASN C 260 -1.39 -13.14 36.21
CA ASN C 260 -0.89 -12.86 37.54
C ASN C 260 0.52 -12.21 37.55
N ALA C 261 0.66 -11.09 38.26
CA ALA C 261 1.92 -10.36 38.32
C ALA C 261 3.12 -11.19 38.85
N LEU C 262 2.93 -11.84 40.01
CA LEU C 262 4.02 -12.53 40.72
C LEU C 262 4.50 -13.78 40.02
N ASP C 263 3.53 -14.53 39.49
CA ASP C 263 3.79 -15.71 38.64
C ASP C 263 4.43 -15.34 37.30
N THR C 264 4.04 -14.21 36.72
CA THR C 264 4.65 -13.76 35.48
C THR C 264 6.11 -13.31 35.69
N ALA C 265 6.36 -12.54 36.75
CA ALA C 265 7.71 -12.07 37.15
C ALA C 265 8.70 -13.20 37.43
N ALA C 266 8.21 -14.24 38.09
CA ALA C 266 9.00 -15.43 38.37
C ALA C 266 9.22 -16.23 37.07
N ALA C 267 8.19 -16.35 36.24
CA ALA C 267 8.31 -17.03 34.96
C ALA C 267 9.33 -16.32 34.00
N ILE C 268 9.37 -14.99 34.03
CA ILE C 268 10.37 -14.23 33.29
C ILE C 268 11.80 -14.49 33.86
N ARG C 269 11.95 -14.36 35.18
CA ARG C 269 13.25 -14.60 35.84
C ARG C 269 13.79 -16.00 35.57
N ALA C 270 12.88 -16.98 35.59
CA ALA C 270 13.23 -18.37 35.24
C ALA C 270 13.71 -18.48 33.81
N GLU C 271 12.94 -17.91 32.88
CA GLU C 271 13.29 -17.91 31.48
C GLU C 271 14.64 -17.27 31.20
N LEU C 272 14.89 -16.16 31.89
CA LEU C 272 16.16 -15.44 31.80
C LEU C 272 17.32 -16.24 32.43
N ALA C 273 17.06 -17.01 33.49
CA ALA C 273 18.10 -17.98 33.98
C ALA C 273 18.55 -19.03 32.96
N LYS C 274 17.63 -19.56 32.14
CA LYS C 274 17.97 -20.55 31.04
C LYS C 274 18.90 -20.00 29.97
N MET C 275 18.74 -18.70 29.68
CA MET C 275 19.56 -18.05 28.68
C MET C 275 20.98 -17.75 29.17
N GLU C 276 21.19 -17.60 30.49
CA GLU C 276 22.52 -17.24 31.09
C GLU C 276 23.71 -18.15 30.75
N PRO C 277 23.52 -19.47 30.67
CA PRO C 277 24.55 -20.36 30.11
C PRO C 277 25.08 -20.02 28.68
N PHE C 278 24.21 -19.49 27.82
CA PHE C 278 24.52 -19.18 26.40
C PHE C 278 25.06 -17.78 26.14
N PHE C 279 25.09 -16.90 27.15
CA PHE C 279 25.65 -15.57 26.96
C PHE C 279 27.12 -15.60 26.52
N PRO C 280 27.57 -14.61 25.76
CA PRO C 280 29.01 -14.34 25.69
C PRO C 280 29.49 -13.67 26.98
N SER C 281 30.81 -13.50 27.09
CA SER C 281 31.49 -13.13 28.33
C SER C 281 31.06 -11.76 28.75
N GLY C 282 30.75 -11.64 30.04
CA GLY C 282 30.39 -10.37 30.66
C GLY C 282 29.01 -9.79 30.39
N LEU C 283 28.14 -10.52 29.67
CA LEU C 283 26.75 -10.09 29.50
C LEU C 283 26.07 -10.47 30.79
N LYS C 284 25.22 -9.57 31.27
CA LYS C 284 24.61 -9.77 32.56
C LYS C 284 23.26 -9.13 32.60
N ILE C 285 22.39 -9.74 33.38
CA ILE C 285 21.04 -9.29 33.52
C ILE C 285 20.91 -8.57 34.83
N VAL C 286 20.23 -7.42 34.79
CA VAL C 286 19.98 -6.63 35.98
C VAL C 286 18.50 -6.27 35.99
N TYR C 287 17.99 -6.00 37.16
CA TYR C 287 16.57 -5.78 37.38
C TYR C 287 16.34 -4.46 38.09
N PRO C 288 16.48 -3.35 37.34
CA PRO C 288 16.28 -2.01 37.95
C PRO C 288 14.85 -1.72 38.46
N TYR C 289 13.85 -2.43 37.93
CA TYR C 289 12.47 -2.26 38.35
C TYR C 289 11.67 -3.55 38.17
N ASP C 290 11.02 -3.97 39.28
CA ASP C 290 10.25 -5.24 39.37
C ASP C 290 9.14 -5.23 40.48
N THR C 291 7.88 -5.42 40.05
CA THR C 291 6.73 -5.60 40.96
C THR C 291 6.69 -6.99 41.66
N GLY C 310 11.45 0.79 45.05
CA GLY C 310 11.67 2.23 45.22
C GLY C 310 12.65 2.82 44.17
N VAL C 311 12.13 3.01 42.96
CA VAL C 311 12.85 3.66 41.87
C VAL C 311 12.39 5.10 41.80
N PHE C 312 13.34 6.02 41.81
CA PHE C 312 12.99 7.40 41.56
C PHE C 312 13.85 7.83 40.39
N MET C 313 13.61 9.05 39.92
CA MET C 313 14.12 9.56 38.69
C MET C 313 14.85 10.89 38.88
N THR C 314 15.73 11.21 37.94
CA THR C 314 16.35 12.51 37.92
C THR C 314 16.27 12.99 36.51
N MET C 315 15.61 14.12 36.33
CA MET C 315 15.44 14.75 35.03
C MET C 315 16.70 15.56 34.73
N VAL C 316 17.04 15.65 33.45
CA VAL C 316 18.15 16.41 32.98
C VAL C 316 17.74 17.19 31.73
N GLN C 317 17.87 18.49 31.75
CA GLN C 317 17.42 19.31 30.63
C GLN C 317 18.47 20.39 30.33
N LEU C 318 19.14 20.24 29.20
CA LEU C 318 20.09 21.24 28.77
C LEU C 318 19.41 22.27 27.92
N PRO C 319 20.07 23.42 27.65
CA PRO C 319 19.42 24.41 26.80
C PRO C 319 19.22 24.02 25.29
N ALA C 320 18.38 24.82 24.62
CA ALA C 320 18.17 24.78 23.20
C ALA C 320 19.48 24.58 22.46
N GLY C 321 19.52 23.57 21.62
CA GLY C 321 20.65 23.38 20.74
C GLY C 321 21.74 22.53 21.32
N ALA C 322 21.62 22.15 22.59
CA ALA C 322 22.64 21.38 23.27
C ALA C 322 22.69 19.94 22.78
N THR C 323 23.91 19.38 22.76
CA THR C 323 24.14 18.16 22.07
C THR C 323 24.11 16.95 22.99
N GLN C 324 23.99 15.80 22.39
CA GLN C 324 24.07 14.55 23.07
C GLN C 324 25.29 14.46 24.00
N GLU C 325 26.46 14.85 23.52
CA GLU C 325 27.67 14.75 24.33
C GLU C 325 27.58 15.59 25.59
N ARG C 326 26.93 16.75 25.53
CA ARG C 326 26.83 17.67 26.67
C ARG C 326 25.85 17.15 27.65
N THR C 327 24.76 16.65 27.15
CA THR C 327 23.87 15.92 28.07
C THR C 327 24.53 14.73 28.76
N GLN C 328 25.36 13.97 28.03
CA GLN C 328 26.02 12.80 28.59
C GLN C 328 26.90 13.16 29.79
N LYS C 329 27.69 14.20 29.63
CA LYS C 329 28.53 14.77 30.69
C LYS C 329 27.74 15.04 31.96
N VAL C 330 26.57 15.65 31.81
CA VAL C 330 25.72 15.93 32.95
C VAL C 330 25.17 14.64 33.56
N LEU C 331 24.68 13.74 32.72
CA LEU C 331 24.19 12.45 33.24
C LEU C 331 25.27 11.68 33.98
N ASN C 332 26.49 11.72 33.45
CA ASN C 332 27.67 11.15 34.11
C ASN C 332 27.93 11.74 35.54
N GLU C 333 27.86 13.06 35.68
CA GLU C 333 27.88 13.71 37.01
C GLU C 333 26.74 13.20 37.92
N VAL C 334 25.54 13.05 37.37
CA VAL C 334 24.39 12.52 38.11
C VAL C 334 24.68 11.09 38.54
N THR C 335 25.21 10.27 37.65
CA THR C 335 25.50 8.88 38.05
C THR C 335 26.60 8.79 39.16
N HIS C 336 27.67 9.57 38.99
CA HIS C 336 28.82 9.56 39.87
C HIS C 336 28.40 9.99 41.25
N TYR C 337 27.55 11.02 41.33
CA TYR C 337 26.98 11.49 42.59
C TYR C 337 26.25 10.38 43.33
N TYR C 338 25.33 9.67 42.67
CA TYR C 338 24.56 8.61 43.36
C TYR C 338 25.46 7.45 43.72
N LEU C 339 26.42 7.14 42.86
CA LEU C 339 27.30 6.02 43.09
C LEU C 339 28.40 6.27 44.15
N THR C 340 28.58 7.51 44.58
CA THR C 340 29.55 7.85 45.62
C THR C 340 28.87 8.48 46.83
N LYS C 341 28.34 9.70 46.72
CA LYS C 341 27.55 10.34 47.81
C LYS C 341 26.33 9.57 48.33
N GLU C 342 25.74 8.68 47.53
CA GLU C 342 24.67 7.77 48.02
C GLU C 342 25.02 6.27 47.86
N LYS C 343 26.30 5.91 47.86
CA LYS C 343 26.73 4.51 47.82
C LYS C 343 26.08 3.61 48.88
N ASN C 344 25.68 4.16 50.02
CA ASN C 344 25.00 3.33 51.04
C ASN C 344 23.54 3.12 50.72
N ASN C 345 22.95 4.03 49.95
CA ASN C 345 21.54 3.97 49.60
C ASN C 345 21.18 3.49 48.19
N VAL C 346 22.09 3.57 47.22
CA VAL C 346 21.72 3.43 45.81
C VAL C 346 22.29 2.12 45.25
N GLU C 347 21.41 1.32 44.67
CA GLU C 347 21.81 0.09 43.97
C GLU C 347 22.35 0.42 42.59
N SER C 348 21.53 1.15 41.82
CA SER C 348 21.90 1.48 40.47
C SER C 348 21.35 2.81 39.95
N VAL C 349 21.98 3.25 38.88
CA VAL C 349 21.54 4.36 38.06
C VAL C 349 21.55 3.92 36.61
N PHE C 350 20.37 4.00 36.00
CA PHE C 350 20.13 3.73 34.59
C PHE C 350 19.90 5.06 33.83
N ALA C 351 20.92 5.47 33.10
CA ALA C 351 21.00 6.84 32.57
C ALA C 351 20.64 6.69 31.11
N VAL C 352 19.61 7.43 30.71
CA VAL C 352 19.05 7.38 29.38
C VAL C 352 19.17 8.76 28.76
N ASN C 353 20.09 8.87 27.83
CA ASN C 353 20.39 10.13 27.18
C ASN C 353 19.60 10.20 25.90
N GLY C 354 18.78 11.25 25.76
CA GLY C 354 17.94 11.47 24.58
C GLY C 354 16.46 11.25 24.84
N PHE C 355 16.15 10.71 26.02
CA PHE C 355 14.79 10.43 26.43
C PHE C 355 14.35 11.31 27.58
N GLY C 356 13.16 11.89 27.39
CA GLY C 356 12.34 12.45 28.46
C GLY C 356 10.87 12.10 28.22
N PHE C 357 10.05 12.36 29.23
CA PHE C 357 8.63 12.56 29.10
C PHE C 357 8.51 14.09 28.88
N ALA C 358 7.62 14.51 27.98
CA ALA C 358 7.49 15.93 27.55
C ALA C 358 8.57 16.42 26.57
N GLY C 359 9.34 15.49 25.99
CA GLY C 359 10.26 15.80 24.89
C GLY C 359 11.41 14.81 24.79
N ARG C 360 11.49 14.10 23.66
CA ARG C 360 12.75 13.50 23.18
C ARG C 360 13.75 14.59 22.69
N GLY C 361 14.98 14.17 22.44
CA GLY C 361 15.98 15.11 21.89
C GLY C 361 17.34 15.05 22.53
N GLN C 362 18.31 15.58 21.79
CA GLN C 362 19.73 15.53 22.17
C GLN C 362 20.05 16.27 23.42
N ASN C 363 19.16 17.18 23.81
CA ASN C 363 19.33 17.99 25.00
C ASN C 363 18.60 17.54 26.27
N THR C 364 17.94 16.40 26.26
CA THR C 364 17.32 15.81 27.45
C THR C 364 17.83 14.41 27.75
N GLY C 365 17.59 14.05 29.01
CA GLY C 365 17.89 12.75 29.53
C GLY C 365 17.21 12.52 30.84
N ILE C 366 17.26 11.29 31.30
CA ILE C 366 16.61 10.92 32.53
C ILE C 366 17.36 9.75 33.16
N ALA C 367 17.60 9.86 34.46
CA ALA C 367 18.28 8.83 35.21
C ALA C 367 17.23 8.15 36.04
N PHE C 368 17.15 6.81 35.90
CA PHE C 368 16.32 5.96 36.74
C PHE C 368 17.21 5.42 37.81
N VAL C 369 16.92 5.83 39.05
CA VAL C 369 17.73 5.48 40.20
C VAL C 369 16.98 4.45 41.02
N SER C 370 17.62 3.32 41.23
CA SER C 370 17.00 2.27 41.97
C SER C 370 17.66 2.11 43.35
N LEU C 371 16.84 2.20 44.38
CA LEU C 371 17.31 2.15 45.76
C LEU C 371 17.57 0.74 46.22
N LYS C 372 18.36 0.64 47.29
CA LYS C 372 18.56 -0.64 47.98
C LYS C 372 17.35 -0.83 48.83
N ASP C 373 17.21 -2.03 49.41
CA ASP C 373 15.98 -2.40 50.18
C ASP C 373 15.62 -1.41 51.30
N TRP C 374 14.32 -1.20 51.56
CA TRP C 374 13.87 -0.44 52.77
C TRP C 374 14.72 -0.79 54.01
N ALA C 375 14.84 -2.08 54.30
CA ALA C 375 15.46 -2.55 55.54
C ALA C 375 16.97 -2.32 55.62
N ASP C 376 17.61 -1.94 54.52
CA ASP C 376 19.03 -1.57 54.53
C ASP C 376 19.26 -0.07 54.49
N ARG C 377 18.18 0.72 54.52
CA ARG C 377 18.26 2.17 54.64
C ARG C 377 17.53 2.64 55.92
N PRO C 378 18.10 2.34 57.10
CA PRO C 378 17.47 2.80 58.36
C PRO C 378 17.56 4.30 58.62
N GLY C 379 16.53 4.87 59.23
CA GLY C 379 16.53 6.28 59.63
C GLY C 379 15.97 7.12 58.51
N GLU C 380 15.40 8.27 58.83
CA GLU C 380 14.74 9.10 57.81
C GLU C 380 15.69 9.70 56.76
N GLU C 381 16.97 9.81 57.11
CA GLU C 381 18.01 10.35 56.23
C GLU C 381 18.18 9.49 54.97
N ASN C 382 17.90 8.20 55.08
CA ASN C 382 18.15 7.26 54.02
C ASN C 382 16.85 6.79 53.35
N LYS C 383 15.78 7.60 53.50
CA LYS C 383 14.52 7.39 52.78
C LYS C 383 14.49 8.25 51.55
N VAL C 384 13.62 7.85 50.63
CA VAL C 384 13.57 8.47 49.31
C VAL C 384 13.41 9.99 49.38
N GLU C 385 12.55 10.49 50.27
CA GLU C 385 12.29 11.91 50.27
C GLU C 385 13.55 12.75 50.66
N ALA C 386 14.32 12.28 51.64
CA ALA C 386 15.59 12.91 52.05
C ALA C 386 16.70 12.80 50.99
N ILE C 387 16.77 11.64 50.34
CA ILE C 387 17.69 11.41 49.24
C ILE C 387 17.39 12.37 48.10
N THR C 388 16.13 12.48 47.70
CA THR C 388 15.81 13.32 46.57
C THR C 388 16.06 14.80 46.84
N MET C 389 15.84 15.25 48.07
CA MET C 389 16.04 16.68 48.38
C MET C 389 17.53 17.02 48.33
N ARG C 390 18.35 16.12 48.90
CA ARG C 390 19.82 16.23 48.85
C ARG C 390 20.36 16.21 47.43
N ALA C 391 19.82 15.31 46.61
CA ALA C 391 20.26 15.22 45.22
C ALA C 391 19.94 16.53 44.54
N THR C 392 18.73 17.04 44.74
CA THR C 392 18.36 18.29 44.11
C THR C 392 19.23 19.47 44.59
N ARG C 393 19.56 19.51 45.89
CA ARG C 393 20.42 20.58 46.39
C ARG C 393 21.79 20.48 45.74
N ALA C 394 22.37 19.30 45.68
CA ALA C 394 23.66 19.13 44.98
C ALA C 394 23.67 19.47 43.50
N PHE C 395 22.64 19.06 42.78
CA PHE C 395 22.53 19.29 41.34
C PHE C 395 22.20 20.75 40.96
N SER C 396 21.68 21.54 41.90
CA SER C 396 21.42 23.00 41.68
C SER C 396 22.66 23.82 41.32
N GLN C 397 23.85 23.34 41.67
CA GLN C 397 25.07 24.02 41.28
C GLN C 397 25.80 23.29 40.11
N ILE C 398 25.01 22.81 39.14
CA ILE C 398 25.47 22.45 37.81
C ILE C 398 25.02 23.62 36.94
N LYS C 399 25.97 24.17 36.20
CA LYS C 399 25.69 25.26 35.30
C LYS C 399 25.27 24.73 33.91
N ASP C 400 24.39 25.51 33.31
CA ASP C 400 23.80 25.22 31.99
C ASP C 400 23.23 23.78 31.88
N ALA C 401 22.52 23.41 32.94
CA ALA C 401 21.60 22.32 32.93
C ALA C 401 20.63 22.50 34.10
N MET C 402 19.37 22.18 33.85
CA MET C 402 18.35 22.09 34.92
C MET C 402 18.28 20.59 35.24
N VAL C 403 18.47 20.23 36.50
CA VAL C 403 18.63 18.85 36.94
C VAL C 403 17.86 18.67 38.24
N PHE C 404 16.84 17.82 38.20
CA PHE C 404 15.83 17.73 39.28
C PHE C 404 15.63 16.27 39.64
N ALA C 405 15.84 15.93 40.92
CA ALA C 405 15.53 14.59 41.44
C ALA C 405 14.10 14.58 42.00
N PHE C 406 13.35 13.50 41.78
CA PHE C 406 11.93 13.48 42.16
C PHE C 406 11.35 12.05 42.26
N ASN C 407 10.42 11.84 43.19
CA ASN C 407 9.62 10.60 43.25
C ASN C 407 8.24 10.74 42.59
N LEU C 408 7.86 9.78 41.74
CA LEU C 408 6.63 9.91 40.93
C LEU C 408 5.29 9.66 41.69
N THR C 418 -4.78 18.51 43.70
CA THR C 418 -3.46 19.15 43.47
C THR C 418 -3.40 20.08 42.17
N GLY C 419 -2.98 19.51 41.03
CA GLY C 419 -2.73 20.28 39.81
C GLY C 419 -3.91 20.43 38.83
N PHE C 420 -3.66 21.09 37.70
CA PHE C 420 -4.60 21.09 36.58
C PHE C 420 -3.89 20.97 35.21
N ASP C 421 -4.68 20.57 34.21
CA ASP C 421 -4.22 20.30 32.83
C ASP C 421 -5.02 21.04 31.77
N PHE C 422 -4.45 22.11 31.25
CA PHE C 422 -5.16 23.01 30.35
C PHE C 422 -4.64 22.81 28.93
N GLU C 423 -5.52 22.93 27.92
CA GLU C 423 -5.06 22.97 26.53
C GLU C 423 -5.46 24.28 25.92
N LEU C 424 -4.49 25.06 25.46
CA LEU C 424 -4.74 26.23 24.64
C LEU C 424 -4.82 25.77 23.22
N ILE C 425 -5.80 26.28 22.46
CA ILE C 425 -6.17 25.71 21.18
C ILE C 425 -6.28 26.74 20.10
N ASP C 426 -5.64 26.50 18.96
CA ASP C 426 -5.81 27.37 17.78
C ASP C 426 -7.11 26.98 17.02
N GLN C 427 -8.18 27.78 17.15
CA GLN C 427 -9.52 27.50 16.61
C GLN C 427 -9.84 28.08 15.21
N ALA C 428 -8.93 28.85 14.65
CA ALA C 428 -9.14 29.66 13.47
C ALA C 428 -7.94 29.78 12.58
N GLY C 429 -7.09 28.77 12.55
CA GLY C 429 -5.99 28.78 11.56
C GLY C 429 -4.95 29.87 11.82
N LEU C 430 -4.75 30.21 13.10
CA LEU C 430 -3.81 31.30 13.45
C LEU C 430 -2.34 30.98 13.12
N GLY C 431 -1.93 29.72 13.29
CA GLY C 431 -0.53 29.34 13.07
C GLY C 431 0.24 29.28 14.41
N HIS C 432 1.34 28.52 14.37
CA HIS C 432 2.17 28.30 15.56
C HIS C 432 2.65 29.60 16.25
N GLU C 433 3.13 30.54 15.47
CA GLU C 433 3.70 31.81 16.00
C GLU C 433 2.66 32.62 16.76
N LYS C 434 1.46 32.77 16.19
CA LYS C 434 0.39 33.47 16.92
C LYS C 434 -0.10 32.72 18.14
N LEU C 435 -0.18 31.39 18.07
CA LEU C 435 -0.52 30.60 19.24
C LEU C 435 0.52 30.70 20.37
N THR C 436 1.83 30.69 20.05
CA THR C 436 2.83 30.93 21.08
C THR C 436 2.60 32.30 21.81
N GLN C 437 2.35 33.36 21.05
CA GLN C 437 2.12 34.73 21.56
C GLN C 437 0.87 34.76 22.47
N ALA C 438 -0.20 34.04 22.07
CA ALA C 438 -1.35 33.90 22.96
C ALA C 438 -1.02 33.11 24.20
N ARG C 439 -0.24 32.06 24.04
CA ARG C 439 0.21 31.33 25.19
C ARG C 439 0.95 32.23 26.15
N ASN C 440 1.87 33.02 25.62
CA ASN C 440 2.70 33.92 26.48
C ASN C 440 1.85 35.00 27.17
N GLN C 441 0.83 35.50 26.47
CA GLN C 441 -0.21 36.38 27.06
C GLN C 441 -0.91 35.73 28.23
N LEU C 442 -1.26 34.46 28.11
CA LEU C 442 -1.90 33.80 29.25
C LEU C 442 -0.94 33.52 30.39
N LEU C 443 0.28 33.12 30.08
CA LEU C 443 1.25 32.79 31.12
C LEU C 443 1.63 34.07 31.89
N ALA C 444 1.75 35.20 31.18
CA ALA C 444 2.08 36.46 31.82
C ALA C 444 0.95 36.95 32.74
N GLU C 445 -0.31 36.85 32.28
CA GLU C 445 -1.45 37.06 33.18
C GLU C 445 -1.53 36.10 34.35
N ALA C 446 -1.31 34.83 34.16
CA ALA C 446 -1.41 33.92 35.30
C ALA C 446 -0.39 34.24 36.39
N ALA C 447 0.75 34.82 35.98
CA ALA C 447 1.80 35.22 36.91
C ALA C 447 1.39 36.45 37.76
N LYS C 448 0.57 37.31 37.20
CA LYS C 448 -0.01 38.44 37.95
C LYS C 448 -0.99 38.05 39.06
N HIS C 449 -1.37 36.76 39.18
CA HIS C 449 -2.27 36.30 40.21
C HIS C 449 -1.65 35.17 41.05
N PRO C 450 -0.44 35.38 41.60
CA PRO C 450 0.19 34.35 42.48
C PRO C 450 -0.59 34.03 43.78
N ASP C 451 -1.49 34.94 44.18
CA ASP C 451 -2.53 34.66 45.20
C ASP C 451 -3.36 33.39 44.93
N MET C 452 -3.68 33.14 43.65
CA MET C 452 -4.54 32.02 43.21
C MET C 452 -3.81 30.86 42.44
N LEU C 453 -2.80 31.20 41.61
CA LEU C 453 -2.12 30.21 40.73
C LEU C 453 -0.61 30.12 40.97
N THR C 454 -0.03 28.92 41.00
CA THR C 454 1.43 28.81 41.04
C THR C 454 1.93 27.79 40.02
N SER C 455 3.13 28.05 39.51
CA SER C 455 3.85 27.14 38.59
C SER C 455 3.08 26.90 37.25
N VAL C 456 2.39 27.94 36.76
CA VAL C 456 1.66 27.84 35.52
C VAL C 456 2.67 27.98 34.39
N ARG C 457 2.82 26.90 33.64
CA ARG C 457 3.97 26.70 32.74
C ARG C 457 3.55 25.85 31.50
N PRO C 458 4.24 26.01 30.36
CA PRO C 458 4.07 25.04 29.27
C PRO C 458 4.52 23.68 29.67
N ASN C 459 3.82 22.67 29.19
CA ASN C 459 4.27 21.28 29.35
C ASN C 459 5.27 20.97 28.23
N GLY C 460 5.20 21.71 27.12
CA GLY C 460 6.04 21.41 25.97
C GLY C 460 7.32 22.20 25.89
N LEU C 461 7.85 22.30 24.67
CA LEU C 461 9.16 22.84 24.40
C LEU C 461 9.06 24.16 23.69
N GLU C 462 10.11 24.98 23.80
CA GLU C 462 10.17 26.28 23.17
C GLU C 462 10.78 26.20 21.79
N ASP C 463 10.50 27.16 20.93
CA ASP C 463 11.14 27.15 19.61
C ASP C 463 12.65 27.28 19.74
N THR C 464 13.40 26.78 18.80
CA THR C 464 14.85 26.76 18.89
C THR C 464 15.42 27.15 17.53
N PRO C 465 16.72 27.47 17.46
CA PRO C 465 17.31 27.78 16.14
C PRO C 465 17.22 26.63 15.19
N GLN C 466 16.81 26.91 13.95
CA GLN C 466 16.93 25.91 12.91
C GLN C 466 17.56 26.45 11.63
N PHE C 467 18.16 25.54 10.86
CA PHE C 467 18.92 25.90 9.63
C PHE C 467 18.00 25.76 8.39
N LYS C 468 17.54 26.88 7.83
CA LYS C 468 16.64 26.90 6.70
C LYS C 468 17.44 26.94 5.45
N ILE C 469 17.34 25.90 4.62
CA ILE C 469 18.01 25.91 3.34
C ILE C 469 16.96 26.04 2.22
N ASP C 470 17.14 27.03 1.35
CA ASP C 470 16.28 27.18 0.16
C ASP C 470 17.00 26.67 -1.04
N ILE C 471 16.37 25.80 -1.79
CA ILE C 471 16.88 25.36 -3.05
C ILE C 471 16.43 26.38 -4.11
N ASP C 472 17.34 26.82 -4.98
CA ASP C 472 16.96 27.80 -6.00
C ASP C 472 16.55 27.05 -7.24
N GLN C 473 15.27 27.08 -7.55
CA GLN C 473 14.77 26.23 -8.62
C GLN C 473 15.29 26.66 -9.94
N GLU C 474 15.41 27.98 -10.16
CA GLU C 474 15.96 28.46 -11.42
C GLU C 474 17.41 28.01 -11.60
N LYS C 475 18.28 28.21 -10.62
CA LYS C 475 19.65 27.73 -10.83
C LYS C 475 19.70 26.20 -11.08
N ALA C 476 18.87 25.44 -10.39
CA ALA C 476 18.94 24.00 -10.57
C ALA C 476 18.52 23.64 -11.97
N GLN C 477 17.47 24.29 -12.47
CA GLN C 477 17.05 24.10 -13.86
C GLN C 477 18.12 24.51 -14.91
N ALA C 478 18.74 25.68 -14.71
CA ALA C 478 19.76 26.18 -15.65
C ALA C 478 20.90 25.17 -15.80
N LEU C 479 21.33 24.63 -14.67
CA LEU C 479 22.39 23.63 -14.58
C LEU C 479 22.01 22.18 -14.88
N GLY C 480 20.74 21.86 -14.97
CA GLY C 480 20.29 20.49 -15.28
C GLY C 480 20.43 19.56 -14.08
N VAL C 481 20.39 20.14 -12.87
CA VAL C 481 20.36 19.36 -11.66
C VAL C 481 18.89 19.08 -11.30
N SER C 482 18.57 17.82 -11.15
CA SER C 482 17.21 17.40 -10.76
C SER C 482 16.94 17.64 -9.28
N ILE C 483 15.73 18.07 -8.98
CA ILE C 483 15.32 18.38 -7.61
C ILE C 483 15.27 17.14 -6.76
N ASN C 484 14.92 16.00 -7.35
CA ASN C 484 14.94 14.74 -6.63
C ASN C 484 16.33 14.34 -6.22
N ASP C 485 17.29 14.51 -7.13
CA ASP C 485 18.66 14.25 -6.82
C ASP C 485 19.12 15.18 -5.68
N ILE C 486 18.68 16.42 -5.74
CA ILE C 486 19.03 17.40 -4.71
C ILE C 486 18.52 16.95 -3.37
N ASN C 487 17.23 16.69 -3.31
CA ASN C 487 16.60 16.35 -2.03
C ASN C 487 16.92 14.98 -1.49
N THR C 488 17.25 14.04 -2.32
CA THR C 488 17.72 12.72 -1.88
C THR C 488 19.16 12.82 -1.39
N THR C 489 20.00 13.60 -2.10
CA THR C 489 21.35 13.80 -1.64
C THR C 489 21.34 14.42 -0.26
N LEU C 490 20.60 15.49 -0.06
CA LEU C 490 20.56 16.16 1.27
C LEU C 490 19.98 15.24 2.33
N GLY C 491 18.80 14.71 2.04
CA GLY C 491 18.11 13.84 3.01
C GLY C 491 18.91 12.59 3.38
N ALA C 492 19.37 11.91 2.35
CA ALA C 492 20.07 10.64 2.57
C ALA C 492 21.37 10.86 3.37
N ALA C 493 22.15 11.87 3.01
CA ALA C 493 23.38 12.16 3.71
C ALA C 493 23.14 12.71 5.12
N TRP C 494 22.24 13.67 5.27
CA TRP C 494 22.14 14.33 6.56
C TRP C 494 21.14 13.73 7.50
N GLY C 495 20.12 13.06 6.98
CA GLY C 495 19.10 12.42 7.81
C GLY C 495 19.19 10.91 7.81
N GLY C 496 19.74 10.29 6.77
CA GLY C 496 19.77 8.83 6.66
C GLY C 496 18.58 8.31 5.88
N SER C 497 18.75 7.17 5.23
CA SER C 497 17.71 6.54 4.44
C SER C 497 17.75 5.02 4.59
N TYR C 498 16.59 4.44 4.82
CA TYR C 498 16.40 3.01 4.94
C TYR C 498 16.22 2.53 3.54
N VAL C 499 17.22 1.84 3.00
CA VAL C 499 17.29 1.49 1.59
C VAL C 499 16.49 0.21 1.36
N ASN C 500 16.91 -0.87 2.01
CA ASN C 500 16.22 -2.19 1.88
C ASN C 500 16.77 -3.10 2.99
N ASP C 501 16.55 -4.39 2.90
CA ASP C 501 16.83 -5.34 3.96
C ASP C 501 17.97 -6.31 3.57
N PHE C 502 18.67 -6.85 4.55
CA PHE C 502 19.70 -7.82 4.29
C PHE C 502 19.50 -8.93 5.27
N ILE C 503 20.30 -9.99 5.15
CA ILE C 503 20.21 -11.10 6.06
C ILE C 503 21.47 -11.24 6.91
N ASP C 504 21.34 -11.13 8.21
CA ASP C 504 22.48 -11.16 9.12
C ASP C 504 22.40 -12.42 9.95
N ARG C 505 23.30 -13.37 9.69
CA ARG C 505 23.31 -14.63 10.42
C ARG C 505 21.88 -15.24 10.35
N GLY C 506 21.33 -15.28 9.14
CA GLY C 506 19.98 -15.83 8.90
C GLY C 506 18.75 -15.03 9.27
N ARG C 507 18.93 -13.85 9.87
CA ARG C 507 17.82 -12.97 10.30
C ARG C 507 17.72 -11.71 9.49
N VAL C 508 16.53 -11.42 8.93
CA VAL C 508 16.34 -10.18 8.16
C VAL C 508 16.42 -8.93 9.02
N LYS C 509 17.10 -7.91 8.47
CA LYS C 509 17.51 -6.70 9.17
C LYS C 509 17.65 -5.63 8.14
N LYS C 510 17.58 -4.38 8.59
CA LYS C 510 17.60 -3.19 7.67
C LYS C 510 19.00 -2.71 7.21
N VAL C 511 19.01 -1.99 6.10
CA VAL C 511 20.25 -1.43 5.52
C VAL C 511 20.02 0.08 5.49
N TYR C 512 20.92 0.88 6.09
CA TYR C 512 20.77 2.35 6.12
C TYR C 512 21.95 2.98 5.48
N VAL C 513 21.73 3.95 4.59
CA VAL C 513 22.74 4.87 4.09
C VAL C 513 22.62 6.24 4.81
N MET C 514 23.77 6.81 5.15
CA MET C 514 23.87 8.15 5.77
C MET C 514 25.32 8.69 5.62
N SER C 515 25.52 9.99 5.76
CA SER C 515 26.91 10.52 5.70
C SER C 515 27.61 10.05 6.91
N GLU C 516 28.89 9.74 6.75
CA GLU C 516 29.74 9.59 7.94
C GLU C 516 29.61 10.91 8.74
N ALA C 517 29.65 10.78 10.08
CA ALA C 517 29.35 11.90 10.98
C ALA C 517 30.08 13.22 10.63
N LYS C 518 31.35 13.12 10.24
CA LYS C 518 32.17 14.34 10.14
C LYS C 518 31.90 15.13 8.89
N TYR C 519 31.11 14.58 7.97
CA TYR C 519 30.62 15.34 6.85
C TYR C 519 29.19 15.85 6.99
N ARG C 520 28.56 15.71 8.17
CA ARG C 520 27.19 16.23 8.38
C ARG C 520 27.01 16.92 9.73
N MET C 521 28.01 17.71 10.11
CA MET C 521 28.03 18.31 11.43
C MET C 521 27.69 19.76 11.40
N LEU C 522 28.20 20.49 10.40
CA LEU C 522 28.12 21.96 10.40
C LEU C 522 27.74 22.55 9.06
N PRO C 523 27.22 23.79 9.08
CA PRO C 523 26.84 24.45 7.85
C PRO C 523 27.84 24.36 6.73
N ASP C 524 29.13 24.54 6.99
CA ASP C 524 30.15 24.45 5.90
C ASP C 524 30.22 23.08 5.18
N ASP C 525 29.84 22.04 5.90
CA ASP C 525 29.82 20.68 5.33
C ASP C 525 28.81 20.54 4.16
N ILE C 526 27.73 21.35 4.16
CA ILE C 526 26.71 21.39 3.08
C ILE C 526 27.39 21.56 1.72
N GLY C 527 28.34 22.48 1.63
CA GLY C 527 29.07 22.68 0.38
C GLY C 527 30.06 21.61 -0.07
N ASP C 528 30.36 20.63 0.77
CA ASP C 528 31.15 19.46 0.36
C ASP C 528 30.31 18.40 -0.39
N TRP C 529 28.99 18.57 -0.42
CA TRP C 529 28.12 17.62 -1.12
C TRP C 529 27.80 18.08 -2.52
N TYR C 530 28.00 17.16 -3.47
CA TYR C 530 27.86 17.41 -4.90
C TYR C 530 26.76 16.55 -5.47
N VAL C 531 26.08 17.11 -6.44
CA VAL C 531 25.02 16.47 -7.16
C VAL C 531 25.38 16.45 -8.66
N ARG C 532 25.03 15.37 -9.35
CA ARG C 532 25.40 15.22 -10.73
C ARG C 532 24.27 15.78 -11.61
N ALA C 533 24.59 16.65 -12.52
CA ALA C 533 23.61 17.22 -13.43
C ALA C 533 23.46 16.28 -14.56
N ALA C 534 22.43 16.55 -15.36
CA ALA C 534 22.09 15.72 -16.52
C ALA C 534 23.23 15.59 -17.52
N ASP C 535 24.06 16.63 -17.67
CA ASP C 535 25.27 16.56 -18.55
C ASP C 535 26.52 15.93 -17.92
N GLY C 536 26.40 15.36 -16.71
CA GLY C 536 27.48 14.67 -16.04
C GLY C 536 28.43 15.50 -15.21
N GLN C 537 28.29 16.83 -15.22
CA GLN C 537 29.10 17.64 -14.35
C GLN C 537 28.64 17.54 -12.92
N MET C 538 29.58 17.57 -11.98
CA MET C 538 29.29 17.56 -10.55
C MET C 538 29.09 18.99 -10.12
N VAL C 539 28.04 19.26 -9.35
CA VAL C 539 27.69 20.62 -8.96
C VAL C 539 27.64 20.67 -7.44
N PRO C 540 28.35 21.64 -6.79
CA PRO C 540 28.20 21.68 -5.33
C PRO C 540 26.89 22.26 -4.86
N PHE C 541 26.47 21.89 -3.66
CA PHE C 541 25.24 22.40 -3.04
C PHE C 541 25.14 23.91 -2.97
N SER C 542 26.27 24.56 -2.80
CA SER C 542 26.32 26.02 -2.76
C SER C 542 26.02 26.67 -4.09
N ALA C 543 26.13 25.96 -5.22
CA ALA C 543 25.78 26.64 -6.46
C ALA C 543 24.25 26.96 -6.58
N PHE C 544 23.41 26.15 -5.94
CA PHE C 544 21.94 26.26 -6.13
C PHE C 544 21.22 26.38 -4.80
N SER C 545 21.89 26.77 -3.74
CA SER C 545 21.19 26.92 -2.46
C SER C 545 21.69 28.09 -1.70
N SER C 546 20.91 28.54 -0.72
CA SER C 546 21.26 29.60 0.24
C SER C 546 20.64 29.20 1.56
N SER C 547 21.19 29.66 2.67
CA SER C 547 20.67 29.32 3.97
C SER C 547 20.70 30.44 4.95
N ARG C 548 19.97 30.27 6.04
CA ARG C 548 19.91 31.23 7.13
C ARG C 548 19.35 30.58 8.40
N TRP C 549 19.67 31.19 9.55
CA TRP C 549 19.09 30.78 10.83
C TRP C 549 17.68 31.37 11.00
N GLU C 550 16.77 30.59 11.57
CA GLU C 550 15.44 31.07 12.00
C GLU C 550 15.04 30.24 13.17
N TYR C 551 13.92 30.53 13.81
CA TYR C 551 13.38 29.71 14.89
C TYR C 551 12.22 28.88 14.35
N GLY C 552 12.04 27.71 14.93
CA GLY C 552 10.83 26.94 14.73
C GLY C 552 10.72 25.92 15.82
N SER C 553 9.67 25.11 15.78
CA SER C 553 9.35 24.24 16.87
C SER C 553 10.03 22.92 16.73
N PRO C 554 10.65 22.47 17.81
CA PRO C 554 11.09 21.08 17.86
C PRO C 554 10.00 20.12 18.38
N ARG C 555 8.82 20.60 18.75
CA ARG C 555 7.74 19.74 19.15
C ARG C 555 6.40 20.46 19.06
N LEU C 556 5.64 20.08 18.03
CA LEU C 556 4.31 20.61 17.77
C LEU C 556 3.28 19.68 18.42
N GLU C 557 2.27 20.30 19.04
CA GLU C 557 1.26 19.61 19.82
C GLU C 557 -0.06 19.92 19.17
N ARG C 558 -0.96 18.96 19.20
CA ARG C 558 -2.35 19.11 18.77
C ARG C 558 -3.33 18.47 19.76
N TYR C 559 -4.54 18.99 19.79
CA TYR C 559 -5.55 18.51 20.73
C TYR C 559 -6.83 18.48 19.94
N ASN C 560 -7.49 17.35 19.95
CA ASN C 560 -8.72 17.12 19.15
C ASN C 560 -8.64 17.62 17.72
N GLY C 561 -7.47 17.40 17.12
CA GLY C 561 -7.23 17.72 15.72
C GLY C 561 -6.80 19.13 15.36
N LEU C 562 -6.58 19.98 16.38
CA LEU C 562 -6.20 21.35 16.16
C LEU C 562 -4.89 21.63 16.89
N PRO C 563 -4.10 22.54 16.36
CA PRO C 563 -2.93 22.93 17.03
C PRO C 563 -3.19 23.39 18.44
N SER C 564 -2.31 22.98 19.34
CA SER C 564 -2.49 23.18 20.72
C SER C 564 -1.15 23.42 21.47
N MET C 565 -1.28 23.99 22.65
CA MET C 565 -0.16 24.08 23.62
C MET C 565 -0.71 23.71 24.95
N GLU C 566 -0.22 22.62 25.51
CA GLU C 566 -0.61 22.18 26.85
C GLU C 566 0.06 23.05 27.96
N ILE C 567 -0.72 23.44 28.95
CA ILE C 567 -0.29 24.29 30.07
C ILE C 567 -0.67 23.60 31.36
N LEU C 568 0.30 23.41 32.24
CA LEU C 568 0.10 22.85 33.57
C LEU C 568 0.18 23.90 34.61
N GLY C 569 -0.30 23.57 35.79
CA GLY C 569 -0.32 24.52 36.87
C GLY C 569 -0.98 23.93 38.09
N GLN C 570 -1.03 24.73 39.15
CA GLN C 570 -1.71 24.38 40.39
C GLN C 570 -2.25 25.63 41.08
N ALA C 571 -3.26 25.37 41.88
CA ALA C 571 -3.81 26.34 42.83
C ALA C 571 -2.75 26.70 43.84
N ALA C 572 -2.72 27.97 44.22
CA ALA C 572 -1.85 28.47 45.30
C ALA C 572 -2.16 27.80 46.64
N PRO C 573 -1.36 28.10 47.69
CA PRO C 573 -1.76 27.51 48.98
C PRO C 573 -3.13 28.01 49.51
N GLY C 574 -3.91 27.06 50.01
CA GLY C 574 -5.21 27.31 50.63
C GLY C 574 -6.34 27.68 49.69
N LYS C 575 -6.18 27.41 48.39
CA LYS C 575 -7.16 27.70 47.34
C LYS C 575 -7.53 26.36 46.72
N SER C 576 -8.73 26.23 46.16
CA SER C 576 -9.17 24.93 45.56
C SER C 576 -8.74 24.82 44.09
N THR C 577 -8.61 23.59 43.59
CA THR C 577 -8.32 23.39 42.15
C THR C 577 -9.44 24.04 41.31
N GLY C 578 -10.70 23.78 41.70
CA GLY C 578 -11.87 24.44 41.09
C GLY C 578 -11.79 25.96 40.98
N GLU C 579 -11.15 26.62 41.95
CA GLU C 579 -11.08 28.08 41.97
C GLU C 579 -10.01 28.58 40.97
N ALA C 580 -8.89 27.85 40.96
CA ALA C 580 -7.76 28.06 40.04
C ALA C 580 -8.21 27.89 38.60
N MET C 581 -9.01 26.85 38.37
CA MET C 581 -9.60 26.62 37.07
C MET C 581 -10.46 27.79 36.63
N GLU C 582 -11.31 28.29 37.54
CA GLU C 582 -12.23 29.38 37.21
C GLU C 582 -11.48 30.60 36.75
N LEU C 583 -10.40 30.94 37.44
CA LEU C 583 -9.54 32.07 37.01
C LEU C 583 -8.87 31.79 35.63
N MET C 584 -8.31 30.60 35.43
CA MET C 584 -7.70 30.27 34.12
C MET C 584 -8.71 30.52 32.99
N GLU C 585 -9.96 30.06 33.18
CA GLU C 585 -11.01 30.28 32.19
C GLU C 585 -11.26 31.74 31.91
N GLN C 586 -11.30 32.52 32.99
CA GLN C 586 -11.50 33.95 32.88
C GLN C 586 -10.32 34.63 32.18
N LEU C 587 -9.10 34.26 32.57
CA LEU C 587 -7.90 34.78 31.83
C LEU C 587 -8.00 34.39 30.34
N ALA C 588 -8.36 33.13 30.13
CA ALA C 588 -8.54 32.60 28.77
C ALA C 588 -9.55 33.36 27.91
N SER C 589 -10.59 33.95 28.51
CA SER C 589 -11.59 34.74 27.75
C SER C 589 -11.06 36.04 27.12
N LYS C 590 -9.86 36.44 27.55
CA LYS C 590 -9.27 37.72 27.16
C LYS C 590 -8.15 37.58 26.10
N LEU C 591 -7.99 36.37 25.55
CA LEU C 591 -6.92 36.10 24.61
C LEU C 591 -7.32 36.55 23.22
N PRO C 592 -6.36 36.67 22.30
CA PRO C 592 -6.74 37.14 20.97
C PRO C 592 -7.79 36.28 20.25
N THR C 593 -8.39 36.88 19.22
CA THR C 593 -9.50 36.25 18.55
C THR C 593 -9.05 34.96 17.90
N GLY C 594 -9.83 33.91 18.09
CA GLY C 594 -9.57 32.63 17.47
C GLY C 594 -8.82 31.68 18.35
N VAL C 595 -8.49 32.08 19.61
CA VAL C 595 -7.78 31.26 20.55
C VAL C 595 -8.76 30.68 21.56
N GLY C 596 -8.87 29.35 21.64
CA GLY C 596 -9.79 28.70 22.54
C GLY C 596 -9.07 27.89 23.56
N TYR C 597 -9.81 27.19 24.42
CA TYR C 597 -9.20 26.27 25.34
C TYR C 597 -10.08 25.10 25.66
N ASP C 598 -9.46 24.10 26.28
CA ASP C 598 -10.21 22.97 26.80
C ASP C 598 -9.43 22.37 27.96
N TRP C 599 -10.14 21.66 28.85
CA TRP C 599 -9.55 20.96 29.97
C TRP C 599 -9.37 19.49 29.59
N THR C 600 -8.29 18.85 30.04
CA THR C 600 -7.97 17.51 29.66
C THR C 600 -7.45 16.74 30.86
N GLY C 601 -7.19 15.43 30.69
CA GLY C 601 -6.54 14.60 31.70
C GLY C 601 -7.26 14.64 33.05
N MET C 602 -6.46 14.85 34.12
CA MET C 602 -6.96 14.98 35.48
C MET C 602 -8.08 16.05 35.58
N SER C 603 -8.04 17.10 34.74
CA SER C 603 -9.00 18.19 34.80
C SER C 603 -10.28 17.99 33.97
N TYR C 604 -10.37 16.94 33.18
CA TYR C 604 -11.58 16.67 32.41
C TYR C 604 -12.73 16.25 33.35
N HIS D 5 -28.20 18.48 -43.33
CA HIS D 5 -28.11 17.11 -42.73
C HIS D 5 -27.77 17.10 -41.16
N HIS D 6 -27.09 18.14 -40.64
CA HIS D 6 -27.01 18.46 -39.20
C HIS D 6 -28.30 19.16 -38.67
N HIS D 7 -29.26 18.38 -38.16
CA HIS D 7 -30.57 18.94 -37.72
C HIS D 7 -30.42 19.57 -36.35
N HIS D 8 -30.97 20.76 -36.11
CA HIS D 8 -30.74 21.43 -34.80
C HIS D 8 -31.66 20.94 -33.63
N HIS D 9 -31.08 20.92 -32.41
CA HIS D 9 -31.72 20.42 -31.17
C HIS D 9 -32.75 21.43 -30.63
N HIS D 10 -34.02 21.26 -31.02
CA HIS D 10 -35.13 22.04 -30.47
C HIS D 10 -35.74 21.27 -29.29
N GLY D 11 -35.80 21.91 -28.11
CA GLY D 11 -36.48 21.34 -26.93
C GLY D 11 -37.99 21.08 -27.02
N SER D 12 -38.56 21.27 -28.22
CA SER D 12 -39.83 20.66 -28.73
C SER D 12 -40.37 19.45 -27.92
N ASP D 13 -41.59 19.58 -27.40
CA ASP D 13 -42.26 18.53 -26.59
C ASP D 13 -42.43 17.21 -27.40
N LEU D 14 -43.01 17.27 -28.61
CA LEU D 14 -43.21 16.06 -29.47
C LEU D 14 -41.91 15.45 -30.07
N GLY D 15 -40.91 16.28 -30.37
CA GLY D 15 -39.55 15.86 -30.71
C GLY D 15 -38.89 14.99 -29.64
N LYS D 16 -38.91 15.46 -28.38
CA LYS D 16 -38.42 14.66 -27.25
C LYS D 16 -39.10 13.30 -27.18
N LYS D 17 -40.42 13.33 -27.17
CA LYS D 17 -41.21 12.10 -27.10
C LYS D 17 -40.80 11.10 -28.20
N LEU D 18 -40.60 11.61 -29.42
CA LEU D 18 -40.29 10.77 -30.57
C LEU D 18 -38.90 10.21 -30.39
N LEU D 19 -37.93 11.09 -30.08
CA LEU D 19 -36.54 10.68 -29.80
C LEU D 19 -36.53 9.55 -28.78
N GLU D 20 -37.28 9.72 -27.69
CA GLU D 20 -37.33 8.73 -26.65
C GLU D 20 -38.05 7.46 -27.10
N ALA D 21 -39.08 7.63 -27.90
CA ALA D 21 -39.85 6.49 -28.33
C ALA D 21 -39.08 5.67 -29.33
N ALA D 22 -38.42 6.34 -30.27
CA ALA D 22 -37.58 5.65 -31.26
C ALA D 22 -36.46 4.87 -30.56
N ARG D 23 -35.88 5.48 -29.51
CA ARG D 23 -34.86 4.88 -28.67
C ARG D 23 -35.38 3.59 -27.94
N ALA D 24 -36.57 3.62 -27.34
CA ALA D 24 -37.11 2.43 -26.59
C ALA D 24 -37.84 1.35 -27.44
N GLY D 25 -37.98 1.55 -28.74
CA GLY D 25 -38.69 0.59 -29.58
C GLY D 25 -40.22 0.57 -29.40
N ARG D 26 -40.81 1.71 -29.05
CA ARG D 26 -42.27 1.79 -28.90
C ARG D 26 -42.87 2.13 -30.27
N ASP D 27 -43.05 1.07 -31.06
CA ASP D 27 -43.67 1.11 -32.43
C ASP D 27 -44.95 1.96 -32.51
N ASP D 28 -45.94 1.63 -31.65
CA ASP D 28 -47.26 2.29 -31.66
C ASP D 28 -47.13 3.80 -31.41
N GLU D 29 -46.50 4.16 -30.30
CA GLU D 29 -46.25 5.57 -29.95
C GLU D 29 -45.54 6.36 -31.07
N VAL D 30 -44.51 5.78 -31.70
CA VAL D 30 -43.88 6.41 -32.84
C VAL D 30 -44.91 6.75 -33.92
N ARG D 31 -45.78 5.78 -34.26
CA ARG D 31 -46.90 6.00 -35.22
C ARG D 31 -47.85 7.19 -34.80
N ILE D 32 -48.23 7.22 -33.53
CA ILE D 32 -49.15 8.25 -33.00
C ILE D 32 -48.54 9.64 -33.14
N LEU D 33 -47.30 9.75 -32.68
CA LEU D 33 -46.58 11.01 -32.72
C LEU D 33 -46.38 11.53 -34.11
N MET D 34 -46.19 10.60 -35.06
CA MET D 34 -46.01 10.94 -36.47
C MET D 34 -47.30 11.51 -37.10
N ALA D 35 -48.41 10.86 -36.81
CA ALA D 35 -49.76 11.34 -37.15
C ALA D 35 -50.09 12.69 -36.49
N ASN D 36 -49.52 12.95 -35.31
CA ASN D 36 -49.69 14.24 -34.61
C ASN D 36 -48.66 15.33 -34.92
N GLY D 37 -47.89 15.14 -36.00
CA GLY D 37 -47.02 16.20 -36.62
C GLY D 37 -45.59 16.35 -36.11
N ALA D 38 -45.14 15.39 -35.30
CA ALA D 38 -43.82 15.44 -34.64
C ALA D 38 -42.73 15.59 -35.70
N ASP D 39 -41.72 16.42 -35.39
CA ASP D 39 -40.59 16.64 -36.31
C ASP D 39 -39.87 15.31 -36.46
N VAL D 40 -39.97 14.72 -37.64
CA VAL D 40 -39.33 13.44 -37.91
C VAL D 40 -37.79 13.51 -37.76
N ASN D 41 -37.21 14.66 -38.06
CA ASN D 41 -35.80 14.95 -37.84
C ASN D 41 -35.51 15.80 -36.58
N ALA D 42 -36.25 15.57 -35.50
CA ALA D 42 -35.84 16.16 -34.21
C ALA D 42 -34.47 15.57 -33.85
N ALA D 43 -33.60 16.39 -33.32
CA ALA D 43 -32.26 15.98 -32.91
C ALA D 43 -32.09 16.18 -31.41
N ASP D 44 -31.34 15.29 -30.77
CA ASP D 44 -30.93 15.52 -29.36
C ASP D 44 -29.62 16.31 -29.30
N VAL D 45 -29.10 16.47 -28.10
CA VAL D 45 -27.89 17.26 -27.95
C VAL D 45 -26.63 16.71 -28.66
N VAL D 46 -26.54 15.41 -28.96
CA VAL D 46 -25.41 14.93 -29.75
C VAL D 46 -25.69 14.88 -31.26
N GLY D 47 -26.86 15.41 -31.68
CA GLY D 47 -27.21 15.47 -33.08
C GLY D 47 -27.87 14.19 -33.56
N TRP D 48 -28.35 13.36 -32.64
CA TRP D 48 -28.97 12.09 -33.07
C TRP D 48 -30.46 12.37 -33.35
N THR D 49 -30.96 11.84 -34.47
CA THR D 49 -32.33 11.97 -34.88
C THR D 49 -32.95 10.67 -34.49
N PRO D 50 -34.29 10.57 -34.56
CA PRO D 50 -34.86 9.30 -34.13
C PRO D 50 -34.39 8.07 -34.97
N LEU D 51 -33.97 8.35 -36.20
CA LEU D 51 -33.45 7.34 -37.13
C LEU D 51 -32.11 6.81 -36.66
N HIS D 52 -31.22 7.70 -36.23
CA HIS D 52 -29.97 7.29 -35.52
C HIS D 52 -30.22 6.33 -34.38
N LEU D 53 -31.16 6.69 -33.54
CA LEU D 53 -31.48 5.90 -32.38
C LEU D 53 -32.08 4.56 -32.72
N ALA D 54 -33.03 4.55 -33.64
CA ALA D 54 -33.67 3.29 -34.05
C ALA D 54 -32.61 2.38 -34.69
N ALA D 55 -31.75 2.96 -35.50
CA ALA D 55 -30.65 2.25 -36.15
C ALA D 55 -29.66 1.71 -35.11
N TYR D 56 -29.29 2.51 -34.12
CA TYR D 56 -28.37 2.04 -33.07
C TYR D 56 -28.93 0.90 -32.25
N TRP D 57 -30.16 1.06 -31.80
CA TRP D 57 -30.78 0.07 -30.93
C TRP D 57 -31.52 -1.03 -31.71
N GLY D 58 -31.41 -1.04 -33.03
CA GLY D 58 -31.90 -2.18 -33.83
C GLY D 58 -33.41 -2.37 -33.97
N HIS D 59 -34.17 -1.26 -34.00
CA HIS D 59 -35.62 -1.28 -34.08
C HIS D 59 -36.00 -1.12 -35.56
N LEU D 60 -36.08 -2.27 -36.24
CA LEU D 60 -36.33 -2.31 -37.69
C LEU D 60 -37.61 -1.56 -38.13
N GLU D 61 -38.75 -1.88 -37.53
CA GLU D 61 -40.06 -1.31 -37.95
C GLU D 61 -40.13 0.23 -37.82
N ILE D 62 -39.61 0.72 -36.69
CA ILE D 62 -39.44 2.17 -36.48
C ILE D 62 -38.60 2.77 -37.57
N VAL D 63 -37.50 2.11 -37.96
CA VAL D 63 -36.66 2.68 -39.03
C VAL D 63 -37.48 2.86 -40.31
N GLU D 64 -38.26 1.85 -40.67
CA GLU D 64 -39.16 1.91 -41.85
C GLU D 64 -40.24 2.97 -41.68
N VAL D 65 -40.88 3.04 -40.50
CA VAL D 65 -41.83 4.14 -40.23
C VAL D 65 -41.21 5.55 -40.38
N LEU D 66 -40.03 5.73 -39.81
CA LEU D 66 -39.40 7.04 -39.91
C LEU D 66 -39.14 7.41 -41.37
N LEU D 67 -38.61 6.46 -42.14
CA LEU D 67 -38.29 6.69 -43.56
C LEU D 67 -39.55 7.00 -44.39
N LYS D 68 -40.58 6.20 -44.18
CA LYS D 68 -41.91 6.40 -44.83
C LYS D 68 -42.50 7.82 -44.61
N ASN D 69 -42.25 8.37 -43.42
CA ASN D 69 -42.58 9.75 -43.04
C ASN D 69 -41.48 10.78 -43.27
N GLY D 70 -40.61 10.55 -44.25
CA GLY D 70 -39.72 11.62 -44.69
C GLY D 70 -38.43 11.87 -43.92
N ALA D 71 -38.07 10.98 -42.99
CA ALA D 71 -36.81 11.12 -42.21
C ALA D 71 -35.60 11.23 -43.11
N ASP D 72 -34.62 12.03 -42.68
CA ASP D 72 -33.40 12.24 -43.48
C ASP D 72 -32.54 10.99 -43.30
N VAL D 73 -32.44 10.17 -44.35
CA VAL D 73 -31.72 8.92 -44.27
C VAL D 73 -30.22 9.16 -43.97
N ASN D 74 -29.72 10.34 -44.36
CA ASN D 74 -28.32 10.72 -44.16
C ASN D 74 -28.10 11.81 -43.10
N ALA D 75 -28.94 11.85 -42.08
CA ALA D 75 -28.67 12.70 -40.90
C ALA D 75 -27.22 12.51 -40.37
N TYR D 76 -26.54 13.61 -40.12
CA TYR D 76 -25.25 13.64 -39.47
C TYR D 76 -25.42 14.02 -38.00
N ASP D 77 -24.85 13.23 -37.09
CA ASP D 77 -24.71 13.64 -35.67
C ASP D 77 -23.60 14.65 -35.51
N THR D 78 -23.25 15.09 -34.28
CA THR D 78 -22.30 16.20 -34.25
C THR D 78 -20.85 15.79 -34.63
N LEU D 79 -20.56 14.50 -34.80
CA LEU D 79 -19.22 14.08 -35.24
C LEU D 79 -19.19 13.54 -36.66
N GLY D 80 -20.24 13.79 -37.43
CA GLY D 80 -20.28 13.39 -38.85
C GLY D 80 -20.87 12.02 -39.16
N SER D 81 -21.48 11.34 -38.19
CA SER D 81 -21.88 9.97 -38.35
C SER D 81 -23.39 9.86 -38.61
N THR D 82 -23.76 8.81 -39.38
CA THR D 82 -25.06 8.70 -40.01
C THR D 82 -25.76 7.51 -39.44
N PRO D 83 -27.05 7.35 -39.71
CA PRO D 83 -27.68 6.13 -39.21
C PRO D 83 -27.08 4.81 -39.77
N LEU D 84 -26.57 4.85 -40.99
CA LEU D 84 -25.93 3.68 -41.64
C LEU D 84 -24.63 3.27 -40.92
N HIS D 85 -23.82 4.26 -40.52
CA HIS D 85 -22.67 4.01 -39.63
C HIS D 85 -23.07 3.15 -38.43
N LEU D 86 -24.16 3.54 -37.77
CA LEU D 86 -24.54 2.92 -36.52
C LEU D 86 -25.02 1.52 -36.77
N ALA D 87 -25.90 1.36 -37.73
CA ALA D 87 -26.42 0.05 -38.10
C ALA D 87 -25.33 -0.96 -38.57
N ALA D 88 -24.37 -0.47 -39.33
CA ALA D 88 -23.31 -1.28 -39.82
C ALA D 88 -22.39 -1.64 -38.70
N HIS D 89 -22.13 -0.68 -37.81
CA HIS D 89 -21.24 -0.90 -36.67
C HIS D 89 -21.79 -1.96 -35.76
N PHE D 90 -23.05 -1.90 -35.46
CA PHE D 90 -23.68 -2.76 -34.48
C PHE D 90 -24.38 -4.04 -35.06
N GLY D 91 -24.09 -4.42 -36.30
CA GLY D 91 -24.59 -5.69 -36.81
C GLY D 91 -26.08 -5.77 -37.18
N HIS D 92 -26.74 -4.65 -37.42
CA HIS D 92 -28.22 -4.69 -37.72
C HIS D 92 -28.42 -4.78 -39.25
N LEU D 93 -28.38 -6.01 -39.76
CA LEU D 93 -28.39 -6.30 -41.20
C LEU D 93 -29.62 -5.74 -41.92
N GLU D 94 -30.80 -6.04 -41.37
CA GLU D 94 -32.06 -5.76 -42.06
C GLU D 94 -32.19 -4.25 -42.13
N ILE D 95 -31.74 -3.57 -41.07
CA ILE D 95 -31.70 -2.11 -41.05
C ILE D 95 -30.76 -1.55 -42.09
N VAL D 96 -29.55 -2.08 -42.18
CA VAL D 96 -28.58 -1.60 -43.19
C VAL D 96 -29.18 -1.66 -44.60
N GLU D 97 -29.85 -2.79 -44.88
CA GLU D 97 -30.53 -3.00 -46.18
C GLU D 97 -31.59 -1.94 -46.39
N VAL D 98 -32.43 -1.78 -45.39
CA VAL D 98 -33.54 -0.83 -45.47
C VAL D 98 -33.00 0.58 -45.68
N LEU D 99 -31.92 0.93 -45.00
CA LEU D 99 -31.39 2.29 -45.10
C LEU D 99 -30.83 2.53 -46.51
N LEU D 100 -30.01 1.60 -46.99
CA LEU D 100 -29.44 1.71 -48.35
C LEU D 100 -30.54 1.64 -49.42
N LYS D 101 -31.55 0.79 -49.25
CA LYS D 101 -32.75 0.85 -50.11
C LYS D 101 -33.31 2.25 -50.23
N ASN D 102 -33.28 3.02 -49.13
CA ASN D 102 -33.83 4.40 -49.11
C ASN D 102 -32.84 5.52 -49.37
N GLY D 103 -31.70 5.23 -50.01
CA GLY D 103 -30.75 6.30 -50.45
C GLY D 103 -29.66 6.73 -49.46
N ALA D 104 -29.38 5.89 -48.47
CA ALA D 104 -28.28 6.11 -47.57
C ALA D 104 -26.98 6.20 -48.36
N ASP D 105 -26.17 7.18 -47.98
CA ASP D 105 -24.87 7.42 -48.61
C ASP D 105 -23.87 6.33 -48.12
N VAL D 106 -23.72 5.31 -48.93
CA VAL D 106 -22.93 4.14 -48.60
C VAL D 106 -21.44 4.44 -48.32
N ASN D 107 -20.94 5.57 -48.81
CA ASN D 107 -19.57 6.05 -48.58
C ASN D 107 -19.48 7.30 -47.71
N ALA D 108 -20.45 7.47 -46.82
CA ALA D 108 -20.44 8.64 -45.98
C ALA D 108 -19.25 8.46 -44.99
N LYS D 109 -18.49 9.53 -44.88
CA LYS D 109 -17.35 9.62 -44.02
C LYS D 109 -17.76 10.44 -42.80
N ASP D 110 -17.41 9.98 -41.59
CA ASP D 110 -17.51 10.83 -40.40
C ASP D 110 -16.34 11.78 -40.32
N ASP D 111 -16.32 12.58 -39.25
CA ASP D 111 -15.20 13.51 -39.02
C ASP D 111 -13.80 12.87 -39.05
N ASN D 112 -13.74 11.60 -38.67
CA ASN D 112 -12.50 10.83 -38.66
C ASN D 112 -12.16 10.15 -40.01
N GLY D 113 -12.96 10.40 -41.05
CA GLY D 113 -12.82 9.70 -42.31
C GLY D 113 -13.30 8.25 -42.30
N ILE D 114 -14.12 7.91 -41.34
CA ILE D 114 -14.50 6.53 -41.14
C ILE D 114 -15.81 6.35 -41.90
N THR D 115 -15.98 5.23 -42.59
CA THR D 115 -17.13 4.91 -43.43
C THR D 115 -17.82 3.72 -42.76
N PRO D 116 -19.06 3.43 -43.16
CA PRO D 116 -19.76 2.28 -42.68
C PRO D 116 -19.01 0.97 -42.93
N LEU D 117 -18.30 0.86 -44.04
CA LEU D 117 -17.49 -0.31 -44.34
C LEU D 117 -16.38 -0.48 -43.29
N HIS D 118 -15.71 0.62 -42.90
CA HIS D 118 -14.69 0.54 -41.85
C HIS D 118 -15.28 -0.08 -40.57
N LEU D 119 -16.45 0.43 -40.14
CA LEU D 119 -17.03 -0.07 -38.92
C LEU D 119 -17.46 -1.51 -39.04
N ALA D 120 -18.16 -1.82 -40.12
CA ALA D 120 -18.61 -3.17 -40.36
C ALA D 120 -17.40 -4.11 -40.34
N ALA D 121 -16.40 -3.77 -41.15
CA ALA D 121 -15.15 -4.52 -41.17
C ALA D 121 -14.52 -4.70 -39.77
N ASN D 122 -14.37 -3.59 -39.04
CA ASN D 122 -13.71 -3.66 -37.74
C ASN D 122 -14.40 -4.68 -36.80
N ARG D 123 -15.74 -4.75 -36.80
CA ARG D 123 -16.43 -5.65 -35.89
C ARG D 123 -16.77 -7.00 -36.52
N GLY D 124 -16.20 -7.29 -37.70
CA GLY D 124 -16.34 -8.60 -38.35
C GLY D 124 -17.74 -8.94 -38.84
N HIS D 125 -18.53 -7.93 -39.20
CA HIS D 125 -19.92 -8.14 -39.60
C HIS D 125 -19.95 -8.36 -41.10
N LEU D 126 -19.72 -9.61 -41.46
CA LEU D 126 -19.38 -10.01 -42.87
C LEU D 126 -20.57 -9.84 -43.83
N GLU D 127 -21.77 -10.24 -43.41
CA GLU D 127 -22.94 -10.08 -44.24
C GLU D 127 -23.19 -8.59 -44.55
N ILE D 128 -23.05 -7.73 -43.54
CA ILE D 128 -23.14 -6.29 -43.78
C ILE D 128 -22.06 -5.82 -44.74
N VAL D 129 -20.82 -6.27 -44.56
CA VAL D 129 -19.76 -5.85 -45.49
C VAL D 129 -20.14 -6.13 -46.96
N GLU D 130 -20.72 -7.31 -47.22
CA GLU D 130 -21.07 -7.66 -48.61
C GLU D 130 -22.15 -6.75 -49.15
N VAL D 131 -23.19 -6.51 -48.35
CA VAL D 131 -24.29 -5.61 -48.74
C VAL D 131 -23.77 -4.21 -49.07
N LEU D 132 -22.88 -3.69 -48.26
CA LEU D 132 -22.35 -2.36 -48.53
C LEU D 132 -21.52 -2.35 -49.83
N LEU D 133 -20.74 -3.41 -50.07
CA LEU D 133 -19.93 -3.48 -51.32
C LEU D 133 -20.89 -3.49 -52.50
N LYS D 134 -21.87 -4.40 -52.42
CA LYS D 134 -23.00 -4.50 -53.37
C LYS D 134 -23.62 -3.15 -53.74
N TYR D 135 -23.83 -2.29 -52.73
CA TYR D 135 -24.40 -0.96 -52.94
C TYR D 135 -23.39 0.13 -53.32
N GLY D 136 -22.18 -0.20 -53.77
CA GLY D 136 -21.21 0.83 -54.24
C GLY D 136 -20.06 1.26 -53.32
N ALA D 137 -19.93 0.60 -52.16
CA ALA D 137 -18.95 1.01 -51.12
C ALA D 137 -17.59 1.00 -51.71
N ASP D 138 -16.87 2.11 -51.58
CA ASP D 138 -15.50 2.22 -52.04
C ASP D 138 -14.56 1.37 -51.14
N VAL D 139 -14.09 0.26 -51.69
CA VAL D 139 -13.37 -0.78 -50.91
C VAL D 139 -11.98 -0.33 -50.49
N ASN D 140 -11.51 0.71 -51.19
CA ASN D 140 -10.27 1.35 -50.90
C ASN D 140 -10.37 2.70 -50.22
N ALA D 141 -11.55 3.10 -49.76
CA ALA D 141 -11.68 4.33 -48.95
C ALA D 141 -10.74 4.26 -47.71
N GLN D 142 -10.06 5.37 -47.41
CA GLN D 142 -9.09 5.43 -46.35
C GLN D 142 -9.60 6.38 -45.32
N ASP D 143 -9.47 6.02 -44.03
CA ASP D 143 -9.78 6.94 -42.92
C ASP D 143 -8.66 7.91 -42.75
N LYS D 144 -8.76 8.77 -41.74
CA LYS D 144 -7.72 9.75 -41.46
C LYS D 144 -6.32 9.19 -41.21
N PHE D 145 -6.25 7.92 -40.81
CA PHE D 145 -4.95 7.26 -40.57
C PHE D 145 -4.42 6.46 -41.78
N GLY D 146 -5.10 6.53 -42.93
CA GLY D 146 -4.66 5.85 -44.14
C GLY D 146 -5.21 4.44 -44.28
N LYS D 147 -6.17 4.05 -43.44
CA LYS D 147 -6.51 2.64 -43.34
C LYS D 147 -7.75 2.34 -44.15
N THR D 148 -7.71 1.19 -44.81
CA THR D 148 -8.81 0.62 -45.56
C THR D 148 -9.40 -0.52 -44.77
N ALA D 149 -10.52 -1.05 -45.27
CA ALA D 149 -11.13 -2.24 -44.69
C ALA D 149 -10.22 -3.44 -44.75
N PHE D 150 -9.49 -3.57 -45.85
CA PHE D 150 -8.41 -4.57 -45.94
C PHE D 150 -7.34 -4.47 -44.83
N ASP D 151 -6.82 -3.27 -44.57
CA ASP D 151 -5.86 -3.03 -43.49
C ASP D 151 -6.47 -3.50 -42.17
N ILE D 152 -7.76 -3.24 -42.00
CA ILE D 152 -8.48 -3.63 -40.82
C ILE D 152 -8.49 -5.15 -40.69
N SER D 153 -8.82 -5.86 -41.76
CA SER D 153 -8.84 -7.32 -41.77
C SER D 153 -7.47 -7.95 -41.44
N ILE D 154 -6.39 -7.35 -41.91
CA ILE D 154 -5.05 -7.81 -41.58
C ILE D 154 -4.73 -7.50 -40.09
N ASN D 155 -5.02 -6.29 -39.63
CA ASN D 155 -4.71 -6.00 -38.25
C ASN D 155 -5.50 -6.91 -37.27
N ASN D 156 -6.75 -7.18 -37.57
CA ASN D 156 -7.59 -8.00 -36.71
C ASN D 156 -7.38 -9.51 -36.91
N GLY D 157 -6.72 -9.89 -37.98
CA GLY D 157 -6.44 -11.27 -38.27
C GLY D 157 -7.69 -11.99 -38.63
N ASN D 158 -8.59 -11.33 -39.35
CA ASN D 158 -9.88 -11.91 -39.78
C ASN D 158 -9.71 -12.34 -41.20
N GLU D 159 -9.38 -13.61 -41.38
CA GLU D 159 -9.09 -14.12 -42.74
C GLU D 159 -10.36 -14.19 -43.61
N ASP D 160 -11.49 -14.57 -43.01
CA ASP D 160 -12.79 -14.52 -43.73
C ASP D 160 -13.09 -13.18 -44.44
N LEU D 161 -12.81 -12.08 -43.74
CA LEU D 161 -13.03 -10.74 -44.30
C LEU D 161 -11.99 -10.40 -45.39
N ALA D 162 -10.72 -10.70 -45.13
CA ALA D 162 -9.70 -10.50 -46.15
C ALA D 162 -10.10 -11.18 -47.46
N GLU D 163 -10.75 -12.35 -47.38
CA GLU D 163 -11.14 -13.09 -48.58
C GLU D 163 -12.29 -12.44 -49.31
N ILE D 164 -13.35 -12.07 -48.58
CA ILE D 164 -14.46 -11.28 -49.16
C ILE D 164 -13.91 -10.07 -49.93
N LEU D 165 -12.93 -9.40 -49.32
CA LEU D 165 -12.29 -8.21 -49.91
C LEU D 165 -11.36 -8.55 -51.11
N GLN D 166 -10.73 -9.74 -51.12
CA GLN D 166 -9.93 -10.30 -52.27
C GLN D 166 -8.52 -9.70 -52.36
N GLY E 11 33.06 33.31 28.31
CA GLY E 11 32.95 34.69 28.87
C GLY E 11 32.19 34.74 30.19
N SER E 12 30.87 34.96 30.09
CA SER E 12 30.00 35.12 31.28
C SER E 12 28.75 34.17 31.29
N ASP E 13 28.43 33.72 32.51
CA ASP E 13 27.13 33.11 32.89
C ASP E 13 25.95 34.09 32.67
N LEU E 14 26.17 35.38 32.91
CA LEU E 14 25.14 36.43 32.67
C LEU E 14 24.95 36.71 31.17
N GLY E 15 25.99 36.45 30.38
CA GLY E 15 25.92 36.36 28.92
C GLY E 15 24.74 35.52 28.46
N LYS E 16 24.71 34.27 28.95
CA LYS E 16 23.69 33.31 28.56
C LYS E 16 22.32 33.74 29.08
N LYS E 17 22.26 34.20 30.33
CA LYS E 17 21.01 34.70 30.88
C LYS E 17 20.48 35.88 30.08
N LEU E 18 21.36 36.71 29.53
CA LEU E 18 20.93 37.89 28.77
C LEU E 18 20.39 37.48 27.36
N LEU E 19 21.04 36.52 26.73
CA LEU E 19 20.56 35.95 25.47
C LEU E 19 19.13 35.44 25.69
N GLU E 20 18.95 34.64 26.73
CA GLU E 20 17.63 34.07 27.09
C GLU E 20 16.56 35.10 27.40
N ALA E 21 16.95 36.18 28.06
CA ALA E 21 16.01 37.22 28.47
C ALA E 21 15.65 38.06 27.27
N ALA E 22 16.64 38.39 26.43
CA ALA E 22 16.37 39.10 25.16
C ALA E 22 15.45 38.27 24.22
N ARG E 23 15.82 37.01 24.04
CA ARG E 23 15.01 35.93 23.42
C ARG E 23 13.50 35.96 23.85
N ALA E 24 13.25 35.92 25.15
CA ALA E 24 11.91 35.87 25.69
C ALA E 24 11.24 37.25 26.00
N GLY E 25 11.79 38.34 25.52
CA GLY E 25 11.17 39.66 25.75
C GLY E 25 11.06 40.18 27.18
N ARG E 26 11.99 39.80 28.06
CA ARG E 26 11.94 40.21 29.49
C ARG E 26 12.71 41.52 29.72
N ASP E 27 12.01 42.65 29.58
CA ASP E 27 12.68 43.96 29.54
C ASP E 27 13.39 44.26 30.86
N ASP E 28 12.72 43.91 31.96
CA ASP E 28 13.24 44.19 33.28
C ASP E 28 14.46 43.31 33.58
N GLU E 29 14.34 41.98 33.41
CA GLU E 29 15.51 41.10 33.55
C GLU E 29 16.69 41.56 32.66
N VAL E 30 16.43 42.13 31.48
CA VAL E 30 17.52 42.66 30.61
C VAL E 30 18.22 43.91 31.23
N ARG E 31 17.47 44.81 31.86
CA ARG E 31 18.11 45.98 32.53
C ARG E 31 19.03 45.53 33.66
N ILE E 32 18.49 44.66 34.52
CA ILE E 32 19.18 44.16 35.70
C ILE E 32 20.45 43.44 35.32
N LEU E 33 20.42 42.68 34.22
CA LEU E 33 21.61 41.98 33.76
C LEU E 33 22.61 42.94 33.10
N MET E 34 22.11 43.97 32.40
CA MET E 34 23.03 44.95 31.81
C MET E 34 23.84 45.61 32.92
N ALA E 35 23.10 46.11 33.92
CA ALA E 35 23.65 46.72 35.15
C ALA E 35 24.68 45.87 35.89
N ASN E 36 24.54 44.54 35.88
CA ASN E 36 25.52 43.66 36.54
C ASN E 36 26.65 43.16 35.65
N GLY E 37 26.95 43.85 34.54
CA GLY E 37 28.15 43.58 33.72
C GLY E 37 28.04 42.54 32.60
N ALA E 38 26.79 42.18 32.24
CA ALA E 38 26.55 41.10 31.31
C ALA E 38 27.03 41.57 29.96
N ASP E 39 27.78 40.69 29.31
CA ASP E 39 28.35 41.00 28.00
C ASP E 39 27.18 41.25 27.04
N VAL E 40 27.21 42.43 26.49
CA VAL E 40 26.12 42.96 25.72
C VAL E 40 26.14 42.38 24.30
N ASN E 41 27.31 41.92 23.89
CA ASN E 41 27.54 41.21 22.61
C ASN E 41 27.83 39.70 22.78
N ALA E 42 27.42 39.12 23.91
CA ALA E 42 27.42 37.67 24.09
C ALA E 42 26.66 37.05 22.92
N ALA E 43 27.22 35.99 22.36
CA ALA E 43 26.69 35.37 21.18
C ALA E 43 26.43 33.90 21.51
N ASP E 44 25.27 33.39 21.06
CA ASP E 44 24.93 31.98 21.28
C ASP E 44 25.59 31.09 20.23
N VAL E 45 25.25 29.81 20.20
CA VAL E 45 25.94 28.92 19.27
C VAL E 45 25.72 29.21 17.80
N VAL E 46 24.68 29.93 17.42
CA VAL E 46 24.53 30.22 16.00
C VAL E 46 25.01 31.63 15.71
N GLY E 47 25.59 32.30 16.72
CA GLY E 47 26.22 33.59 16.52
C GLY E 47 25.23 34.75 16.67
N TRP E 48 24.12 34.50 17.37
CA TRP E 48 23.08 35.47 17.54
C TRP E 48 23.36 36.16 18.87
N THR E 49 23.32 37.48 18.86
CA THR E 49 23.57 38.32 19.99
C THR E 49 22.22 38.67 20.55
N PRO E 50 22.18 39.28 21.73
CA PRO E 50 20.88 39.72 22.20
C PRO E 50 20.15 40.65 21.25
N LEU E 51 20.89 41.38 20.44
CA LEU E 51 20.27 42.35 19.56
C LEU E 51 19.63 41.63 18.37
N HIS E 52 20.28 40.55 17.91
CA HIS E 52 19.67 39.63 16.94
C HIS E 52 18.33 39.12 17.47
N LEU E 53 18.33 38.55 18.66
CA LEU E 53 17.17 37.88 19.22
C LEU E 53 16.05 38.88 19.41
N ALA E 54 16.39 40.01 20.01
CA ALA E 54 15.37 41.02 20.25
C ALA E 54 14.81 41.53 18.93
N ALA E 55 15.67 41.69 17.93
CA ALA E 55 15.23 42.12 16.60
C ALA E 55 14.28 41.10 15.90
N TYR E 56 14.63 39.82 15.97
CA TYR E 56 13.83 38.73 15.36
C TYR E 56 12.47 38.66 16.02
N TRP E 57 12.42 38.67 17.35
CA TRP E 57 11.16 38.55 18.11
C TRP E 57 10.42 39.89 18.32
N GLY E 58 10.85 40.96 17.67
CA GLY E 58 10.08 42.22 17.69
C GLY E 58 10.12 43.01 19.00
N HIS E 59 11.11 42.77 19.88
CA HIS E 59 11.12 43.45 21.19
C HIS E 59 11.84 44.81 21.11
N LEU E 60 11.07 45.86 20.89
CA LEU E 60 11.59 47.18 20.55
C LEU E 60 12.38 47.80 21.72
N GLU E 61 11.85 47.67 22.92
CA GLU E 61 12.42 48.31 24.10
C GLU E 61 13.79 47.71 24.40
N ILE E 62 13.88 46.39 24.23
CA ILE E 62 15.09 45.66 24.46
C ILE E 62 16.11 46.03 23.40
N VAL E 63 15.68 46.18 22.15
CA VAL E 63 16.62 46.62 21.13
C VAL E 63 17.28 47.96 21.56
N GLU E 64 16.45 48.87 22.05
CA GLU E 64 16.87 50.23 22.46
C GLU E 64 17.81 50.23 23.66
N VAL E 65 17.42 49.51 24.71
CA VAL E 65 18.26 49.33 25.90
C VAL E 65 19.66 48.77 25.54
N LEU E 66 19.67 47.72 24.72
CA LEU E 66 20.92 47.11 24.28
C LEU E 66 21.82 48.09 23.49
N LEU E 67 21.22 48.91 22.63
CA LEU E 67 22.03 49.80 21.77
C LEU E 67 22.71 50.89 22.59
N LYS E 68 21.94 51.43 23.54
CA LYS E 68 22.42 52.39 24.52
C LYS E 68 23.53 51.81 25.37
N ASN E 69 23.49 50.52 25.70
CA ASN E 69 24.61 49.81 26.34
C ASN E 69 25.74 49.31 25.42
N GLY E 70 25.87 49.88 24.22
CA GLY E 70 27.02 49.66 23.34
C GLY E 70 26.94 48.44 22.43
N ALA E 71 25.79 47.77 22.37
CA ALA E 71 25.66 46.60 21.54
C ALA E 71 26.11 46.94 20.12
N ASP E 72 26.87 46.00 19.56
CA ASP E 72 27.34 46.05 18.20
C ASP E 72 26.13 45.95 17.26
N VAL E 73 25.79 47.08 16.66
CA VAL E 73 24.69 47.21 15.75
C VAL E 73 24.84 46.37 14.50
N ASN E 74 26.07 46.13 14.07
CA ASN E 74 26.34 45.30 12.93
C ASN E 74 26.92 43.91 13.23
N ALA E 75 26.65 43.38 14.41
CA ALA E 75 27.04 41.99 14.70
C ALA E 75 26.48 41.08 13.62
N TYR E 76 27.29 40.12 13.18
CA TYR E 76 26.86 39.18 12.18
C TYR E 76 26.90 37.75 12.78
N ASP E 77 25.95 36.89 12.33
CA ASP E 77 25.84 35.51 12.86
C ASP E 77 26.78 34.65 12.06
N THR E 78 26.81 33.34 12.28
CA THR E 78 27.70 32.44 11.52
C THR E 78 27.40 32.36 9.98
N LEU E 79 26.26 32.89 9.55
CA LEU E 79 25.89 32.92 8.15
C LEU E 79 25.88 34.35 7.60
N GLY E 80 26.39 35.30 8.39
CA GLY E 80 26.60 36.65 7.88
C GLY E 80 25.42 37.57 8.05
N SER E 81 24.43 37.18 8.84
CA SER E 81 23.20 37.93 8.94
C SER E 81 23.23 38.80 10.19
N THR E 82 22.74 40.01 10.03
CA THR E 82 22.81 41.09 11.02
C THR E 82 21.45 41.32 11.65
N PRO E 83 21.37 42.02 12.79
CA PRO E 83 20.04 42.28 13.35
C PRO E 83 19.02 42.96 12.43
N LEU E 84 19.53 43.83 11.56
CA LEU E 84 18.68 44.52 10.60
C LEU E 84 18.13 43.56 9.52
N HIS E 85 18.93 42.59 9.08
CA HIS E 85 18.37 41.52 8.24
C HIS E 85 17.09 40.93 8.87
N LEU E 86 17.15 40.57 10.15
CA LEU E 86 16.07 39.93 10.87
C LEU E 86 14.86 40.84 11.10
N ALA E 87 15.12 42.09 11.50
CA ALA E 87 14.02 43.02 11.69
C ALA E 87 13.32 43.32 10.36
N ALA E 88 14.10 43.49 9.30
CA ALA E 88 13.54 43.76 8.01
C ALA E 88 12.74 42.55 7.50
N HIS E 89 13.22 41.35 7.78
CA HIS E 89 12.57 40.17 7.25
C HIS E 89 11.27 39.92 7.98
N PHE E 90 11.21 40.17 9.28
CA PHE E 90 10.02 39.84 10.09
C PHE E 90 9.11 41.07 10.36
N GLY E 91 9.23 42.08 9.51
CA GLY E 91 8.23 43.12 9.42
C GLY E 91 8.21 44.06 10.61
N HIS E 92 9.33 44.19 11.32
CA HIS E 92 9.38 45.00 12.52
C HIS E 92 9.88 46.42 12.18
N LEU E 93 8.96 47.26 11.73
CA LEU E 93 9.28 48.61 11.25
C LEU E 93 10.06 49.50 12.23
N GLU E 94 9.58 49.55 13.47
CA GLU E 94 10.08 50.51 14.45
C GLU E 94 11.49 50.08 14.87
N ILE E 95 11.77 48.77 14.89
CA ILE E 95 13.13 48.28 15.08
C ILE E 95 14.03 48.60 13.89
N VAL E 96 13.53 48.42 12.68
CA VAL E 96 14.35 48.69 11.49
C VAL E 96 14.87 50.15 11.61
N GLU E 97 13.96 51.06 11.99
CA GLU E 97 14.23 52.50 12.04
C GLU E 97 15.31 52.83 13.06
N VAL E 98 15.15 52.25 14.26
CA VAL E 98 16.11 52.41 15.36
C VAL E 98 17.50 51.80 15.00
N LEU E 99 17.50 50.61 14.42
CA LEU E 99 18.76 50.03 14.05
C LEU E 99 19.48 50.96 13.07
N LEU E 100 18.77 51.42 12.05
CA LEU E 100 19.39 52.25 11.04
C LEU E 100 19.87 53.61 11.61
N LYS E 101 19.09 54.20 12.54
CA LYS E 101 19.44 55.41 13.30
C LYS E 101 20.69 55.20 14.12
N ASN E 102 20.81 54.06 14.83
CA ASN E 102 22.04 53.75 15.58
C ASN E 102 23.17 53.22 14.72
N GLY E 103 23.12 53.44 13.42
CA GLY E 103 24.24 53.10 12.56
C GLY E 103 24.24 51.73 11.85
N ALA E 104 23.16 50.95 11.93
CA ALA E 104 23.11 49.68 11.13
C ALA E 104 23.48 49.86 9.65
N ASP E 105 24.30 48.96 9.17
CA ASP E 105 24.73 48.97 7.79
C ASP E 105 23.57 48.52 6.92
N VAL E 106 23.03 49.46 6.15
CA VAL E 106 21.82 49.26 5.35
C VAL E 106 22.02 48.31 4.17
N ASN E 107 23.23 48.23 3.63
CA ASN E 107 23.57 47.31 2.57
C ASN E 107 24.34 46.05 3.02
N ALA E 108 24.22 45.72 4.28
CA ALA E 108 24.90 44.51 4.75
C ALA E 108 24.43 43.26 3.94
N LYS E 109 25.40 42.48 3.48
CA LYS E 109 25.14 41.26 2.75
C LYS E 109 25.46 40.04 3.65
N ASP E 110 24.64 38.98 3.59
CA ASP E 110 24.99 37.75 4.31
C ASP E 110 25.85 36.88 3.40
N ASP E 111 26.21 35.71 3.86
CA ASP E 111 26.99 34.78 3.02
C ASP E 111 26.39 34.48 1.67
N ASN E 112 25.08 34.65 1.52
CA ASN E 112 24.40 34.39 0.26
C ASN E 112 24.30 35.64 -0.59
N GLY E 113 24.80 36.76 -0.08
CA GLY E 113 24.68 38.03 -0.75
C GLY E 113 23.32 38.67 -0.59
N ILE E 114 22.57 38.27 0.45
CA ILE E 114 21.24 38.77 0.63
C ILE E 114 21.30 39.98 1.54
N THR E 115 20.53 41.02 1.23
CA THR E 115 20.54 42.32 1.91
C THR E 115 19.21 42.48 2.64
N PRO E 116 19.13 43.45 3.55
CA PRO E 116 17.85 43.64 4.18
C PRO E 116 16.72 44.01 3.24
N LEU E 117 17.04 44.68 2.14
CA LEU E 117 16.10 45.04 1.10
C LEU E 117 15.49 43.77 0.44
N HIS E 118 16.36 42.83 0.05
CA HIS E 118 15.94 41.57 -0.59
C HIS E 118 14.89 40.89 0.28
N LEU E 119 15.14 40.85 1.59
CA LEU E 119 14.29 40.16 2.54
C LEU E 119 13.00 40.90 2.77
N ALA E 120 13.05 42.21 2.93
CA ALA E 120 11.83 42.96 3.11
C ALA E 120 11.02 42.83 1.85
N ALA E 121 11.65 42.96 0.71
CA ALA E 121 10.95 42.80 -0.58
C ALA E 121 10.27 41.42 -0.71
N ASN E 122 10.99 40.36 -0.39
CA ASN E 122 10.43 39.01 -0.48
C ASN E 122 9.17 38.80 0.38
N ARG E 123 9.07 39.44 1.54
CA ARG E 123 7.88 39.33 2.37
C ARG E 123 6.95 40.49 2.15
N GLY E 124 7.19 41.28 1.12
CA GLY E 124 6.31 42.41 0.81
C GLY E 124 6.07 43.35 1.98
N HIS E 125 7.13 43.69 2.72
CA HIS E 125 7.03 44.66 3.82
C HIS E 125 7.36 46.02 3.23
N LEU E 126 6.34 46.69 2.69
CA LEU E 126 6.53 47.92 1.89
C LEU E 126 7.03 49.12 2.70
N GLU E 127 6.47 49.34 3.89
CA GLU E 127 6.88 50.47 4.76
C GLU E 127 8.36 50.36 5.11
N ILE E 128 8.79 49.12 5.42
CA ILE E 128 10.20 48.78 5.61
C ILE E 128 11.03 49.01 4.36
N VAL E 129 10.59 48.53 3.21
CA VAL E 129 11.34 48.82 1.96
C VAL E 129 11.64 50.31 1.77
N GLU E 130 10.69 51.17 2.14
CA GLU E 130 10.82 52.63 1.97
C GLU E 130 11.88 53.23 2.88
N VAL E 131 11.86 52.80 4.14
CA VAL E 131 12.83 53.24 5.11
C VAL E 131 14.23 52.76 4.68
N LEU E 132 14.34 51.53 4.16
CA LEU E 132 15.65 51.07 3.73
C LEU E 132 16.16 51.94 2.58
N LEU E 133 15.29 52.26 1.61
CA LEU E 133 15.70 53.16 0.50
C LEU E 133 15.99 54.60 0.98
N LYS E 134 15.16 55.12 1.89
CA LYS E 134 15.44 56.36 2.64
C LYS E 134 16.90 56.40 3.09
N TYR E 135 17.39 55.31 3.70
CA TYR E 135 18.72 55.31 4.32
C TYR E 135 19.80 54.84 3.40
N GLY E 136 19.54 54.85 2.08
CA GLY E 136 20.60 54.57 1.10
C GLY E 136 20.80 53.13 0.61
N ALA E 137 19.88 52.24 0.98
CA ALA E 137 19.86 50.87 0.43
C ALA E 137 20.07 50.85 -1.09
N ASP E 138 20.99 50.01 -1.55
CA ASP E 138 21.33 49.91 -2.97
C ASP E 138 20.29 49.06 -3.69
N VAL E 139 19.63 49.71 -4.63
CA VAL E 139 18.42 49.16 -5.22
C VAL E 139 18.78 48.08 -6.22
N ASN E 140 19.99 48.10 -6.75
CA ASN E 140 20.45 47.13 -7.71
C ASN E 140 21.41 46.10 -7.12
N ALA E 141 21.48 46.00 -5.79
CA ALA E 141 22.31 44.95 -5.16
C ALA E 141 21.77 43.58 -5.57
N GLN E 142 22.68 42.73 -6.03
CA GLN E 142 22.42 41.37 -6.42
C GLN E 142 22.85 40.40 -5.32
N ASP E 143 22.04 39.35 -5.17
CA ASP E 143 22.41 38.26 -4.32
C ASP E 143 23.27 37.36 -5.19
N LYS E 144 23.74 36.25 -4.61
CA LYS E 144 24.57 35.32 -5.33
C LYS E 144 23.94 34.77 -6.61
N PHE E 145 22.61 34.82 -6.74
CA PHE E 145 21.92 34.36 -7.96
C PHE E 145 21.70 35.46 -9.01
N GLY E 146 22.10 36.69 -8.73
CA GLY E 146 21.94 37.76 -9.69
C GLY E 146 20.66 38.55 -9.48
N LYS E 147 19.92 38.26 -8.42
CA LYS E 147 18.60 38.86 -8.21
C LYS E 147 18.62 40.13 -7.35
N THR E 148 17.79 41.08 -7.78
CA THR E 148 17.61 42.35 -7.14
C THR E 148 16.23 42.27 -6.51
N ALA E 149 15.97 43.15 -5.56
CA ALA E 149 14.63 43.44 -5.05
C ALA E 149 13.55 43.61 -6.12
N PHE E 150 13.93 44.20 -7.26
CA PHE E 150 13.02 44.33 -8.39
C PHE E 150 12.64 42.93 -8.98
N ASP E 151 13.63 42.08 -9.25
CA ASP E 151 13.34 40.71 -9.68
C ASP E 151 12.39 39.96 -8.73
N ILE E 152 12.56 40.19 -7.43
CA ILE E 152 11.77 39.56 -6.40
C ILE E 152 10.32 40.07 -6.47
N SER E 153 10.13 41.35 -6.74
CA SER E 153 8.78 41.88 -6.96
C SER E 153 8.05 41.25 -8.21
N ILE E 154 8.82 41.04 -9.29
CA ILE E 154 8.31 40.46 -10.51
C ILE E 154 7.96 39.01 -10.19
N ASN E 155 8.89 38.27 -9.62
CA ASN E 155 8.64 36.84 -9.36
C ASN E 155 7.41 36.58 -8.45
N ASN E 156 7.28 37.35 -7.38
CA ASN E 156 6.12 37.26 -6.48
C ASN E 156 4.86 37.94 -6.98
N GLY E 157 4.96 38.66 -8.13
CA GLY E 157 3.84 39.41 -8.73
C GLY E 157 3.20 40.31 -7.69
N ASN E 158 4.05 41.17 -7.11
CA ASN E 158 3.64 42.12 -6.07
C ASN E 158 3.81 43.47 -6.69
N GLU E 159 2.75 43.89 -7.39
CA GLU E 159 2.70 45.15 -8.15
C GLU E 159 2.97 46.39 -7.32
N ASP E 160 2.45 46.44 -6.09
CA ASP E 160 2.69 47.62 -5.22
C ASP E 160 4.16 47.83 -4.97
N LEU E 161 4.88 46.74 -4.73
CA LEU E 161 6.33 46.79 -4.50
C LEU E 161 7.08 47.15 -5.77
N ALA E 162 6.62 46.65 -6.92
CA ALA E 162 7.17 47.08 -8.22
C ALA E 162 7.07 48.61 -8.44
N GLU E 163 5.93 49.21 -8.13
CA GLU E 163 5.76 50.67 -8.20
C GLU E 163 6.88 51.33 -7.42
N ILE E 164 6.97 50.99 -6.14
CA ILE E 164 7.90 51.62 -5.21
C ILE E 164 9.37 51.55 -5.66
N LEU E 165 9.77 50.47 -6.36
CA LEU E 165 11.15 50.34 -6.90
C LEU E 165 11.29 50.77 -8.38
N GLN E 166 10.25 51.41 -8.94
CA GLN E 166 10.26 51.97 -10.32
C GLN E 166 10.63 50.96 -11.43
N HIS F 5 33.23 -39.11 -19.83
CA HIS F 5 33.42 -37.79 -19.10
C HIS F 5 32.04 -37.13 -18.74
N HIS F 6 31.27 -36.66 -19.73
CA HIS F 6 29.85 -36.30 -19.52
C HIS F 6 28.99 -37.57 -19.46
N HIS F 7 28.86 -38.21 -18.29
CA HIS F 7 28.23 -39.54 -18.20
C HIS F 7 26.70 -39.50 -18.47
N HIS F 8 26.21 -40.41 -19.32
CA HIS F 8 24.80 -40.42 -19.78
C HIS F 8 23.82 -40.84 -18.65
N HIS F 9 22.78 -40.01 -18.43
CA HIS F 9 21.77 -40.21 -17.37
C HIS F 9 21.05 -41.58 -17.52
N HIS F 10 21.64 -42.62 -16.91
CA HIS F 10 21.11 -44.01 -16.94
C HIS F 10 20.09 -44.23 -15.82
N GLY F 11 20.54 -44.01 -14.58
CA GLY F 11 19.70 -44.20 -13.39
C GLY F 11 19.08 -45.58 -13.33
N SER F 12 19.92 -46.61 -13.37
CA SER F 12 19.50 -48.01 -13.13
C SER F 12 19.30 -48.17 -11.63
N ASP F 13 18.31 -48.98 -11.22
CA ASP F 13 17.96 -49.16 -9.80
C ASP F 13 19.21 -49.18 -8.91
N LEU F 14 20.23 -49.97 -9.26
CA LEU F 14 21.49 -50.04 -8.45
C LEU F 14 22.30 -48.73 -8.50
N GLY F 15 22.56 -48.24 -9.71
CA GLY F 15 23.19 -46.93 -9.94
C GLY F 15 22.51 -45.75 -9.22
N LYS F 16 21.18 -45.80 -9.15
CA LYS F 16 20.36 -44.84 -8.43
C LYS F 16 20.58 -44.94 -6.92
N LYS F 17 20.53 -46.15 -6.35
CA LYS F 17 20.76 -46.30 -4.90
C LYS F 17 22.17 -45.90 -4.48
N LEU F 18 23.14 -46.10 -5.37
CA LEU F 18 24.52 -45.70 -5.12
C LEU F 18 24.56 -44.18 -5.08
N LEU F 19 23.90 -43.55 -6.04
CA LEU F 19 23.77 -42.08 -6.02
C LEU F 19 23.21 -41.58 -4.69
N GLU F 20 22.10 -42.18 -4.24
CA GLU F 20 21.49 -41.81 -2.97
C GLU F 20 22.45 -42.11 -1.81
N ALA F 21 23.18 -43.20 -1.91
CA ALA F 21 24.08 -43.62 -0.82
C ALA F 21 25.36 -42.77 -0.79
N ALA F 22 25.92 -42.44 -1.96
CA ALA F 22 27.08 -41.54 -2.04
C ALA F 22 26.82 -40.15 -1.44
N ARG F 23 25.58 -39.69 -1.60
CA ARG F 23 25.14 -38.39 -1.09
C ARG F 23 24.90 -38.38 0.44
N ALA F 24 24.20 -39.41 0.93
CA ALA F 24 23.85 -39.55 2.36
C ALA F 24 24.99 -40.03 3.30
N GLY F 25 26.16 -40.36 2.73
CA GLY F 25 27.28 -40.82 3.53
C GLY F 25 27.14 -42.22 4.14
N ARG F 26 26.34 -43.08 3.51
CA ARG F 26 26.17 -44.49 3.97
C ARG F 26 27.30 -45.34 3.34
N ASP F 27 28.46 -45.37 4.02
CA ASP F 27 29.72 -45.94 3.48
C ASP F 27 29.62 -47.45 3.23
N ASP F 28 28.94 -48.13 4.15
CA ASP F 28 28.72 -49.59 4.04
C ASP F 28 27.96 -49.89 2.77
N GLU F 29 26.83 -49.20 2.61
CA GLU F 29 25.99 -49.45 1.47
C GLU F 29 26.73 -49.20 0.16
N VAL F 30 27.55 -48.14 0.10
CA VAL F 30 28.26 -47.84 -1.11
C VAL F 30 29.07 -49.08 -1.51
N ARG F 31 29.76 -49.65 -0.53
CA ARG F 31 30.70 -50.76 -0.72
C ARG F 31 29.93 -52.05 -1.09
N ILE F 32 28.85 -52.35 -0.35
CA ILE F 32 27.92 -53.47 -0.70
C ILE F 32 27.44 -53.37 -2.15
N LEU F 33 27.06 -52.15 -2.56
CA LEU F 33 26.54 -51.88 -3.90
C LEU F 33 27.60 -52.03 -4.99
N MET F 34 28.81 -51.59 -4.69
CA MET F 34 29.96 -51.74 -5.59
C MET F 34 30.34 -53.20 -5.77
N ALA F 35 30.33 -53.92 -4.64
CA ALA F 35 30.58 -55.34 -4.60
C ALA F 35 29.47 -56.14 -5.31
N ASN F 36 28.28 -55.54 -5.48
CA ASN F 36 27.17 -56.10 -6.32
C ASN F 36 27.03 -55.54 -7.76
N GLY F 37 28.10 -54.91 -8.28
CA GLY F 37 28.17 -54.53 -9.70
C GLY F 37 27.61 -53.16 -10.11
N ALA F 38 27.29 -52.28 -9.15
CA ALA F 38 26.74 -50.94 -9.50
C ALA F 38 27.66 -50.10 -10.40
N ASP F 39 27.08 -49.42 -11.39
CA ASP F 39 27.84 -48.54 -12.24
C ASP F 39 28.42 -47.38 -11.35
N VAL F 40 29.74 -47.37 -11.20
CA VAL F 40 30.47 -46.38 -10.38
C VAL F 40 30.25 -44.97 -10.96
N ASN F 41 30.09 -44.89 -12.27
CA ASN F 41 29.88 -43.68 -13.01
C ASN F 41 28.41 -43.38 -13.41
N ALA F 42 27.45 -43.96 -12.66
CA ALA F 42 26.02 -43.61 -12.72
C ALA F 42 25.83 -42.07 -12.56
N ALA F 43 25.02 -41.46 -13.43
CA ALA F 43 24.80 -40.04 -13.43
C ALA F 43 23.32 -39.70 -13.21
N ASP F 44 23.03 -38.56 -12.53
CA ASP F 44 21.63 -38.13 -12.30
C ASP F 44 21.20 -37.10 -13.38
N VAL F 45 19.95 -36.57 -13.33
CA VAL F 45 19.51 -35.55 -14.33
C VAL F 45 20.48 -34.39 -14.53
N VAL F 46 21.21 -33.99 -13.49
CA VAL F 46 22.22 -32.93 -13.66
C VAL F 46 23.66 -33.36 -14.01
N GLY F 47 23.87 -34.69 -14.15
CA GLY F 47 25.14 -35.26 -14.61
C GLY F 47 26.13 -35.45 -13.46
N TRP F 48 25.60 -35.56 -12.25
CA TRP F 48 26.37 -35.69 -11.05
C TRP F 48 26.47 -37.17 -10.83
N THR F 49 27.71 -37.62 -10.67
CA THR F 49 28.08 -39.00 -10.43
C THR F 49 28.18 -39.14 -8.94
N PRO F 50 28.38 -40.36 -8.45
CA PRO F 50 28.61 -40.54 -6.98
C PRO F 50 29.76 -39.75 -6.43
N LEU F 51 30.81 -39.59 -7.23
CA LEU F 51 31.97 -38.86 -6.78
C LEU F 51 31.63 -37.34 -6.66
N HIS F 52 30.85 -36.82 -7.62
CA HIS F 52 30.25 -35.47 -7.51
C HIS F 52 29.52 -35.37 -6.17
N LEU F 53 28.62 -36.30 -5.91
CA LEU F 53 27.84 -36.20 -4.70
C LEU F 53 28.68 -36.31 -3.42
N ALA F 54 29.70 -37.17 -3.44
CA ALA F 54 30.48 -37.42 -2.21
C ALA F 54 31.44 -36.23 -1.94
N ALA F 55 32.00 -35.71 -3.02
CA ALA F 55 32.78 -34.50 -2.97
C ALA F 55 31.94 -33.28 -2.48
N TYR F 56 30.65 -33.18 -2.84
CA TYR F 56 29.86 -32.00 -2.47
C TYR F 56 29.53 -32.01 -1.00
N TRP F 57 29.01 -33.15 -0.53
CA TRP F 57 28.58 -33.34 0.85
C TRP F 57 29.73 -33.70 1.81
N GLY F 58 30.95 -33.83 1.28
CA GLY F 58 32.17 -33.98 2.11
C GLY F 58 32.38 -35.36 2.72
N HIS F 59 32.02 -36.44 1.99
CA HIS F 59 32.14 -37.83 2.50
C HIS F 59 33.46 -38.44 1.99
N LEU F 60 34.54 -38.20 2.75
CA LEU F 60 35.90 -38.57 2.32
C LEU F 60 36.03 -40.07 2.02
N GLU F 61 35.49 -40.86 2.93
CA GLU F 61 35.66 -42.33 2.82
C GLU F 61 35.03 -42.86 1.52
N ILE F 62 33.87 -42.27 1.15
CA ILE F 62 33.14 -42.71 -0.04
C ILE F 62 33.91 -42.30 -1.30
N VAL F 63 34.42 -41.06 -1.29
CA VAL F 63 35.29 -40.58 -2.35
C VAL F 63 36.44 -41.59 -2.58
N GLU F 64 37.03 -42.04 -1.47
CA GLU F 64 38.13 -43.02 -1.53
C GLU F 64 37.66 -44.35 -2.13
N VAL F 65 36.66 -44.95 -1.51
CA VAL F 65 36.05 -46.20 -2.00
C VAL F 65 35.64 -46.15 -3.48
N LEU F 66 35.21 -44.99 -4.00
CA LEU F 66 34.77 -44.89 -5.41
C LEU F 66 35.91 -44.83 -6.41
N LEU F 67 36.90 -44.04 -6.06
CA LEU F 67 38.12 -43.96 -6.86
C LEU F 67 38.81 -45.34 -6.92
N LYS F 68 38.86 -46.01 -5.77
CA LYS F 68 39.33 -47.38 -5.69
C LYS F 68 38.59 -48.29 -6.69
N ASN F 69 37.27 -48.08 -6.88
CA ASN F 69 36.47 -48.91 -7.81
C ASN F 69 36.35 -48.41 -9.25
N GLY F 70 37.26 -47.57 -9.70
CA GLY F 70 37.23 -47.10 -11.10
C GLY F 70 36.44 -45.81 -11.42
N ALA F 71 35.90 -45.12 -10.40
CA ALA F 71 35.17 -43.85 -10.63
C ALA F 71 35.99 -42.93 -11.51
N ASP F 72 35.34 -42.30 -12.48
CA ASP F 72 35.97 -41.23 -13.30
C ASP F 72 36.19 -40.01 -12.41
N VAL F 73 37.47 -39.71 -12.21
CA VAL F 73 37.90 -38.67 -11.34
C VAL F 73 37.65 -37.30 -11.97
N ASN F 74 37.55 -37.28 -13.29
CA ASN F 74 37.24 -36.07 -14.06
C ASN F 74 35.88 -36.05 -14.73
N ALA F 75 34.91 -36.70 -14.10
CA ALA F 75 33.52 -36.68 -14.58
C ALA F 75 32.99 -35.21 -14.64
N TYR F 76 32.33 -34.89 -15.74
CA TYR F 76 31.73 -33.57 -15.98
C TYR F 76 30.23 -33.72 -15.77
N ASP F 77 29.65 -32.75 -15.04
CA ASP F 77 28.19 -32.59 -14.98
C ASP F 77 27.74 -31.82 -16.21
N THR F 78 26.42 -31.59 -16.34
CA THR F 78 25.88 -30.89 -17.52
C THR F 78 26.38 -29.48 -17.70
N LEU F 79 26.94 -28.85 -16.67
CA LEU F 79 27.59 -27.53 -16.87
C LEU F 79 29.12 -27.55 -16.83
N GLY F 80 29.72 -28.72 -17.09
CA GLY F 80 31.19 -28.83 -17.27
C GLY F 80 31.99 -28.82 -15.97
N SER F 81 31.35 -29.13 -14.86
CA SER F 81 31.98 -29.04 -13.54
C SER F 81 32.28 -30.46 -12.98
N THR F 82 33.42 -30.55 -12.31
CA THR F 82 34.06 -31.82 -11.93
C THR F 82 33.94 -31.92 -10.45
N PRO F 83 34.20 -33.12 -9.90
CA PRO F 83 34.19 -33.23 -8.45
C PRO F 83 35.24 -32.40 -7.77
N LEU F 84 36.34 -32.13 -8.45
CA LEU F 84 37.36 -31.27 -7.83
C LEU F 84 36.84 -29.83 -7.63
N HIS F 85 36.14 -29.27 -8.65
CA HIS F 85 35.36 -28.00 -8.52
C HIS F 85 34.55 -28.00 -7.23
N LEU F 86 33.77 -29.05 -7.00
CA LEU F 86 32.92 -29.11 -5.84
C LEU F 86 33.68 -29.14 -4.48
N ALA F 87 34.72 -29.98 -4.38
CA ALA F 87 35.45 -30.12 -3.12
C ALA F 87 36.25 -28.82 -2.82
N ALA F 88 36.85 -28.23 -3.88
CA ALA F 88 37.58 -26.97 -3.77
C ALA F 88 36.67 -25.79 -3.28
N HIS F 89 35.52 -25.65 -3.94
CA HIS F 89 34.56 -24.58 -3.63
C HIS F 89 34.04 -24.72 -2.22
N PHE F 90 33.73 -25.94 -1.79
CA PHE F 90 33.09 -26.17 -0.49
C PHE F 90 34.07 -26.46 0.63
N GLY F 91 35.37 -26.31 0.38
CA GLY F 91 36.37 -26.33 1.44
C GLY F 91 36.80 -27.70 1.99
N HIS F 92 36.67 -28.75 1.17
CA HIS F 92 36.90 -30.12 1.60
C HIS F 92 38.34 -30.50 1.16
N LEU F 93 39.26 -30.15 2.04
CA LEU F 93 40.69 -30.22 1.75
C LEU F 93 41.20 -31.67 1.56
N GLU F 94 40.83 -32.56 2.48
CA GLU F 94 41.31 -33.96 2.43
C GLU F 94 40.85 -34.59 1.11
N ILE F 95 39.60 -34.27 0.74
CA ILE F 95 39.00 -34.69 -0.55
C ILE F 95 39.68 -34.06 -1.74
N VAL F 96 40.03 -32.78 -1.65
CA VAL F 96 40.81 -32.15 -2.74
C VAL F 96 42.12 -32.94 -2.98
N GLU F 97 42.77 -33.34 -1.89
CA GLU F 97 44.08 -34.06 -1.93
C GLU F 97 43.88 -35.43 -2.52
N VAL F 98 42.81 -36.12 -2.12
CA VAL F 98 42.50 -37.45 -2.69
C VAL F 98 42.25 -37.39 -4.21
N LEU F 99 41.46 -36.44 -4.68
CA LEU F 99 41.12 -36.36 -6.10
C LEU F 99 42.32 -36.05 -6.96
N LEU F 100 43.12 -35.10 -6.48
CA LEU F 100 44.35 -34.72 -7.16
C LEU F 100 45.42 -35.85 -7.24
N LYS F 101 45.54 -36.64 -6.15
CA LYS F 101 46.42 -37.85 -6.13
C LYS F 101 46.02 -38.79 -7.24
N ASN F 102 44.71 -39.07 -7.32
CA ASN F 102 44.11 -39.94 -8.31
C ASN F 102 43.90 -39.38 -9.68
N GLY F 103 44.49 -38.26 -10.01
CA GLY F 103 44.39 -37.77 -11.40
C GLY F 103 43.42 -36.66 -11.74
N ALA F 104 42.73 -36.09 -10.74
CA ALA F 104 41.91 -34.87 -10.99
C ALA F 104 42.62 -33.81 -11.82
N ASP F 105 41.96 -33.31 -12.85
CA ASP F 105 42.54 -32.28 -13.73
C ASP F 105 42.48 -30.92 -13.00
N VAL F 106 43.57 -30.57 -12.34
CA VAL F 106 43.73 -29.35 -11.55
C VAL F 106 43.36 -28.04 -12.27
N ASN F 107 43.53 -27.97 -13.59
CA ASN F 107 43.10 -26.82 -14.41
C ASN F 107 41.75 -26.98 -15.17
N ALA F 108 40.92 -27.94 -14.80
CA ALA F 108 39.61 -28.16 -15.45
C ALA F 108 38.79 -26.85 -15.51
N LYS F 109 38.26 -26.53 -16.67
CA LYS F 109 37.38 -25.39 -16.82
C LYS F 109 35.93 -25.91 -16.99
N ASP F 110 34.94 -25.32 -16.28
CA ASP F 110 33.47 -25.58 -16.54
C ASP F 110 32.98 -24.79 -17.73
N ASP F 111 31.70 -24.85 -18.10
CA ASP F 111 31.25 -24.08 -19.31
C ASP F 111 31.50 -22.57 -19.17
N ASN F 112 31.73 -22.08 -17.94
CA ASN F 112 32.01 -20.67 -17.68
C ASN F 112 33.49 -20.31 -17.63
N GLY F 113 34.35 -21.30 -17.82
CA GLY F 113 35.81 -21.08 -17.76
C GLY F 113 36.30 -20.99 -16.33
N ILE F 114 35.52 -21.53 -15.40
CA ILE F 114 35.82 -21.43 -13.99
C ILE F 114 36.52 -22.73 -13.57
N THR F 115 37.60 -22.55 -12.78
CA THR F 115 38.54 -23.58 -12.39
C THR F 115 38.38 -23.79 -10.92
N PRO F 116 38.82 -24.96 -10.42
CA PRO F 116 38.81 -25.14 -8.96
C PRO F 116 39.53 -24.04 -8.15
N LEU F 117 40.59 -23.48 -8.71
CA LEU F 117 41.29 -22.40 -8.07
C LEU F 117 40.43 -21.11 -7.98
N HIS F 118 39.63 -20.81 -9.00
CA HIS F 118 38.72 -19.64 -8.93
C HIS F 118 37.80 -19.86 -7.76
N LEU F 119 37.28 -21.09 -7.65
CA LEU F 119 36.31 -21.41 -6.62
C LEU F 119 36.89 -21.39 -5.22
N ALA F 120 38.06 -21.96 -5.03
CA ALA F 120 38.66 -21.97 -3.69
C ALA F 120 39.04 -20.53 -3.30
N ALA F 121 39.59 -19.77 -4.24
CA ALA F 121 39.95 -18.39 -4.00
C ALA F 121 38.75 -17.56 -3.56
N ASN F 122 37.62 -17.75 -4.22
CA ASN F 122 36.46 -16.93 -3.96
C ASN F 122 35.89 -17.18 -2.55
N ARG F 123 35.96 -18.42 -2.06
CA ARG F 123 35.52 -18.72 -0.70
C ARG F 123 36.64 -18.55 0.34
N GLY F 124 37.82 -18.17 -0.11
CA GLY F 124 38.94 -17.98 0.79
C GLY F 124 39.39 -19.26 1.50
N HIS F 125 39.40 -20.39 0.81
CA HIS F 125 39.92 -21.64 1.31
C HIS F 125 41.43 -21.66 0.94
N LEU F 126 42.24 -21.11 1.85
CA LEU F 126 43.68 -20.83 1.59
C LEU F 126 44.52 -22.08 1.42
N GLU F 127 44.26 -23.08 2.28
CA GLU F 127 44.99 -24.33 2.19
C GLU F 127 44.71 -25.07 0.88
N ILE F 128 43.48 -24.97 0.35
CA ILE F 128 43.09 -25.69 -0.89
C ILE F 128 43.74 -25.03 -2.08
N VAL F 129 43.75 -23.71 -2.04
CA VAL F 129 44.54 -22.91 -2.97
C VAL F 129 46.02 -23.37 -3.02
N GLU F 130 46.64 -23.58 -1.87
CA GLU F 130 48.04 -24.05 -1.84
C GLU F 130 48.21 -25.43 -2.47
N VAL F 131 47.31 -26.33 -2.09
CA VAL F 131 47.35 -27.67 -2.64
C VAL F 131 47.17 -27.63 -4.16
N LEU F 132 46.19 -26.85 -4.60
CA LEU F 132 45.96 -26.71 -6.02
C LEU F 132 47.22 -26.19 -6.71
N LEU F 133 47.84 -25.18 -6.11
CA LEU F 133 49.07 -24.60 -6.65
C LEU F 133 50.24 -25.58 -6.67
N LYS F 134 50.39 -26.35 -5.60
CA LYS F 134 51.37 -27.45 -5.54
C LYS F 134 51.17 -28.48 -6.67
N TYR F 135 49.90 -28.70 -7.07
CA TYR F 135 49.60 -29.67 -8.14
C TYR F 135 49.62 -29.12 -9.54
N GLY F 136 50.05 -27.88 -9.68
CA GLY F 136 50.20 -27.26 -11.01
C GLY F 136 49.06 -26.34 -11.44
N ALA F 137 48.19 -25.94 -10.52
CA ALA F 137 47.14 -24.94 -10.84
C ALA F 137 47.71 -23.75 -11.60
N ASP F 138 47.16 -23.42 -12.77
CA ASP F 138 47.60 -22.26 -13.56
C ASP F 138 47.09 -21.01 -12.82
N VAL F 139 48.00 -20.34 -12.10
CA VAL F 139 47.67 -19.11 -11.35
C VAL F 139 47.03 -18.01 -12.28
N ASN F 140 47.35 -17.99 -13.58
CA ASN F 140 46.86 -16.95 -14.50
C ASN F 140 45.68 -17.30 -15.41
N ALA F 141 45.02 -18.42 -15.10
CA ALA F 141 43.86 -18.86 -15.87
C ALA F 141 42.70 -17.87 -15.62
N GLN F 142 42.13 -17.43 -16.74
CA GLN F 142 41.00 -16.54 -16.80
C GLN F 142 39.69 -17.31 -17.03
N ASP F 143 38.63 -16.85 -16.36
CA ASP F 143 37.28 -17.28 -16.71
C ASP F 143 36.77 -16.49 -17.93
N LYS F 144 35.55 -16.77 -18.36
CA LYS F 144 34.98 -16.10 -19.51
C LYS F 144 34.91 -14.57 -19.37
N PHE F 145 34.91 -14.05 -18.14
CA PHE F 145 35.00 -12.58 -17.93
C PHE F 145 36.43 -12.08 -17.82
N GLY F 146 37.42 -12.88 -18.20
CA GLY F 146 38.82 -12.46 -18.11
C GLY F 146 39.42 -12.39 -16.71
N LYS F 147 38.72 -12.89 -15.69
CA LYS F 147 39.13 -12.81 -14.29
C LYS F 147 39.98 -13.97 -13.83
N THR F 148 41.04 -13.64 -13.05
CA THR F 148 41.93 -14.62 -12.46
C THR F 148 41.70 -14.75 -10.98
N ALA F 149 42.31 -15.75 -10.41
CA ALA F 149 42.29 -15.88 -8.96
C ALA F 149 42.83 -14.64 -8.22
N PHE F 150 43.74 -13.92 -8.85
CA PHE F 150 44.26 -12.68 -8.28
C PHE F 150 43.18 -11.58 -8.21
N ASP F 151 42.54 -11.26 -9.34
CA ASP F 151 41.44 -10.29 -9.38
C ASP F 151 40.43 -10.61 -8.26
N ILE F 152 40.14 -11.89 -8.09
CA ILE F 152 39.23 -12.36 -7.03
C ILE F 152 39.70 -11.99 -5.65
N SER F 153 40.99 -12.16 -5.39
CA SER F 153 41.59 -11.79 -4.10
C SER F 153 41.47 -10.27 -3.84
N ILE F 154 41.71 -9.48 -4.87
CA ILE F 154 41.60 -8.03 -4.80
C ILE F 154 40.14 -7.59 -4.62
N ASN F 155 39.22 -8.18 -5.41
CA ASN F 155 37.81 -7.80 -5.32
C ASN F 155 37.21 -8.16 -3.96
N ASN F 156 37.61 -9.30 -3.41
CA ASN F 156 37.17 -9.72 -2.07
C ASN F 156 37.86 -9.04 -0.89
N GLY F 157 38.98 -8.35 -1.12
CA GLY F 157 39.77 -7.77 -0.01
C GLY F 157 40.51 -8.77 0.86
N ASN F 158 40.69 -9.99 0.35
CA ASN F 158 41.37 -11.07 1.08
C ASN F 158 42.85 -10.87 0.82
N GLU F 159 43.58 -10.42 1.84
CA GLU F 159 45.02 -10.06 1.75
C GLU F 159 45.95 -11.26 1.92
N ASP F 160 45.58 -12.19 2.78
CA ASP F 160 46.33 -13.44 2.94
C ASP F 160 46.36 -14.27 1.63
N LEU F 161 45.22 -14.32 0.93
CA LEU F 161 45.15 -14.92 -0.41
C LEU F 161 46.03 -14.15 -1.44
N ALA F 162 45.95 -12.82 -1.42
CA ALA F 162 46.73 -11.96 -2.34
C ALA F 162 48.23 -12.23 -2.25
N GLU F 163 48.72 -12.46 -1.03
CA GLU F 163 50.11 -12.89 -0.79
C GLU F 163 50.48 -14.18 -1.54
N ILE F 164 49.81 -15.28 -1.19
CA ILE F 164 50.03 -16.60 -1.79
C ILE F 164 50.02 -16.60 -3.32
N LEU F 165 49.24 -15.71 -3.94
CA LEU F 165 49.28 -15.51 -5.40
C LEU F 165 50.25 -14.36 -5.85
N GLN F 166 51.56 -14.56 -5.62
CA GLN F 166 52.70 -13.65 -6.02
C GLN F 166 52.36 -12.24 -6.55
N1 5QG G . 14.09 1.31 36.27
C1 5QG G . 13.46 1.77 35.38
C2 5QG G . 12.89 2.30 34.34
C7 5QG G . 13.64 2.39 33.16
N6 5QG G . 13.05 2.90 32.04
C5 5QG G . 11.77 3.34 31.95
N17 5QG G . 11.41 3.84 30.65
C22 5QG G . 12.43 4.40 29.76
C21 5QG G . 12.32 3.75 28.37
O20 5QG G . 11.00 3.76 27.81
C19 5QG G . 10.01 4.36 28.65
C18 5QG G . 10.05 3.85 30.09
C4 5QG G . 10.98 3.27 33.14
O8 5QG G . 8.78 3.05 34.18
C30 5QG G . 9.24 3.08 35.51
C6 5QG G . 10.72 2.64 35.62
C3 5QG G . 11.55 2.74 34.33
S8 5QG G . 15.29 1.91 33.03
C9 5QG G . 16.00 2.50 31.50
C10 5QG G . 15.86 1.44 30.42
C11 5QG G . 16.35 1.89 29.06
C16 5QG G . 17.46 1.33 28.47
C15 5QG G . 17.88 1.76 27.21
C14 5QG G . 17.18 2.75 26.51
C13 5QG G . 16.04 3.30 27.07
C12 5QG G . 15.64 2.85 28.35
C17 5QG G . 9.54 3.75 33.21
C20 5QG G . 8.31 2.09 36.23
C23 5QG G . 9.02 4.49 36.03
#